data_4RUV
# 
_entry.id   4RUV 
# 
_audit_conform.dict_name       mmcif_pdbx.dic 
_audit_conform.dict_version    5.379 
_audit_conform.dict_location   http://mmcif.pdb.org/dictionaries/ascii/mmcif_pdbx.dic 
# 
loop_
_database_2.database_id 
_database_2.database_code 
_database_2.pdbx_database_accession 
_database_2.pdbx_DOI 
PDB   4RUV         pdb_00004ruv 10.2210/pdb4ruv/pdb 
RCSB  RCSB087824   ?            ?                   
WWPDB D_1000087824 ?            ?                   
# 
_pdbx_database_status.entry_id                        4RUV 
_pdbx_database_status.deposit_site                    RCSB 
_pdbx_database_status.process_site                    RCSB 
_pdbx_database_status.recvd_initial_deposition_date   2014-11-22 
_pdbx_database_status.status_code                     REL 
_pdbx_database_status.status_code_sf                  REL 
_pdbx_database_status.status_code_mr                  ? 
_pdbx_database_status.SG_entry                        ? 
_pdbx_database_status.status_code_cs                  ? 
_pdbx_database_status.methods_development_category    ? 
_pdbx_database_status.pdb_format_compatible           Y 
_pdbx_database_status.status_code_nmr_data            ? 
# 
loop_
_audit_author.name 
_audit_author.pdbx_ordinal 
'Bose, M.'          1 
'Biswas, R.'        2 
'Roychowdhury, A.'  3 
'Bhattacharyya, S.' 4 
'Ghosh, A.K.'       5 
'Das, A.K.'         6 
# 
_citation.id                        primary 
_citation.title                     
;Elucidation of the mechanism of disulfide exchange between staphylococcal thioredoxin2 and thioredoxin reductase2: A structural insight.
;
_citation.journal_abbrev            Biochimie 
_citation.journal_volume            160 
_citation.page_first                1 
_citation.page_last                 13 
_citation.year                      2019 
_citation.journal_id_ASTM           BICMBE 
_citation.country                   FR 
_citation.journal_id_ISSN           0300-9084 
_citation.journal_id_CSD            0466 
_citation.book_publisher            ? 
_citation.pdbx_database_id_PubMed   30710560 
_citation.pdbx_database_id_DOI      10.1016/j.biochi.2019.01.019 
# 
loop_
_citation_author.citation_id 
_citation_author.name 
_citation_author.ordinal 
_citation_author.identifier_ORCID 
primary 'Bose, M.'          1 ? 
primary 'Bhattacharyya, S.' 2 ? 
primary 'Biswas, R.'        3 ? 
primary 'Roychowdhury, A.'  4 ? 
primary 'Bhattacharjee, A.' 5 ? 
primary 'Ghosh, A.K.'       6 ? 
primary 'Das, A.K.'         7 ? 
# 
_cell.entry_id           4RUV 
_cell.length_a           31.376 
_cell.length_b           31.376 
_cell.length_c           94.804 
_cell.angle_alpha        90.00 
_cell.angle_beta         90.00 
_cell.angle_gamma        90.00 
_cell.Z_PDB              4 
_cell.pdbx_unique_axis   ? 
_cell.length_a_esd       ? 
_cell.length_b_esd       ? 
_cell.length_c_esd       ? 
_cell.angle_alpha_esd    ? 
_cell.angle_beta_esd     ? 
_cell.angle_gamma_esd    ? 
# 
_symmetry.entry_id                         4RUV 
_symmetry.space_group_name_H-M             'P 41' 
_symmetry.pdbx_full_space_group_name_H-M   ? 
_symmetry.cell_setting                     ? 
_symmetry.Int_Tables_number                76 
_symmetry.space_group_name_Hall            ? 
# 
loop_
_entity.id 
_entity.type 
_entity.src_method 
_entity.pdbx_description 
_entity.formula_weight 
_entity.pdbx_number_of_molecules 
_entity.pdbx_ec 
_entity.pdbx_mutation 
_entity.pdbx_fragment 
_entity.details 
1 polymer man Thioredoxin 13124.634 1  ? ? ? ? 
2 water   nat water       18.015    62 ? ? ? ? 
# 
_entity_poly.entity_id                      1 
_entity_poly.type                           'polypeptide(L)' 
_entity_poly.nstd_linkage                   no 
_entity_poly.nstd_monomer                   no 
_entity_poly.pdbx_seq_one_letter_code       
;HHHHHHGSMQSIKSNESFKSVINSDTPVIVKFEAGWCPDCRAMDLWIDPIVEQYNDYQWYTVNRDELEDVVVENEVMGIP
SLLVFKNGDKIAHLHSANAKSPEQVESFLAETFK
;
_entity_poly.pdbx_seq_one_letter_code_can   
;HHHHHHGSMQSIKSNESFKSVINSDTPVIVKFEAGWCPDCRAMDLWIDPIVEQYNDYQWYTVNRDELEDVVVENEVMGIP
SLLVFKNGDKIAHLHSANAKSPEQVESFLAETFK
;
_entity_poly.pdbx_strand_id                 A 
_entity_poly.pdbx_target_identifier         ? 
# 
loop_
_entity_poly_seq.entity_id 
_entity_poly_seq.num 
_entity_poly_seq.mon_id 
_entity_poly_seq.hetero 
1 1   HIS n 
1 2   HIS n 
1 3   HIS n 
1 4   HIS n 
1 5   HIS n 
1 6   HIS n 
1 7   GLY n 
1 8   SER n 
1 9   MET n 
1 10  GLN n 
1 11  SER n 
1 12  ILE n 
1 13  LYS n 
1 14  SER n 
1 15  ASN n 
1 16  GLU n 
1 17  SER n 
1 18  PHE n 
1 19  LYS n 
1 20  SER n 
1 21  VAL n 
1 22  ILE n 
1 23  ASN n 
1 24  SER n 
1 25  ASP n 
1 26  THR n 
1 27  PRO n 
1 28  VAL n 
1 29  ILE n 
1 30  VAL n 
1 31  LYS n 
1 32  PHE n 
1 33  GLU n 
1 34  ALA n 
1 35  GLY n 
1 36  TRP n 
1 37  CYS n 
1 38  PRO n 
1 39  ASP n 
1 40  CYS n 
1 41  ARG n 
1 42  ALA n 
1 43  MET n 
1 44  ASP n 
1 45  LEU n 
1 46  TRP n 
1 47  ILE n 
1 48  ASP n 
1 49  PRO n 
1 50  ILE n 
1 51  VAL n 
1 52  GLU n 
1 53  GLN n 
1 54  TYR n 
1 55  ASN n 
1 56  ASP n 
1 57  TYR n 
1 58  GLN n 
1 59  TRP n 
1 60  TYR n 
1 61  THR n 
1 62  VAL n 
1 63  ASN n 
1 64  ARG n 
1 65  ASP n 
1 66  GLU n 
1 67  LEU n 
1 68  GLU n 
1 69  ASP n 
1 70  VAL n 
1 71  VAL n 
1 72  VAL n 
1 73  GLU n 
1 74  ASN n 
1 75  GLU n 
1 76  VAL n 
1 77  MET n 
1 78  GLY n 
1 79  ILE n 
1 80  PRO n 
1 81  SER n 
1 82  LEU n 
1 83  LEU n 
1 84  VAL n 
1 85  PHE n 
1 86  LYS n 
1 87  ASN n 
1 88  GLY n 
1 89  ASP n 
1 90  LYS n 
1 91  ILE n 
1 92  ALA n 
1 93  HIS n 
1 94  LEU n 
1 95  HIS n 
1 96  SER n 
1 97  ALA n 
1 98  ASN n 
1 99  ALA n 
1 100 LYS n 
1 101 SER n 
1 102 PRO n 
1 103 GLU n 
1 104 GLN n 
1 105 VAL n 
1 106 GLU n 
1 107 SER n 
1 108 PHE n 
1 109 LEU n 
1 110 ALA n 
1 111 GLU n 
1 112 THR n 
1 113 PHE n 
1 114 LYS n 
# 
_entity_src_gen.entity_id                          1 
_entity_src_gen.pdbx_src_id                        1 
_entity_src_gen.pdbx_alt_source_flag               sample 
_entity_src_gen.pdbx_seq_type                      ? 
_entity_src_gen.pdbx_beg_seq_num                   ? 
_entity_src_gen.pdbx_end_seq_num                   ? 
_entity_src_gen.gene_src_common_name               ? 
_entity_src_gen.gene_src_genus                     ? 
_entity_src_gen.pdbx_gene_src_gene                 SAOUHSC_00834 
_entity_src_gen.gene_src_species                   ? 
_entity_src_gen.gene_src_strain                    NCTC8325 
_entity_src_gen.gene_src_tissue                    ? 
_entity_src_gen.gene_src_tissue_fraction           ? 
_entity_src_gen.gene_src_details                   ? 
_entity_src_gen.pdbx_gene_src_fragment             ? 
_entity_src_gen.pdbx_gene_src_scientific_name      'Staphylococcus aureus subsp. aureus NCTC 8325' 
_entity_src_gen.pdbx_gene_src_ncbi_taxonomy_id     93061 
_entity_src_gen.pdbx_gene_src_variant              ? 
_entity_src_gen.pdbx_gene_src_cell_line            ? 
_entity_src_gen.pdbx_gene_src_atcc                 ? 
_entity_src_gen.pdbx_gene_src_organ                ? 
_entity_src_gen.pdbx_gene_src_organelle            ? 
_entity_src_gen.pdbx_gene_src_cell                 ? 
_entity_src_gen.pdbx_gene_src_cellular_location    ? 
_entity_src_gen.host_org_common_name               ? 
_entity_src_gen.pdbx_host_org_scientific_name      'Escherichia coli' 
_entity_src_gen.pdbx_host_org_ncbi_taxonomy_id     562 
_entity_src_gen.host_org_genus                     ? 
_entity_src_gen.pdbx_host_org_gene                 ? 
_entity_src_gen.pdbx_host_org_organ                ? 
_entity_src_gen.host_org_species                   ? 
_entity_src_gen.pdbx_host_org_tissue               ? 
_entity_src_gen.pdbx_host_org_tissue_fraction      ? 
_entity_src_gen.pdbx_host_org_strain               SG13009 
_entity_src_gen.pdbx_host_org_variant              ? 
_entity_src_gen.pdbx_host_org_cell_line            ? 
_entity_src_gen.pdbx_host_org_atcc                 ? 
_entity_src_gen.pdbx_host_org_culture_collection   ? 
_entity_src_gen.pdbx_host_org_cell                 ? 
_entity_src_gen.pdbx_host_org_organelle            ? 
_entity_src_gen.pdbx_host_org_cellular_location    ? 
_entity_src_gen.pdbx_host_org_vector_type          plasmid 
_entity_src_gen.pdbx_host_org_vector               ? 
_entity_src_gen.host_org_details                   ? 
_entity_src_gen.expression_system_id               ? 
_entity_src_gen.plasmid_name                       pQE30 
_entity_src_gen.plasmid_details                    ? 
_entity_src_gen.pdbx_description                   ? 
# 
_struct_ref.id                         1 
_struct_ref.db_name                    UNP 
_struct_ref.db_code                    Q2G000_STAA8 
_struct_ref.pdbx_db_accession          Q2G000 
_struct_ref.entity_id                  1 
_struct_ref.pdbx_seq_one_letter_code   
;MQSIKSNESFKSVINSDTPVIVKFEAGWCPDCRAMDLWIDPIVEQYNDYQWYTVNRDELEDVVVENEVMGIPSLLVFKNG
DKIAHLHSANAKSPEQVESFLAETFK
;
_struct_ref.pdbx_align_begin           1 
_struct_ref.pdbx_db_isoform            ? 
# 
_struct_ref_seq.align_id                      1 
_struct_ref_seq.ref_id                        1 
_struct_ref_seq.pdbx_PDB_id_code              4RUV 
_struct_ref_seq.pdbx_strand_id                A 
_struct_ref_seq.seq_align_beg                 9 
_struct_ref_seq.pdbx_seq_align_beg_ins_code   ? 
_struct_ref_seq.seq_align_end                 114 
_struct_ref_seq.pdbx_seq_align_end_ins_code   ? 
_struct_ref_seq.pdbx_db_accession             Q2G000 
_struct_ref_seq.db_align_beg                  1 
_struct_ref_seq.pdbx_db_align_beg_ins_code    ? 
_struct_ref_seq.db_align_end                  106 
_struct_ref_seq.pdbx_db_align_end_ins_code    ? 
_struct_ref_seq.pdbx_auth_seq_align_beg       1 
_struct_ref_seq.pdbx_auth_seq_align_end       106 
# 
loop_
_struct_ref_seq_dif.align_id 
_struct_ref_seq_dif.pdbx_pdb_id_code 
_struct_ref_seq_dif.mon_id 
_struct_ref_seq_dif.pdbx_pdb_strand_id 
_struct_ref_seq_dif.seq_num 
_struct_ref_seq_dif.pdbx_pdb_ins_code 
_struct_ref_seq_dif.pdbx_seq_db_name 
_struct_ref_seq_dif.pdbx_seq_db_accession_code 
_struct_ref_seq_dif.db_mon_id 
_struct_ref_seq_dif.pdbx_seq_db_seq_num 
_struct_ref_seq_dif.details 
_struct_ref_seq_dif.pdbx_auth_seq_num 
_struct_ref_seq_dif.pdbx_ordinal 
1 4RUV HIS A 1 ? UNP Q2G000 ? ? 'expression tag' -7 1 
1 4RUV HIS A 2 ? UNP Q2G000 ? ? 'expression tag' -6 2 
1 4RUV HIS A 3 ? UNP Q2G000 ? ? 'expression tag' -5 3 
1 4RUV HIS A 4 ? UNP Q2G000 ? ? 'expression tag' -4 4 
1 4RUV HIS A 5 ? UNP Q2G000 ? ? 'expression tag' -3 5 
1 4RUV HIS A 6 ? UNP Q2G000 ? ? 'expression tag' -2 6 
1 4RUV GLY A 7 ? UNP Q2G000 ? ? 'expression tag' -1 7 
1 4RUV SER A 8 ? UNP Q2G000 ? ? 'expression tag' 0  8 
# 
loop_
_chem_comp.id 
_chem_comp.type 
_chem_comp.mon_nstd_flag 
_chem_comp.name 
_chem_comp.pdbx_synonyms 
_chem_comp.formula 
_chem_comp.formula_weight 
ALA 'L-peptide linking' y ALANINE         ? 'C3 H7 N O2'     89.093  
ARG 'L-peptide linking' y ARGININE        ? 'C6 H15 N4 O2 1' 175.209 
ASN 'L-peptide linking' y ASPARAGINE      ? 'C4 H8 N2 O3'    132.118 
ASP 'L-peptide linking' y 'ASPARTIC ACID' ? 'C4 H7 N O4'     133.103 
CYS 'L-peptide linking' y CYSTEINE        ? 'C3 H7 N O2 S'   121.158 
GLN 'L-peptide linking' y GLUTAMINE       ? 'C5 H10 N2 O3'   146.144 
GLU 'L-peptide linking' y 'GLUTAMIC ACID' ? 'C5 H9 N O4'     147.129 
GLY 'peptide linking'   y GLYCINE         ? 'C2 H5 N O2'     75.067  
HIS 'L-peptide linking' y HISTIDINE       ? 'C6 H10 N3 O2 1' 156.162 
HOH non-polymer         . WATER           ? 'H2 O'           18.015  
ILE 'L-peptide linking' y ISOLEUCINE      ? 'C6 H13 N O2'    131.173 
LEU 'L-peptide linking' y LEUCINE         ? 'C6 H13 N O2'    131.173 
LYS 'L-peptide linking' y LYSINE          ? 'C6 H15 N2 O2 1' 147.195 
MET 'L-peptide linking' y METHIONINE      ? 'C5 H11 N O2 S'  149.211 
PHE 'L-peptide linking' y PHENYLALANINE   ? 'C9 H11 N O2'    165.189 
PRO 'L-peptide linking' y PROLINE         ? 'C5 H9 N O2'     115.130 
SER 'L-peptide linking' y SERINE          ? 'C3 H7 N O3'     105.093 
THR 'L-peptide linking' y THREONINE       ? 'C4 H9 N O3'     119.119 
TRP 'L-peptide linking' y TRYPTOPHAN      ? 'C11 H12 N2 O2'  204.225 
TYR 'L-peptide linking' y TYROSINE        ? 'C9 H11 N O3'    181.189 
VAL 'L-peptide linking' y VALINE          ? 'C5 H11 N O2'    117.146 
# 
_exptl.entry_id          4RUV 
_exptl.method            'X-RAY DIFFRACTION' 
_exptl.crystals_number   1 
# 
_exptl_crystal.id                    1 
_exptl_crystal.density_meas          ? 
_exptl_crystal.density_Matthews      1.78 
_exptl_crystal.density_percent_sol   30.81 
_exptl_crystal.description           ? 
_exptl_crystal.F_000                 ? 
_exptl_crystal.preparation           ? 
# 
_exptl_crystal_grow.crystal_id      1 
_exptl_crystal_grow.method          'VAPOR DIFFUSION, SITTING DROP' 
_exptl_crystal_grow.temp            298 
_exptl_crystal_grow.temp_details    ? 
_exptl_crystal_grow.pH              7.5 
_exptl_crystal_grow.pdbx_pH_range   ? 
_exptl_crystal_grow.pdbx_details    
'0.1 M Na-HEPES pH 7.5, 1.4 M sodium citrate tribasic dihydrate , VAPOR DIFFUSION, SITTING DROP, temperature 298K' 
# 
_diffrn.id                     1 
_diffrn.ambient_temp           100 
_diffrn.ambient_temp_details   ? 
_diffrn.crystal_id             1 
# 
_diffrn_detector.diffrn_id              1 
_diffrn_detector.detector               'IMAGE PLATE' 
_diffrn_detector.type                   'RIGAKU RAXIS IV++' 
_diffrn_detector.pdbx_collection_date   2014-09-15 
_diffrn_detector.details                varimax 
# 
_diffrn_radiation.diffrn_id                        1 
_diffrn_radiation.wavelength_id                    1 
_diffrn_radiation.pdbx_monochromatic_or_laue_m_l   M 
_diffrn_radiation.monochromator                    'osmic mirror' 
_diffrn_radiation.pdbx_diffrn_protocol             'SINGLE WAVELENGTH' 
_diffrn_radiation.pdbx_scattering_type             x-ray 
# 
_diffrn_radiation_wavelength.id           1 
_diffrn_radiation_wavelength.wavelength   1.5418 
_diffrn_radiation_wavelength.wt           1.0 
# 
_diffrn_source.diffrn_id                   1 
_diffrn_source.source                      'ROTATING ANODE' 
_diffrn_source.type                        'RIGAKU MICROMAX-007 HF' 
_diffrn_source.pdbx_synchrotron_site       ? 
_diffrn_source.pdbx_synchrotron_beamline   ? 
_diffrn_source.pdbx_wavelength             ? 
_diffrn_source.pdbx_wavelength_list        1.5418 
# 
_reflns.pdbx_diffrn_id               1 
_reflns.pdbx_ordinal                 1 
_reflns.entry_id                     4RUV 
_reflns.observed_criterion_sigma_I   ? 
_reflns.observed_criterion_sigma_F   ? 
_reflns.d_resolution_low             18.92 
_reflns.d_resolution_high            1.926 
_reflns.number_obs                   6850 
_reflns.number_all                   6850 
_reflns.percent_possible_obs         98.200 
_reflns.pdbx_Rmerge_I_obs            ? 
_reflns.pdbx_Rsym_value              0.115 
_reflns.pdbx_netI_over_sigmaI        6.200 
_reflns.B_iso_Wilson_estimate        ? 
_reflns.pdbx_redundancy              3.500 
_reflns.R_free_details               ? 
_reflns.limit_h_max                  ? 
_reflns.limit_h_min                  ? 
_reflns.limit_k_max                  ? 
_reflns.limit_k_min                  ? 
_reflns.limit_l_max                  ? 
_reflns.limit_l_min                  ? 
_reflns.observed_criterion_F_max     ? 
_reflns.observed_criterion_F_min     ? 
_reflns.pdbx_chi_squared             ? 
_reflns.pdbx_scaling_rejects         ? 
# 
loop_
_reflns_shell.pdbx_diffrn_id 
_reflns_shell.pdbx_ordinal 
_reflns_shell.d_res_high 
_reflns_shell.d_res_low 
_reflns_shell.percent_possible_all 
_reflns_shell.Rmerge_I_obs 
_reflns_shell.pdbx_Rsym_value 
_reflns_shell.meanI_over_sigI_obs 
_reflns_shell.pdbx_redundancy 
_reflns_shell.percent_possible_obs 
_reflns_shell.number_unique_all 
_reflns_shell.number_measured_all 
_reflns_shell.number_measured_obs 
_reflns_shell.number_unique_obs 
_reflns_shell.pdbx_chi_squared 
1 1  1.930 2.030  89.100  0.286 0.286 2.500  2.800 ? ? ? ? ? ? 
1 2  2.030 2.150  99.800  0.241 0.241 2.800  3.500 ? ? ? ? ? ? 
1 3  2.150 2.300  99.900  0.209 0.209 3.100  3.600 ? ? ? ? ? ? 
1 4  2.300 2.490  99.900  0.182 0.182 3.700  3.600 ? ? ? ? ? ? 
1 5  2.490 2.720  100.000 0.149 0.149 4.000  3.600 ? ? ? ? ? ? 
1 6  2.720 3.050  100.000 0.145 0.145 4.200  3.600 ? ? ? ? ? ? 
1 7  3.050 3.520  100.000 0.099 0.099 6.200  3.700 ? ? ? ? ? ? 
1 8  3.520 4.310  100.000 0.093 0.093 6.000  3.700 ? ? ? ? ? ? 
1 9  4.310 6.090  100.000 0.069 0.069 6.800  3.700 ? ? ? ? ? ? 
1 10 6.090 18.961 96.700  0.052 0.052 10.100 3.500 ? ? ? ? ? ? 
# 
_refine.pdbx_refine_id                           'X-RAY DIFFRACTION' 
_refine.entry_id                                 4RUV 
_refine.pdbx_diffrn_id                           1 
_refine.pdbx_TLS_residual_ADP_flag               ? 
_refine.ls_number_reflns_obs                     6500 
_refine.ls_number_reflns_all                     ? 
_refine.pdbx_ls_sigma_I                          ? 
_refine.pdbx_ls_sigma_F                          . 
_refine.pdbx_data_cutoff_high_absF               ? 
_refine.pdbx_data_cutoff_low_absF                ? 
_refine.pdbx_data_cutoff_high_rms_absF           ? 
_refine.ls_d_res_low                             18.92 
_refine.ls_d_res_high                            1.93 
_refine.ls_percent_reflns_obs                    98.14 
_refine.ls_R_factor_obs                          0.17297 
_refine.ls_R_factor_all                          ? 
_refine.ls_R_factor_R_work                       0.16971 
_refine.ls_R_factor_R_free                       0.23936 
_refine.ls_R_factor_R_free_error                 ? 
_refine.ls_R_factor_R_free_error_details         ? 
_refine.ls_percent_reflns_R_free                 4.7 
_refine.ls_number_reflns_R_free                  323 
_refine.ls_number_parameters                     ? 
_refine.ls_number_restraints                     ? 
_refine.occupancy_min                            ? 
_refine.occupancy_max                            ? 
_refine.correlation_coeff_Fo_to_Fc               0.954 
_refine.correlation_coeff_Fo_to_Fc_free          0.919 
_refine.B_iso_mean                               18.157 
_refine.aniso_B[1][1]                            -0.26 
_refine.aniso_B[2][2]                            -0.26 
_refine.aniso_B[3][3]                            0.53 
_refine.aniso_B[1][2]                            0.00 
_refine.aniso_B[1][3]                            -0.00 
_refine.aniso_B[2][3]                            -0.00 
_refine.solvent_model_details                    MASK 
_refine.solvent_model_param_ksol                 ? 
_refine.solvent_model_param_bsol                 ? 
_refine.pdbx_solvent_vdw_probe_radii             1.20 
_refine.pdbx_solvent_ion_probe_radii             0.80 
_refine.pdbx_solvent_shrinkage_radii             0.80 
_refine.pdbx_ls_cross_valid_method               THROUGHOUT 
_refine.details                                  'HYDROGENS HAVE BEEN ADDED IN THE RIDING POSITIONS' 
_refine.pdbx_starting_model                      'PDB ENTRY 2FA4' 
_refine.pdbx_method_to_determine_struct          'MOLECULAR REPLACEMENT' 
_refine.pdbx_isotropic_thermal_model             ? 
_refine.pdbx_stereochemistry_target_values       'MAXIMUM LIKELIHOOD' 
_refine.pdbx_stereochem_target_val_spec_case     ? 
_refine.pdbx_R_Free_selection_details            RANDOM 
_refine.pdbx_overall_ESU_R                       0.185 
_refine.pdbx_overall_ESU_R_Free                  0.175 
_refine.overall_SU_ML                            0.122 
_refine.pdbx_overall_phase_error                 ? 
_refine.overall_SU_B                             4.138 
_refine.overall_SU_R_Cruickshank_DPI             0.1806 
_refine.pdbx_overall_SU_R_free_Cruickshank_DPI   ? 
_refine.pdbx_overall_SU_R_Blow_DPI               ? 
_refine.pdbx_overall_SU_R_free_Blow_DPI          ? 
_refine.ls_redundancy_reflns_obs                 ? 
_refine.B_iso_min                                ? 
_refine.B_iso_max                                ? 
_refine.overall_SU_R_free                        ? 
_refine.ls_wR_factor_R_free                      ? 
_refine.ls_wR_factor_R_work                      ? 
_refine.overall_FOM_free_R_set                   ? 
_refine.overall_FOM_work_R_set                   ? 
# 
_refine_hist.pdbx_refine_id                   'X-RAY DIFFRACTION' 
_refine_hist.cycle_id                         LAST 
_refine_hist.pdbx_number_atoms_protein        829 
_refine_hist.pdbx_number_atoms_nucleic_acid   0 
_refine_hist.pdbx_number_atoms_ligand         0 
_refine_hist.number_atoms_solvent             62 
_refine_hist.number_atoms_total               891 
_refine_hist.d_res_high                       1.93 
_refine_hist.d_res_low                        18.92 
# 
loop_
_refine_ls_restr.type 
_refine_ls_restr.dev_ideal 
_refine_ls_restr.dev_ideal_target 
_refine_ls_restr.weight 
_refine_ls_restr.number 
_refine_ls_restr.pdbx_refine_id 
_refine_ls_restr.pdbx_restraint_function 
r_bond_refined_d             0.018  0.019  ? 855  'X-RAY DIFFRACTION' ? 
r_bond_other_d               0.001  0.020  ? 783  'X-RAY DIFFRACTION' ? 
r_angle_refined_deg          1.937  1.937  ? 1166 'X-RAY DIFFRACTION' ? 
r_angle_other_deg            1.013  3.000  ? 1809 'X-RAY DIFFRACTION' ? 
r_dihedral_angle_1_deg       5.927  5.000  ? 107  'X-RAY DIFFRACTION' ? 
r_dihedral_angle_2_deg       37.306 26.154 ? 39   'X-RAY DIFFRACTION' ? 
r_dihedral_angle_3_deg       15.859 15.000 ? 140  'X-RAY DIFFRACTION' ? 
r_dihedral_angle_4_deg       3.168  15.000 ? 1    'X-RAY DIFFRACTION' ? 
r_chiral_restr               0.162  0.200  ? 131  'X-RAY DIFFRACTION' ? 
r_gen_planes_refined         0.008  0.021  ? 971  'X-RAY DIFFRACTION' ? 
r_gen_planes_other           0.001  0.020  ? 186  'X-RAY DIFFRACTION' ? 
r_nbd_refined                ?      ?      ? ?    'X-RAY DIFFRACTION' ? 
r_nbd_other                  ?      ?      ? ?    'X-RAY DIFFRACTION' ? 
r_nbtor_refined              ?      ?      ? ?    'X-RAY DIFFRACTION' ? 
r_nbtor_other                ?      ?      ? ?    'X-RAY DIFFRACTION' ? 
r_xyhbond_nbd_refined        ?      ?      ? ?    'X-RAY DIFFRACTION' ? 
r_xyhbond_nbd_other          ?      ?      ? ?    'X-RAY DIFFRACTION' ? 
r_metal_ion_refined          ?      ?      ? ?    'X-RAY DIFFRACTION' ? 
r_metal_ion_other            ?      ?      ? ?    'X-RAY DIFFRACTION' ? 
r_symmetry_vdw_refined       ?      ?      ? ?    'X-RAY DIFFRACTION' ? 
r_symmetry_vdw_other         ?      ?      ? ?    'X-RAY DIFFRACTION' ? 
r_symmetry_hbond_refined     ?      ?      ? ?    'X-RAY DIFFRACTION' ? 
r_symmetry_hbond_other       ?      ?      ? ?    'X-RAY DIFFRACTION' ? 
r_symmetry_metal_ion_refined ?      ?      ? ?    'X-RAY DIFFRACTION' ? 
r_symmetry_metal_ion_other   ?      ?      ? ?    'X-RAY DIFFRACTION' ? 
r_mcbond_it                  ?      ?      ? ?    'X-RAY DIFFRACTION' ? 
r_mcbond_other               ?      ?      ? ?    'X-RAY DIFFRACTION' ? 
r_mcangle_it                 ?      ?      ? ?    'X-RAY DIFFRACTION' ? 
r_mcangle_other              ?      ?      ? ?    'X-RAY DIFFRACTION' ? 
r_scbond_it                  ?      ?      ? ?    'X-RAY DIFFRACTION' ? 
r_scbond_other               ?      ?      ? ?    'X-RAY DIFFRACTION' ? 
r_scangle_it                 ?      ?      ? ?    'X-RAY DIFFRACTION' ? 
r_scangle_other              ?      ?      ? ?    'X-RAY DIFFRACTION' ? 
r_long_range_B_refined       ?      ?      ? ?    'X-RAY DIFFRACTION' ? 
r_long_range_B_other         ?      ?      ? ?    'X-RAY DIFFRACTION' ? 
r_rigid_bond_restr           ?      ?      ? ?    'X-RAY DIFFRACTION' ? 
r_sphericity_free            ?      ?      ? ?    'X-RAY DIFFRACTION' ? 
r_sphericity_bonded          ?      ?      ? ?    'X-RAY DIFFRACTION' ? 
# 
_refine_ls_shell.pdbx_refine_id                   'X-RAY DIFFRACTION' 
_refine_ls_shell.pdbx_total_number_of_bins_used   20 
_refine_ls_shell.d_res_high                       1.926 
_refine_ls_shell.d_res_low                        1.976 
_refine_ls_shell.number_reflns_R_work             370 
_refine_ls_shell.R_factor_R_work                  0.231 
_refine_ls_shell.percent_reflns_obs               77.08 
_refine_ls_shell.R_factor_R_free                  0.335 
_refine_ls_shell.R_factor_R_free_error            ? 
_refine_ls_shell.percent_reflns_R_free            ? 
_refine_ls_shell.number_reflns_R_free             20 
_refine_ls_shell.number_reflns_all                ? 
_refine_ls_shell.R_factor_all                     ? 
_refine_ls_shell.redundancy_reflns_obs            ? 
_refine_ls_shell.number_reflns_obs                ? 
# 
_struct.entry_id                  4RUV 
_struct.title                     'Crystal structure of thioredoxin 2 from Staphylococcus aureus NCTC8325' 
_struct.pdbx_model_details        ? 
_struct.pdbx_CASP_flag            ? 
_struct.pdbx_model_type_details   ? 
# 
_struct_keywords.entry_id        4RUV 
_struct_keywords.pdbx_keywords   OXIDOREDUCTASE 
_struct_keywords.text            'oxidoreductase, electron transport' 
# 
loop_
_struct_asym.id 
_struct_asym.pdbx_blank_PDB_chainid_flag 
_struct_asym.pdbx_modified 
_struct_asym.entity_id 
_struct_asym.details 
A N N 1 ? 
B N N 2 ? 
# 
_struct_biol.id        1 
_struct_biol.details   ? 
# 
loop_
_struct_conf.conf_type_id 
_struct_conf.id 
_struct_conf.pdbx_PDB_helix_id 
_struct_conf.beg_label_comp_id 
_struct_conf.beg_label_asym_id 
_struct_conf.beg_label_seq_id 
_struct_conf.pdbx_beg_PDB_ins_code 
_struct_conf.end_label_comp_id 
_struct_conf.end_label_asym_id 
_struct_conf.end_label_seq_id 
_struct_conf.pdbx_end_PDB_ins_code 
_struct_conf.beg_auth_comp_id 
_struct_conf.beg_auth_asym_id 
_struct_conf.beg_auth_seq_id 
_struct_conf.end_auth_comp_id 
_struct_conf.end_auth_asym_id 
_struct_conf.end_auth_seq_id 
_struct_conf.pdbx_PDB_helix_class 
_struct_conf.details 
_struct_conf.pdbx_PDB_helix_length 
HELX_P HELX_P1 1 SER A 14  ? ASN A 23  ? SER A 6  ASN A 15  1 ? 10 
HELX_P HELX_P2 2 CYS A 37  ? ILE A 47  ? CYS A 29 ILE A 39  1 ? 11 
HELX_P HELX_P3 3 ILE A 47  ? TYR A 54  ? ILE A 39 TYR A 46  1 ? 8  
HELX_P HELX_P4 4 LEU A 67  ? ASN A 74  ? LEU A 59 ASN A 66  1 ? 8  
HELX_P HELX_P5 5 HIS A 95  ? ALA A 99  ? HIS A 87 ALA A 91  5 ? 5  
HELX_P HELX_P6 6 SER A 101 ? LYS A 114 ? SER A 93 LYS A 106 1 ? 14 
# 
_struct_conf_type.id          HELX_P 
_struct_conf_type.criteria    ? 
_struct_conf_type.reference   ? 
# 
_struct_mon_prot_cis.pdbx_id                1 
_struct_mon_prot_cis.label_comp_id          ILE 
_struct_mon_prot_cis.label_seq_id           79 
_struct_mon_prot_cis.label_asym_id          A 
_struct_mon_prot_cis.label_alt_id           . 
_struct_mon_prot_cis.pdbx_PDB_ins_code      ? 
_struct_mon_prot_cis.auth_comp_id           ILE 
_struct_mon_prot_cis.auth_seq_id            71 
_struct_mon_prot_cis.auth_asym_id           A 
_struct_mon_prot_cis.pdbx_label_comp_id_2   PRO 
_struct_mon_prot_cis.pdbx_label_seq_id_2    80 
_struct_mon_prot_cis.pdbx_label_asym_id_2   A 
_struct_mon_prot_cis.pdbx_PDB_ins_code_2    ? 
_struct_mon_prot_cis.pdbx_auth_comp_id_2    PRO 
_struct_mon_prot_cis.pdbx_auth_seq_id_2     72 
_struct_mon_prot_cis.pdbx_auth_asym_id_2    A 
_struct_mon_prot_cis.pdbx_PDB_model_num     1 
_struct_mon_prot_cis.pdbx_omega_angle       -4.12 
# 
_struct_sheet.id               A 
_struct_sheet.type             ? 
_struct_sheet.number_strands   5 
_struct_sheet.details          ? 
# 
loop_
_struct_sheet_order.sheet_id 
_struct_sheet_order.range_id_1 
_struct_sheet_order.range_id_2 
_struct_sheet_order.offset 
_struct_sheet_order.sense 
A 1 2 ? parallel      
A 2 3 ? parallel      
A 3 4 ? anti-parallel 
A 4 5 ? anti-parallel 
# 
loop_
_struct_sheet_range.sheet_id 
_struct_sheet_range.id 
_struct_sheet_range.beg_label_comp_id 
_struct_sheet_range.beg_label_asym_id 
_struct_sheet_range.beg_label_seq_id 
_struct_sheet_range.pdbx_beg_PDB_ins_code 
_struct_sheet_range.end_label_comp_id 
_struct_sheet_range.end_label_asym_id 
_struct_sheet_range.end_label_seq_id 
_struct_sheet_range.pdbx_end_PDB_ins_code 
_struct_sheet_range.beg_auth_comp_id 
_struct_sheet_range.beg_auth_asym_id 
_struct_sheet_range.beg_auth_seq_id 
_struct_sheet_range.end_auth_comp_id 
_struct_sheet_range.end_auth_asym_id 
_struct_sheet_range.end_auth_seq_id 
A 1 GLN A 10 ? SER A 11 ? GLN A 2  SER A 3  
A 2 GLN A 58 ? ASN A 63 ? GLN A 50 ASN A 55 
A 3 VAL A 28 ? GLU A 33 ? VAL A 20 GLU A 25 
A 4 SER A 81 ? LYS A 86 ? SER A 73 LYS A 78 
A 5 ASP A 89 ? LEU A 94 ? ASP A 81 LEU A 86 
# 
loop_
_pdbx_struct_sheet_hbond.sheet_id 
_pdbx_struct_sheet_hbond.range_id_1 
_pdbx_struct_sheet_hbond.range_id_2 
_pdbx_struct_sheet_hbond.range_1_label_atom_id 
_pdbx_struct_sheet_hbond.range_1_label_comp_id 
_pdbx_struct_sheet_hbond.range_1_label_asym_id 
_pdbx_struct_sheet_hbond.range_1_label_seq_id 
_pdbx_struct_sheet_hbond.range_1_PDB_ins_code 
_pdbx_struct_sheet_hbond.range_1_auth_atom_id 
_pdbx_struct_sheet_hbond.range_1_auth_comp_id 
_pdbx_struct_sheet_hbond.range_1_auth_asym_id 
_pdbx_struct_sheet_hbond.range_1_auth_seq_id 
_pdbx_struct_sheet_hbond.range_2_label_atom_id 
_pdbx_struct_sheet_hbond.range_2_label_comp_id 
_pdbx_struct_sheet_hbond.range_2_label_asym_id 
_pdbx_struct_sheet_hbond.range_2_label_seq_id 
_pdbx_struct_sheet_hbond.range_2_PDB_ins_code 
_pdbx_struct_sheet_hbond.range_2_auth_atom_id 
_pdbx_struct_sheet_hbond.range_2_auth_comp_id 
_pdbx_struct_sheet_hbond.range_2_auth_asym_id 
_pdbx_struct_sheet_hbond.range_2_auth_seq_id 
A 1 2 N GLN A 10 ? N GLN A 2  O THR A 61 ? O THR A 53 
A 2 3 O GLN A 58 ? O GLN A 50 N ILE A 29 ? N ILE A 21 
A 3 4 N VAL A 30 ? N VAL A 22 O LEU A 83 ? O LEU A 75 
A 4 5 N LEU A 82 ? N LEU A 74 O LEU A 94 ? O LEU A 86 
# 
_atom_sites.entry_id                    4RUV 
_atom_sites.fract_transf_matrix[1][1]   -0.01536471 
_atom_sites.fract_transf_matrix[1][2]   0.02588893 
_atom_sites.fract_transf_matrix[1][3]   -0.01046181 
_atom_sites.fract_transf_matrix[2][1]   0.00073412 
_atom_sites.fract_transf_matrix[2][2]   -0.01156239 
_atom_sites.fract_transf_matrix[2][3]   -0.02969062 
_atom_sites.fract_transf_matrix[3][1]   -0.00923813 
_atom_sites.fract_transf_matrix[3][2]   -0.00481696 
_atom_sites.fract_transf_matrix[3][3]   0.00164745 
_atom_sites.fract_transf_vector[1]      1.299729 
_atom_sites.fract_transf_vector[2]      0.889371 
_atom_sites.fract_transf_vector[3]      0.000456 
# 
loop_
_atom_type.symbol 
C 
N 
O 
S 
# 
loop_
_atom_site.group_PDB 
_atom_site.id 
_atom_site.type_symbol 
_atom_site.label_atom_id 
_atom_site.label_alt_id 
_atom_site.label_comp_id 
_atom_site.label_asym_id 
_atom_site.label_entity_id 
_atom_site.label_seq_id 
_atom_site.pdbx_PDB_ins_code 
_atom_site.Cartn_x 
_atom_site.Cartn_y 
_atom_site.Cartn_z 
_atom_site.occupancy 
_atom_site.B_iso_or_equiv 
_atom_site.pdbx_formal_charge 
_atom_site.auth_seq_id 
_atom_site.auth_comp_id 
_atom_site.auth_asym_id 
_atom_site.auth_atom_id 
_atom_site.pdbx_PDB_model_num 
ATOM   1   N N   . MET A 1 9   ? 5.724   8.500   -2.498  1.00 29.26 ? 1   MET A N   1 
ATOM   2   C CA  . MET A 1 9   ? 5.742   7.018   -2.391  1.00 26.12 ? 1   MET A CA  1 
ATOM   3   C C   . MET A 1 9   ? 6.937   6.449   -3.165  1.00 25.44 ? 1   MET A C   1 
ATOM   4   O O   . MET A 1 9   ? 6.931   6.417   -4.401  1.00 27.67 ? 1   MET A O   1 
ATOM   5   C CB  . MET A 1 9   ? 4.456   6.434   -2.992  1.00 26.16 ? 1   MET A CB  1 
ATOM   6   C CG  . MET A 1 9   ? 3.218   6.751   -2.214  1.00 25.29 ? 1   MET A CG  1 
ATOM   7   S SD  . MET A 1 9   ? 2.029   5.465   -2.430  1.00 27.98 ? 1   MET A SD  1 
ATOM   8   C CE  . MET A 1 9   ? 0.548   6.396   -2.781  1.00 26.16 ? 1   MET A CE  1 
ATOM   9   N N   . GLN A 1 10  ? 7.925   5.954   -2.447  1.00 20.22 ? 2   GLN A N   1 
ATOM   10  C CA  . GLN A 1 10  ? 9.054   5.319   -3.063  1.00 18.48 ? 2   GLN A CA  1 
ATOM   11  C C   . GLN A 1 10  ? 8.726   3.916   -3.576  1.00 18.68 ? 2   GLN A C   1 
ATOM   12  O O   . GLN A 1 10  ? 7.986   3.135   -2.957  1.00 15.59 ? 2   GLN A O   1 
ATOM   13  C CB  . GLN A 1 10  ? 10.227  5.258   -2.076  1.00 20.71 ? 2   GLN A CB  1 
ATOM   14  N N   . SER A 1 11  ? 9.256   3.620   -4.755  1.00 16.14 ? 3   SER A N   1 
ATOM   15  C CA  . SER A 1 11  ? 9.087   2.345   -5.381  1.00 16.89 ? 3   SER A CA  1 
ATOM   16  C C   . SER A 1 11  ? 10.020  1.307   -4.773  1.00 15.72 ? 3   SER A C   1 
ATOM   17  O O   . SER A 1 11  ? 11.176  1.552   -4.585  1.00 16.86 ? 3   SER A O   1 
ATOM   18  C CB  . SER A 1 11  ? 9.345   2.517   -6.869  1.00 19.75 ? 3   SER A CB  1 
ATOM   19  O OG  . SER A 1 11  ? 9.449   1.262   -7.480  1.00 24.06 ? 3   SER A OG  1 
ATOM   20  N N   . ILE A 1 12  ? 9.489   0.172   -4.384  1.00 14.87 ? 4   ILE A N   1 
ATOM   21  C CA  . ILE A 1 12  ? 10.292  -0.969  -3.925  1.00 16.13 ? 4   ILE A CA  1 
ATOM   22  C C   . ILE A 1 12  ? 10.663  -1.835  -5.158  1.00 18.36 ? 4   ILE A C   1 
ATOM   23  O O   . ILE A 1 12  ? 9.769   -2.289  -5.886  1.00 17.37 ? 4   ILE A O   1 
ATOM   24  C CB  . ILE A 1 12  ? 9.483   -1.802  -2.880  1.00 14.56 ? 4   ILE A CB  1 
ATOM   25  C CG1 . ILE A 1 12  ? 9.344   -1.021  -1.597  1.00 14.49 ? 4   ILE A CG1 1 
ATOM   26  C CG2 . ILE A 1 12  ? 10.149  -3.127  -2.528  1.00 15.09 ? 4   ILE A CG2 1 
ATOM   27  C CD1 . ILE A 1 12  ? 8.244   -1.529  -0.690  1.00 14.62 ? 4   ILE A CD1 1 
ATOM   28  N N   . LYS A 1 13  ? 11.947  -2.097  -5.415  1.00 18.86 ? 5   LYS A N   1 
ATOM   29  C CA  . LYS A 1 13  ? 12.248  -2.806  -6.657  1.00 19.16 ? 5   LYS A CA  1 
ATOM   30  C C   . LYS A 1 13  ? 12.805  -4.194  -6.472  1.00 18.90 ? 5   LYS A C   1 
ATOM   31  O O   . LYS A 1 13  ? 13.329  -4.753  -7.423  1.00 20.59 ? 5   LYS A O   1 
ATOM   32  C CB  . LYS A 1 13  ? 13.137  -1.975  -7.568  1.00 22.61 ? 5   LYS A CB  1 
ATOM   33  C CG  . LYS A 1 13  ? 14.548  -1.800  -7.097  1.00 24.82 ? 5   LYS A CG  1 
ATOM   34  C CD  . LYS A 1 13  ? 15.432  -1.203  -8.189  1.00 25.56 ? 5   LYS A CD  1 
ATOM   35  C CE  . LYS A 1 13  ? 16.900  -1.075  -7.753  1.00 24.54 ? 5   LYS A CE  1 
ATOM   36  N NZ  . LYS A 1 13  ? 17.495  -2.415  -7.524  1.00 23.27 ? 5   LYS A NZ  1 
ATOM   37  N N   . SER A 1 14  ? 12.684  -4.802  -5.299  1.00 15.97 ? 6   SER A N   1 
ATOM   38  C CA  . SER A 1 14  ? 13.117  -6.173  -5.182  1.00 16.87 ? 6   SER A CA  1 
ATOM   39  C C   . SER A 1 14  ? 12.464  -6.850  -3.996  1.00 15.18 ? 6   SER A C   1 
ATOM   40  O O   . SER A 1 14  ? 11.952  -6.178  -3.159  1.00 15.01 ? 6   SER A O   1 
ATOM   41  C CB  . SER A 1 14  ? 14.641  -6.217  -5.079  1.00 17.01 ? 6   SER A CB  1 
ATOM   42  O OG  . SER A 1 14  ? 15.097  -5.864  -3.780  1.00 17.44 ? 6   SER A OG  1 
ATOM   43  N N   . ASN A 1 15  ? 12.502  -8.172  -3.942  1.00 18.01 ? 7   ASN A N   1 
ATOM   44  C CA  . ASN A 1 15  ? 12.032  -8.917  -2.776  1.00 18.53 ? 7   ASN A CA  1 
ATOM   45  C C   . ASN A 1 15  ? 12.840  -8.559  -1.526  1.00 18.29 ? 7   ASN A C   1 
ATOM   46  O O   . ASN A 1 15  ? 12.261  -8.359  -0.491  1.00 17.12 ? 7   ASN A O   1 
ATOM   47  C CB  . ASN A 1 15  ? 12.156  -10.432 -2.958  1.00 20.69 ? 7   ASN A CB  1 
ATOM   48  C CG  . ASN A 1 15  ? 11.249  -11.012 -4.014  1.00 21.03 ? 7   ASN A CG  1 
ATOM   49  O OD1 . ASN A 1 15  ? 10.302  -10.408 -4.492  1.00 19.53 ? 7   ASN A OD1 1 
ATOM   50  N ND2 . ASN A 1 15  ? 11.576  -12.243 -4.405  1.00 22.60 ? 7   ASN A ND2 1 
ATOM   51  N N   . GLU A 1 16  ? 14.180  -8.465  -1.609  1.00 17.64 ? 8   GLU A N   1 
ATOM   52  C CA  . GLU A 1 16  ? 14.974  -8.086  -0.442  1.00 15.99 ? 8   GLU A CA  1 
ATOM   53  C C   . GLU A 1 16  ? 14.619  -6.714  0.090   1.00 15.76 ? 8   GLU A C   1 
ATOM   54  O O   . GLU A 1 16  ? 14.581  -6.498  1.290   1.00 16.33 ? 8   GLU A O   1 
ATOM   55  C CB  . GLU A 1 16  ? 16.483  -8.078  -0.737  1.00 19.39 ? 8   GLU A CB  1 
ATOM   56  N N   . SER A 1 17  ? 14.395  -5.761  -0.803  1.00 15.05 ? 9   SER A N   1 
ATOM   57  C CA  . SER A 1 17  ? 14.006  -4.413  -0.389  1.00 14.40 ? 9   SER A CA  1 
ATOM   58  C C   . SER A 1 17  ? 12.633  -4.427  0.325   1.00 14.21 ? 9   SER A C   1 
ATOM   59  O O   . SER A 1 17  ? 12.421  -3.826  1.417   1.00 14.64 ? 9   SER A O   1 
ATOM   60  C CB  . SER A 1 17  ? 14.019  -3.432  -1.580  1.00 13.47 ? 9   SER A CB  1 
ATOM   61  O OG  . SER A 1 17  ? 13.821  -2.125  -1.126  1.00 13.15 ? 9   SER A OG  1 
ATOM   62  N N   . PHE A 1 18  ? 11.706  -5.158  -0.244  1.00 15.33 ? 10  PHE A N   1 
ATOM   63  C CA  . PHE A 1 18  ? 10.445  -5.351  0.423   1.00 16.07 ? 10  PHE A CA  1 
ATOM   64  C C   . PHE A 1 18  ? 10.556  -5.872  1.880   1.00 16.59 ? 10  PHE A C   1 
ATOM   65  O O   . PHE A 1 18  ? 10.055  -5.243  2.825   1.00 15.30 ? 10  PHE A O   1 
ATOM   66  C CB  . PHE A 1 18  ? 9.569   -6.280  -0.400  1.00 15.35 ? 10  PHE A CB  1 
ATOM   67  C CG  . PHE A 1 18  ? 8.245   -6.528  0.243   1.00 15.74 ? 10  PHE A CG  1 
ATOM   68  C CD1 . PHE A 1 18  ? 7.231   -5.592  0.150   1.00 16.36 ? 10  PHE A CD1 1 
ATOM   69  C CD2 . PHE A 1 18  ? 8.036   -7.670  0.993   1.00 15.79 ? 10  PHE A CD2 1 
ATOM   70  C CE1 . PHE A 1 18  ? 6.005   -5.822  0.801   1.00 16.93 ? 10  PHE A CE1 1 
ATOM   71  C CE2 . PHE A 1 18  ? 6.830   -7.912  1.600   1.00 16.82 ? 10  PHE A CE2 1 
ATOM   72  C CZ  . PHE A 1 18  ? 5.806   -6.998  1.498   1.00 16.31 ? 10  PHE A CZ  1 
ATOM   73  N N   . LYS A 1 19  ? 11.170  -7.035  2.060   1.00 18.54 ? 11  LYS A N   1 
ATOM   74  C CA  . LYS A 1 19  ? 11.527  -7.543  3.430   1.00 20.22 ? 11  LYS A CA  1 
ATOM   75  C C   . LYS A 1 19  ? 12.111  -6.515  4.356   1.00 20.32 ? 11  LYS A C   1 
ATOM   76  O O   . LYS A 1 19  ? 11.710  -6.366  5.527   1.00 22.56 ? 11  LYS A O   1 
ATOM   77  C CB  . LYS A 1 19  ? 12.542  -8.674  3.299   1.00 22.59 ? 11  LYS A CB  1 
ATOM   78  C CG  . LYS A 1 19  ? 12.040  -9.716  2.376   1.00 23.51 ? 11  LYS A CG  1 
ATOM   79  C CD  . LYS A 1 19  ? 12.664  -11.070 2.525   1.00 26.65 ? 11  LYS A CD  1 
ATOM   80  C CE  . LYS A 1 19  ? 14.137  -11.046 2.697   1.00 28.57 ? 11  LYS A CE  1 
ATOM   81  N NZ  . LYS A 1 19  ? 14.678  -12.370 2.307   1.00 30.07 ? 11  LYS A NZ  1 
ATOM   82  N N   . SER A 1 20  ? 13.080  -5.774  3.836   1.00 19.11 ? 12  SER A N   1 
ATOM   83  C CA  . SER A 1 20  ? 13.748  -4.770  4.595   1.00 17.14 ? 12  SER A CA  1 
ATOM   84  C C   . SER A 1 20  ? 12.852  -3.613  5.107   1.00 17.99 ? 12  SER A C   1 
ATOM   85  O O   . SER A 1 20  ? 12.961  -3.191  6.259   1.00 17.51 ? 12  SER A O   1 
ATOM   86  C CB  . SER A 1 20  ? 14.905  -4.227  3.795   1.00 17.02 ? 12  SER A CB  1 
ATOM   87  O OG  . SER A 1 20  ? 15.481  -3.085  4.378   1.00 22.50 ? 12  SER A OG  1 
ATOM   88  N N   . VAL A 1 21  ? 11.984  -3.055  4.283   1.00 16.69 ? 13  VAL A N   1 
ATOM   89  C CA  . VAL A 1 21  ? 11.276  -1.911  4.751   1.00 17.27 ? 13  VAL A CA  1 
ATOM   90  C C   . VAL A 1 21  ? 10.077  -2.357  5.602   1.00 18.32 ? 13  VAL A C   1 
ATOM   91  O O   . VAL A 1 21  ? 9.637   -1.601  6.470   1.00 16.94 ? 13  VAL A O   1 
ATOM   92  C CB  . VAL A 1 21  ? 10.821  -1.003  3.592   1.00 19.66 ? 13  VAL A CB  1 
ATOM   93  C CG1 . VAL A 1 21  ? 12.028  -0.571  2.776   1.00 20.03 ? 13  VAL A CG1 1 
ATOM   94  C CG2 . VAL A 1 21  ? 9.760   -1.700  2.742   1.00 18.69 ? 13  VAL A CG2 1 
ATOM   95  N N   . ILE A 1 22  ? 9.526   -3.540  5.335   1.00 18.89 ? 14  ILE A N   1 
ATOM   96  C CA  . ILE A 1 22  ? 8.399   -4.011  6.174   1.00 21.31 ? 14  ILE A CA  1 
ATOM   97  C C   . ILE A 1 22  ? 8.809   -4.418  7.597   1.00 21.52 ? 14  ILE A C   1 
ATOM   98  O O   . ILE A 1 22  ? 7.958   -4.442  8.500   1.00 21.15 ? 14  ILE A O   1 
ATOM   99  C CB  . ILE A 1 22  ? 7.526   -5.090  5.509   1.00 20.33 ? 14  ILE A CB  1 
ATOM   100 C CG1 . ILE A 1 22  ? 8.234   -6.432  5.417   1.00 21.18 ? 14  ILE A CG1 1 
ATOM   101 C CG2 . ILE A 1 22  ? 7.005   -4.568  4.165   1.00 21.57 ? 14  ILE A CG2 1 
ATOM   102 C CD1 . ILE A 1 22  ? 7.270   -7.586  5.288   1.00 22.55 ? 14  ILE A CD1 1 
ATOM   103 N N   . ASN A 1 23  ? 10.092  -4.728  7.818   1.00 23.90 ? 15  ASN A N   1 
ATOM   104 C CA  . ASN A 1 23  ? 10.582  -5.005  9.169   1.00 23.81 ? 15  ASN A CA  1 
ATOM   105 C C   . ASN A 1 23  ? 10.958  -3.735  9.892   1.00 26.20 ? 15  ASN A C   1 
ATOM   106 O O   . ASN A 1 23  ? 12.024  -3.608  10.495  1.00 27.07 ? 15  ASN A O   1 
ATOM   107 C CB  . ASN A 1 23  ? 11.756  -5.949  9.133   1.00 27.71 ? 15  ASN A CB  1 
ATOM   108 C CG  . ASN A 1 23  ? 12.092  -6.535  10.512  1.00 27.73 ? 15  ASN A CG  1 
ATOM   109 O OD1 . ASN A 1 23  ? 13.259  -6.752  10.809  1.00 34.41 ? 15  ASN A OD1 1 
ATOM   110 N ND2 . ASN A 1 23  ? 11.086  -6.791  11.337  1.00 26.24 ? 15  ASN A ND2 1 
ATOM   111 N N   . SER A 1 24  ? 10.062  -2.774  9.809   1.00 28.26 ? 16  SER A N   1 
ATOM   112 C CA  . SER A 1 24  ? 10.209  -1.513  10.481  1.00 29.55 ? 16  SER A CA  1 
ATOM   113 C C   . SER A 1 24  ? 9.431   -1.615  11.779  1.00 30.28 ? 16  SER A C   1 
ATOM   114 O O   . SER A 1 24  ? 8.332   -2.155  11.824  1.00 29.43 ? 16  SER A O   1 
ATOM   115 C CB  . SER A 1 24  ? 9.674   -0.377  9.592   1.00 30.83 ? 16  SER A CB  1 
ATOM   116 O OG  . SER A 1 24  ? 9.357   0.771   10.377  1.00 30.95 ? 16  SER A OG  1 
ATOM   117 N N   . ASP A 1 25  ? 10.029  -1.093  12.839  1.00 31.61 ? 17  ASP A N   1 
ATOM   118 C CA  . ASP A 1 25  ? 9.365   -0.861  14.097  1.00 33.65 ? 17  ASP A CA  1 
ATOM   119 C C   . ASP A 1 25  ? 8.112   0.029   13.988  1.00 32.45 ? 17  ASP A C   1 
ATOM   120 O O   . ASP A 1 25  ? 7.103   -0.212  14.654  1.00 31.88 ? 17  ASP A O   1 
ATOM   121 C CB  . ASP A 1 25  ? 10.381  -0.215  15.046  1.00 41.64 ? 17  ASP A CB  1 
ATOM   122 C CG  . ASP A 1 25  ? 10.318  -0.786  16.438  1.00 46.85 ? 17  ASP A CG  1 
ATOM   123 O OD1 . ASP A 1 25  ? 10.196  -2.033  16.566  1.00 52.85 ? 17  ASP A OD1 1 
ATOM   124 O OD2 . ASP A 1 25  ? 10.405  0.016   17.398  1.00 55.83 ? 17  ASP A OD2 1 
ATOM   125 N N   . THR A 1 26  ? 8.173   1.055   13.132  1.00 28.91 ? 18  THR A N   1 
ATOM   126 C CA  . THR A 1 26  ? 7.049   1.949   12.895  1.00 27.68 ? 18  THR A CA  1 
ATOM   127 C C   . THR A 1 26  ? 6.309   1.443   11.651  1.00 24.00 ? 18  THR A C   1 
ATOM   128 O O   . THR A 1 26  ? 6.961   0.948   10.734  1.00 23.53 ? 18  THR A O   1 
ATOM   129 C CB  . THR A 1 26  ? 7.551   3.395   12.717  1.00 30.69 ? 18  THR A CB  1 
ATOM   130 O OG1 . THR A 1 26  ? 7.862   3.901   14.015  1.00 32.31 ? 18  THR A OG1 1 
ATOM   131 C CG2 . THR A 1 26  ? 6.484   4.336   12.080  1.00 32.29 ? 18  THR A CG2 1 
ATOM   132 N N   . PRO A 1 27  ? 4.960   1.552   11.625  1.00 19.71 ? 19  PRO A N   1 
ATOM   133 C CA  . PRO A 1 27  ? 4.200   1.055   10.476  1.00 17.62 ? 19  PRO A CA  1 
ATOM   134 C C   . PRO A 1 27  ? 4.554   1.664   9.093   1.00 15.94 ? 19  PRO A C   1 
ATOM   135 O O   . PRO A 1 27  ? 5.041   2.834   8.930   1.00 13.72 ? 19  PRO A O   1 
ATOM   136 C CB  . PRO A 1 27  ? 2.742   1.313   10.875  1.00 18.80 ? 19  PRO A CB  1 
ATOM   137 C CG  . PRO A 1 27  ? 2.765   1.460   12.346  1.00 20.22 ? 19  PRO A CG  1 
ATOM   138 C CD  . PRO A 1 27  ? 4.065   2.075   12.657  1.00 20.35 ? 19  PRO A CD  1 
ATOM   139 N N   . VAL A 1 28  ? 4.331   0.820   8.092   1.00 15.07 ? 20  VAL A N   1 
ATOM   140 C CA  . VAL A 1 28  ? 4.680   1.061   6.720   1.00 14.74 ? 20  VAL A CA  1 
ATOM   141 C C   . VAL A 1 28  ? 3.460   0.737   5.820   1.00 13.20 ? 20  VAL A C   1 
ATOM   142 O O   . VAL A 1 28  ? 2.799   -0.274  6.031   1.00 12.16 ? 20  VAL A O   1 
ATOM   143 C CB  . VAL A 1 28  ? 5.878   0.144   6.406   1.00 15.82 ? 20  VAL A CB  1 
ATOM   144 C CG1 . VAL A 1 28  ? 6.097   -0.036  4.918   1.00 16.91 ? 20  VAL A CG1 1 
ATOM   145 C CG2 . VAL A 1 28  ? 7.099   0.726   7.090   1.00 16.84 ? 20  VAL A CG2 1 
ATOM   146 N N   . ILE A 1 29  ? 3.160   1.626   4.873   1.00 12.16 ? 21  ILE A N   1 
ATOM   147 C CA  . ILE A 1 29  ? 2.002   1.505   4.023   1.00 11.63 ? 21  ILE A CA  1 
ATOM   148 C C   . ILE A 1 29  ? 2.423   1.298   2.575   1.00 12.13 ? 21  ILE A C   1 
ATOM   149 O O   . ILE A 1 29  ? 3.183   2.082   2.026   1.00 12.47 ? 21  ILE A O   1 
ATOM   150 C CB  . ILE A 1 29  ? 1.100   2.729   4.172   1.00 11.89 ? 21  ILE A CB  1 
ATOM   151 C CG1 . ILE A 1 29  ? 0.613   2.852   5.664   1.00 12.12 ? 21  ILE A CG1 1 
ATOM   152 C CG2 . ILE A 1 29  ? -0.105  2.606   3.264   1.00 12.59 ? 21  ILE A CG2 1 
ATOM   153 C CD1 . ILE A 1 29  ? 0.193   4.266   6.001   1.00 13.04 ? 21  ILE A CD1 1 
ATOM   154 N N   . VAL A 1 30  ? 1.972   0.211   1.963   1.00 11.68 ? 22  VAL A N   1 
ATOM   155 C CA  . VAL A 1 30  ? 2.407   -0.152  0.605   1.00 12.31 ? 22  VAL A CA  1 
ATOM   156 C C   . VAL A 1 30  ? 1.203   -0.272  -0.311  1.00 12.02 ? 22  VAL A C   1 
ATOM   157 O O   . VAL A 1 30  ? 0.275   -1.008  -0.024  1.00 11.30 ? 22  VAL A O   1 
ATOM   158 C CB  . VAL A 1 30  ? 3.142   -1.510  0.614   1.00 13.59 ? 22  VAL A CB  1 
ATOM   159 C CG1 . VAL A 1 30  ? 3.774   -1.812  -0.753  1.00 14.99 ? 22  VAL A CG1 1 
ATOM   160 C CG2 . VAL A 1 30  ? 4.157   -1.558  1.720   1.00 13.12 ? 22  VAL A CG2 1 
ATOM   161 N N   . LYS A 1 31  ? 1.256   0.473   -1.411  1.00 12.90 ? 23  LYS A N   1 
ATOM   162 C CA  . LYS A 1 31  ? 0.327   0.452   -2.493  1.00 12.64 ? 23  LYS A CA  1 
ATOM   163 C C   . LYS A 1 31  ? 0.783   -0.528  -3.526  1.00 13.81 ? 23  LYS A C   1 
ATOM   164 O O   . LYS A 1 31  ? 1.896   -0.411  -4.044  1.00 14.45 ? 23  LYS A O   1 
ATOM   165 C CB  . LYS A 1 31  ? 0.190   1.848   -3.133  1.00 12.96 ? 23  LYS A CB  1 
ATOM   166 C CG  . LYS A 1 31  ? -0.841  1.903   -4.238  1.00 13.31 ? 23  LYS A CG  1 
ATOM   167 C CD  . LYS A 1 31  ? -0.790  3.210   -5.022  1.00 15.50 ? 23  LYS A CD  1 
ATOM   168 C CE  . LYS A 1 31  ? -1.696  3.131   -6.249  1.00 16.27 ? 23  LYS A CE  1 
ATOM   169 N NZ  . LYS A 1 31  ? -1.407  4.136   -7.330  1.00 18.01 ? 23  LYS A NZ  1 
ATOM   170 N N   . PHE A 1 32  ? -0.044  -1.535  -3.807  1.00 14.03 ? 24  PHE A N   1 
ATOM   171 C CA  . PHE A 1 32  ? 0.294   -2.457  -4.912  1.00 14.33 ? 24  PHE A CA  1 
ATOM   172 C C   . PHE A 1 32  ? -0.450  -1.944  -6.141  1.00 14.17 ? 24  PHE A C   1 
ATOM   173 O O   . PHE A 1 32  ? -1.632  -1.720  -6.061  1.00 14.28 ? 24  PHE A O   1 
ATOM   174 C CB  . PHE A 1 32  ? -0.125  -3.855  -4.583  1.00 13.31 ? 24  PHE A CB  1 
ATOM   175 C CG  . PHE A 1 32  ? 0.724   -4.497  -3.528  1.00 13.53 ? 24  PHE A CG  1 
ATOM   176 C CD1 . PHE A 1 32  ? 0.604   -4.130  -2.186  1.00 13.27 ? 24  PHE A CD1 1 
ATOM   177 C CD2 . PHE A 1 32  ? 1.663   -5.413  -3.889  1.00 13.54 ? 24  PHE A CD2 1 
ATOM   178 C CE1 . PHE A 1 32  ? 1.387   -4.704  -1.214  1.00 13.28 ? 24  PHE A CE1 1 
ATOM   179 C CE2 . PHE A 1 32  ? 2.438   -6.009  -2.929  1.00 14.44 ? 24  PHE A CE2 1 
ATOM   180 C CZ  . PHE A 1 32  ? 2.298   -5.637  -1.584  1.00 14.36 ? 24  PHE A CZ  1 
ATOM   181 N N   . GLU A 1 33  ? 0.252   -1.810  -7.265  1.00 15.03 ? 25  GLU A N   1 
ATOM   182 C CA  . GLU A 1 33  ? -0.310  -1.197  -8.432  1.00 16.02 ? 25  GLU A CA  1 
ATOM   183 C C   . GLU A 1 33  ? 0.307   -1.690  -9.738  1.00 16.48 ? 25  GLU A C   1 
ATOM   184 O O   . GLU A 1 33  ? 1.236   -2.480  -9.750  1.00 16.65 ? 25  GLU A O   1 
ATOM   185 C CB  . GLU A 1 33  ? -0.091  0.303   -8.316  1.00 16.91 ? 25  GLU A CB  1 
ATOM   186 C CG  . GLU A 1 33  ? 1.362   0.747   -8.407  1.00 18.06 ? 25  GLU A CG  1 
ATOM   187 C CD  . GLU A 1 33  ? 1.461   2.252   -8.411  1.00 20.98 ? 25  GLU A CD  1 
ATOM   188 O OE1 . GLU A 1 33  ? 2.573   2.734   -8.324  1.00 25.83 ? 25  GLU A OE1 1 
ATOM   189 O OE2 . GLU A 1 33  ? 0.439   2.950   -8.541  1.00 22.43 ? 25  GLU A OE2 1 
ATOM   190 N N   . ALA A 1 34  ? -0.235  -1.206  -10.837 1.00 18.09 ? 26  ALA A N   1 
ATOM   191 C CA  . ALA A 1 34  ? 0.390   -1.434  -12.146 1.00 17.82 ? 26  ALA A CA  1 
ATOM   192 C C   . ALA A 1 34  ? 0.103   -0.243  -13.050 1.00 18.12 ? 26  ALA A C   1 
ATOM   193 O O   . ALA A 1 34  ? -0.916  0.438   -12.880 1.00 15.20 ? 26  ALA A O   1 
ATOM   194 C CB  . ALA A 1 34  ? -0.108  -2.712  -12.742 1.00 16.73 ? 26  ALA A CB  1 
ATOM   195 N N   . GLY A 1 35  ? 1.045   0.036   -13.947 1.00 18.44 ? 27  GLY A N   1 
ATOM   196 C CA  . GLY A 1 35  ? 0.975   1.209   -14.836 1.00 19.58 ? 27  GLY A CA  1 
ATOM   197 C C   . GLY A 1 35  ? -0.197  1.277   -15.783 1.00 20.75 ? 27  GLY A C   1 
ATOM   198 O O   . GLY A 1 35  ? -0.650  2.378   -16.114 1.00 21.86 ? 27  GLY A O   1 
ATOM   199 N N   . TRP A 1 36  ? -0.768  0.126   -16.166 1.00 20.73 ? 28  TRP A N   1 
ATOM   200 C CA  . TRP A 1 36  ? -1.892  0.125   -17.140 1.00 19.65 ? 28  TRP A CA  1 
ATOM   201 C C   . TRP A 1 36  ? -3.239  0.489   -16.470 1.00 18.97 ? 28  TRP A C   1 
ATOM   202 O O   . TRP A 1 36  ? -4.215  0.873   -17.149 1.00 17.15 ? 28  TRP A O   1 
ATOM   203 C CB  . TRP A 1 36  ? -2.032  -1.237  -17.824 1.00 17.90 ? 28  TRP A CB  1 
ATOM   204 C CG  . TRP A 1 36  ? -2.399  -2.314  -16.844 1.00 17.83 ? 28  TRP A CG  1 
ATOM   205 C CD1 . TRP A 1 36  ? -1.533  -3.057  -16.150 1.00 17.95 ? 28  TRP A CD1 1 
ATOM   206 C CD2 . TRP A 1 36  ? -3.703  -2.680  -16.392 1.00 17.75 ? 28  TRP A CD2 1 
ATOM   207 N NE1 . TRP A 1 36  ? -2.189  -3.885  -15.322 1.00 18.36 ? 28  TRP A NE1 1 
ATOM   208 C CE2 . TRP A 1 36  ? -3.530  -3.682  -15.445 1.00 18.08 ? 28  TRP A CE2 1 
ATOM   209 C CE3 . TRP A 1 36  ? -5.006  -2.276  -16.723 1.00 17.72 ? 28  TRP A CE3 1 
ATOM   210 C CZ2 . TRP A 1 36  ? -4.577  -4.305  -14.813 1.00 19.48 ? 28  TRP A CZ2 1 
ATOM   211 C CZ3 . TRP A 1 36  ? -6.059  -2.899  -16.091 1.00 19.65 ? 28  TRP A CZ3 1 
ATOM   212 C CH2 . TRP A 1 36  ? -5.827  -3.889  -15.111 1.00 19.06 ? 28  TRP A CH2 1 
ATOM   213 N N   . CYS A 1 37  ? -3.281  0.386   -15.142 1.00 17.01 ? 29  CYS A N   1 
ATOM   214 C CA  . CYS A 1 37  ? -4.553  0.350   -14.442 1.00 16.31 ? 29  CYS A CA  1 
ATOM   215 C C   . CYS A 1 37  ? -5.193  1.701   -14.173 1.00 17.47 ? 29  CYS A C   1 
ATOM   216 O O   . CYS A 1 37  ? -4.666  2.514   -13.386 1.00 19.06 ? 29  CYS A O   1 
ATOM   217 C CB  . CYS A 1 37  ? -4.410  -0.399  -13.148 1.00 15.24 ? 29  CYS A CB  1 
ATOM   218 S SG  . CYS A 1 37  ? -5.970  -0.570  -12.262 1.00 15.55 ? 29  CYS A SG  1 
ATOM   219 N N   . PRO A 1 38  ? -6.366  1.939   -14.771 1.00 18.92 ? 30  PRO A N   1 
ATOM   220 C CA  . PRO A 1 38  ? -7.004  3.230   -14.565 1.00 19.48 ? 30  PRO A CA  1 
ATOM   221 C C   . PRO A 1 38  ? -7.489  3.405   -13.105 1.00 20.04 ? 30  PRO A C   1 
ATOM   222 O O   . PRO A 1 38  ? -7.639  4.537   -12.700 1.00 18.21 ? 30  PRO A O   1 
ATOM   223 C CB  . PRO A 1 38  ? -8.214  3.162   -15.495 1.00 20.97 ? 30  PRO A CB  1 
ATOM   224 C CG  . PRO A 1 38  ? -8.597  1.719   -15.433 1.00 20.09 ? 30  PRO A CG  1 
ATOM   225 C CD  . PRO A 1 38  ? -7.268  0.999   -15.481 1.00 19.67 ? 30  PRO A CD  1 
ATOM   226 N N   . ASP A 1 39  ? -7.762  2.321   -12.344 1.00 17.36 ? 31  ASP A N   1 
ATOM   227 C CA  . ASP A 1 39  ? -8.084  2.493   -10.927 1.00 18.40 ? 31  ASP A CA  1 
ATOM   228 C C   . ASP A 1 39  ? -6.838  2.908   -10.133 1.00 17.03 ? 31  ASP A C   1 
ATOM   229 O O   . ASP A 1 39  ? -6.921  3.753   -9.261  1.00 16.00 ? 31  ASP A O   1 
ATOM   230 C CB  . ASP A 1 39  ? -8.707  1.267   -10.278 1.00 19.84 ? 31  ASP A CB  1 
ATOM   231 C CG  . ASP A 1 39  ? -10.024 0.868   -10.910 1.00 22.74 ? 31  ASP A CG  1 
ATOM   232 O OD1 . ASP A 1 39  ? -10.753 1.748   -11.337 1.00 21.87 ? 31  ASP A OD1 1 
ATOM   233 O OD2 . ASP A 1 39  ? -10.305 -0.329  -10.971 1.00 22.80 ? 31  ASP A OD2 1 
ATOM   234 N N   . CYS A 1 40  ? -5.693  2.295   -10.413 1.00 15.92 ? 32  CYS A N   1 
ATOM   235 C CA  . CYS A 1 40  ? -4.408  2.731   -9.836  1.00 14.03 ? 32  CYS A CA  1 
ATOM   236 C C   . CYS A 1 40  ? -4.084  4.186   -10.150 1.00 14.84 ? 32  CYS A C   1 
ATOM   237 O O   . CYS A 1 40  ? -3.661  4.943   -9.289  1.00 13.44 ? 32  CYS A O   1 
ATOM   238 C CB  . CYS A 1 40  ? -3.270  1.831   -10.332 1.00 13.22 ? 32  CYS A CB  1 
ATOM   239 S SG  . CYS A 1 40  ? -3.417  0.128   -9.749  1.00 14.10 ? 32  CYS A SG  1 
ATOM   240 N N   . ARG A 1 41  ? -4.266  4.590   -11.386 1.00 15.45 ? 33  ARG A N   1 
ATOM   241 C CA  . ARG A 1 41  ? -4.146  6.020   -11.784 1.00 17.41 ? 33  ARG A CA  1 
ATOM   242 C C   . ARG A 1 41  ? -5.131  6.941   -11.014 1.00 17.27 ? 33  ARG A C   1 
ATOM   243 O O   . ARG A 1 41  ? -4.759  8.015   -10.501 1.00 15.92 ? 33  ARG A O   1 
ATOM   244 C CB  . ARG A 1 41  ? -4.341  6.116   -13.347 1.00 19.78 ? 33  ARG A CB  1 
ATOM   245 C CG  . ARG A 1 41  ? -3.897  7.424   -13.998 1.00 24.16 ? 33  ARG A CG  1 
ATOM   246 N N   . ALA A 1 42  ? -6.384  6.494   -10.869 1.00 17.17 ? 34  ALA A N   1 
ATOM   247 C CA  . ALA A 1 42  ? -7.397  7.282   -10.119 1.00 16.08 ? 34  ALA A CA  1 
ATOM   248 C C   . ALA A 1 42  ? -6.904  7.591   -8.710  1.00 15.74 ? 34  ALA A C   1 
ATOM   249 O O   . ALA A 1 42  ? -6.911  8.758   -8.278  1.00 16.45 ? 34  ALA A O   1 
ATOM   250 C CB  . ALA A 1 42  ? -8.752  6.545   -10.082 1.00 16.30 ? 34  ALA A CB  1 
ATOM   251 N N   . MET A 1 43  ? -6.430  6.543   -8.020  1.00 15.18 ? 35  MET A N   1 
ATOM   252 C CA  . MET A 1 43  ? -6.033  6.651   -6.653  1.00 15.82 ? 35  MET A CA  1 
ATOM   253 C C   . MET A 1 43  ? -4.961  7.718   -6.538  1.00 16.26 ? 35  MET A C   1 
ATOM   254 O O   . MET A 1 43  ? -4.879  8.420   -5.560  1.00 15.82 ? 35  MET A O   1 
ATOM   255 C CB  . MET A 1 43  ? -5.467  5.319   -6.144  1.00 15.73 ? 35  MET A CB  1 
ATOM   256 C CG  . MET A 1 43  ? -4.887  5.429   -4.747  1.00 17.36 ? 35  MET A CG  1 
ATOM   257 S SD  . MET A 1 43  ? -4.505  3.881   -3.899  1.00 18.23 ? 35  MET A SD  1 
ATOM   258 C CE  . MET A 1 43  ? -6.127  3.158   -3.658  1.00 17.12 ? 35  MET A CE  1 
ATOM   259 N N   . ASP A 1 44  ? -4.106  7.822   -7.533  1.00 18.73 ? 36  ASP A N   1 
ATOM   260 C CA  . ASP A 1 44  ? -2.993  8.787   -7.431  1.00 19.70 ? 36  ASP A CA  1 
ATOM   261 C C   . ASP A 1 44  ? -3.477  10.202  -7.528  1.00 19.02 ? 36  ASP A C   1 
ATOM   262 O O   . ASP A 1 44  ? -2.821  11.088  -7.038  1.00 21.13 ? 36  ASP A O   1 
ATOM   263 C CB  . ASP A 1 44  ? -1.862  8.475   -8.404  1.00 21.99 ? 36  ASP A CB  1 
ATOM   264 C CG  . ASP A 1 44  ? -1.052  7.244   -7.936  1.00 26.41 ? 36  ASP A CG  1 
ATOM   265 O OD1 . ASP A 1 44  ? -1.053  6.923   -6.683  1.00 26.45 ? 36  ASP A OD1 1 
ATOM   266 O OD2 . ASP A 1 44  ? -0.486  6.582   -8.818  1.00 24.26 ? 36  ASP A OD2 1 
ATOM   267 N N   . LEU A 1 45  ? -4.643  10.427  -8.112  1.00 18.35 ? 37  LEU A N   1 
ATOM   268 C CA  . LEU A 1 45  ? -5.188  11.787  -8.122  1.00 18.60 ? 37  LEU A CA  1 
ATOM   269 C C   . LEU A 1 45  ? -5.663  12.250  -6.754  1.00 18.68 ? 37  LEU A C   1 
ATOM   270 O O   . LEU A 1 45  ? -5.874  13.444  -6.556  1.00 22.41 ? 37  LEU A O   1 
ATOM   271 C CB  . LEU A 1 45  ? -6.356  11.895  -9.081  1.00 20.05 ? 37  LEU A CB  1 
ATOM   272 C CG  . LEU A 1 45  ? -5.955  11.743  -10.536 1.00 22.13 ? 37  LEU A CG  1 
ATOM   273 C CD1 . LEU A 1 45  ? -7.176  11.611  -11.430 1.00 23.07 ? 37  LEU A CD1 1 
ATOM   274 C CD2 . LEU A 1 45  ? -5.141  12.970  -10.952 1.00 22.02 ? 37  LEU A CD2 1 
ATOM   275 N N   . TRP A 1 46  ? -5.958  11.344  -5.838  1.00 15.73 ? 38  TRP A N   1 
ATOM   276 C CA  . TRP A 1 46  ? -6.475  11.813  -4.559  1.00 16.28 ? 38  TRP A CA  1 
ATOM   277 C C   . TRP A 1 46  ? -5.711  11.348  -3.373  1.00 16.94 ? 38  TRP A C   1 
ATOM   278 O O   . TRP A 1 46  ? -6.079  11.734  -2.267  1.00 16.75 ? 38  TRP A O   1 
ATOM   279 C CB  . TRP A 1 46  ? -7.990  11.559  -4.375  1.00 16.21 ? 38  TRP A CB  1 
ATOM   280 C CG  . TRP A 1 46  ? -8.485  10.241  -4.862  1.00 15.37 ? 38  TRP A CG  1 
ATOM   281 C CD1 . TRP A 1 46  ? -9.157  10.028  -5.991  1.00 16.66 ? 38  TRP A CD1 1 
ATOM   282 C CD2 . TRP A 1 46  ? -8.328  8.959   -4.240  1.00 15.78 ? 38  TRP A CD2 1 
ATOM   283 N NE1 . TRP A 1 46  ? -9.469  8.714   -6.137  1.00 16.35 ? 38  TRP A NE1 1 
ATOM   284 C CE2 . TRP A 1 46  ? -8.973  8.024   -5.069  1.00 16.72 ? 38  TRP A CE2 1 
ATOM   285 C CE3 . TRP A 1 46  ? -7.751  8.530   -3.050  1.00 16.83 ? 38  TRP A CE3 1 
ATOM   286 C CZ2 . TRP A 1 46  ? -9.028  6.646   -4.788  1.00 17.26 ? 38  TRP A CZ2 1 
ATOM   287 C CZ3 . TRP A 1 46  ? -7.790  7.145   -2.749  1.00 17.34 ? 38  TRP A CZ3 1 
ATOM   288 C CH2 . TRP A 1 46  ? -8.435  6.223   -3.639  1.00 17.10 ? 38  TRP A CH2 1 
ATOM   289 N N   . ILE A 1 47  ? -4.644  10.545  -3.559  1.00 16.75 ? 39  ILE A N   1 
ATOM   290 C CA  . ILE A 1 47  ? -4.003  9.928   -2.389  1.00 16.72 ? 39  ILE A CA  1 
ATOM   291 C C   . ILE A 1 47  ? -3.056  10.857  -1.658  1.00 16.37 ? 39  ILE A C   1 
ATOM   292 O O   . ILE A 1 47  ? -2.830  10.651  -0.482  1.00 16.14 ? 39  ILE A O   1 
ATOM   293 C CB  . ILE A 1 47  ? -3.250  8.633   -2.768  1.00 17.02 ? 39  ILE A CB  1 
ATOM   294 C CG1 . ILE A 1 47  ? -3.009  7.709   -1.556  1.00 19.05 ? 39  ILE A CG1 1 
ATOM   295 C CG2 . ILE A 1 47  ? -1.921  8.957   -3.416  1.00 17.30 ? 39  ILE A CG2 1 
ATOM   296 C CD1 . ILE A 1 47  ? -4.177  6.848   -1.159  1.00 18.43 ? 39  ILE A CD1 1 
ATOM   297 N N   . ASP A 1 48  ? -2.534  11.894  -2.323  1.00 16.28 ? 40  ASP A N   1 
ATOM   298 C CA  A ASP A 1 48  ? -1.451  12.712  -1.740  0.50 16.00 ? 40  ASP A CA  1 
ATOM   299 C CA  B ASP A 1 48  ? -1.487  12.753  -1.797  0.50 17.84 ? 40  ASP A CA  1 
ATOM   300 C C   . ASP A 1 48  ? -1.850  13.404  -0.436  1.00 16.84 ? 40  ASP A C   1 
ATOM   301 O O   . ASP A 1 48  ? -1.068  13.448  0.469   1.00 16.35 ? 40  ASP A O   1 
ATOM   302 C CB  A ASP A 1 48  ? -0.848  13.748  -2.711  0.50 15.79 ? 40  ASP A CB  1 
ATOM   303 C CB  B ASP A 1 48  ? -1.215  13.776  -2.902  0.50 20.62 ? 40  ASP A CB  1 
ATOM   304 C CG  A ASP A 1 48  ? -0.035  13.115  -3.814  0.50 14.07 ? 40  ASP A CG  1 
ATOM   305 C CG  B ASP A 1 48  ? -1.838  13.325  -4.240  0.50 20.91 ? 40  ASP A CG  1 
ATOM   306 O OD1 A ASP A 1 48  ? 0.009   11.887  -3.895  0.50 12.51 ? 40  ASP A OD1 1 
ATOM   307 O OD1 B ASP A 1 48  ? -1.153  12.624  -4.988  0.50 26.30 ? 40  ASP A OD1 1 
ATOM   308 O OD2 A ASP A 1 48  ? 0.568   13.851  -4.608  0.50 13.81 ? 40  ASP A OD2 1 
ATOM   309 O OD2 B ASP A 1 48  ? -3.040  13.555  -4.486  0.50 19.76 ? 40  ASP A OD2 1 
ATOM   310 N N   . PRO A 1 49  ? -3.067  13.918  -0.313  1.00 18.11 ? 41  PRO A N   1 
ATOM   311 C CA  . PRO A 1 49  ? -3.396  14.484  1.007   1.00 17.49 ? 41  PRO A CA  1 
ATOM   312 C C   . PRO A 1 49  ? -3.446  13.481  2.135   1.00 15.71 ? 41  PRO A C   1 
ATOM   313 O O   . PRO A 1 49  ? -3.247  13.847  3.308   1.00 16.34 ? 41  PRO A O   1 
ATOM   314 C CB  . PRO A 1 49  ? -4.770  15.105  0.788   1.00 18.43 ? 41  PRO A CB  1 
ATOM   315 C CG  . PRO A 1 49  ? -4.860  15.283  -0.694  1.00 19.93 ? 41  PRO A CG  1 
ATOM   316 C CD  . PRO A 1 49  ? -4.126  14.173  -1.307  1.00 18.30 ? 41  PRO A CD  1 
ATOM   317 N N   . ILE A 1 50  ? -3.785  12.243  1.805   1.00 15.11 ? 42  ILE A N   1 
ATOM   318 C CA  . ILE A 1 50  ? -3.922  11.155  2.791   1.00 14.74 ? 42  ILE A CA  1 
ATOM   319 C C   . ILE A 1 50  ? -2.519  10.797  3.199   1.00 14.75 ? 42  ILE A C   1 
ATOM   320 O O   . ILE A 1 50  ? -2.195  10.675  4.354   1.00 14.29 ? 42  ILE A O   1 
ATOM   321 C CB  . ILE A 1 50  ? -4.665  9.962   2.181   1.00 14.55 ? 42  ILE A CB  1 
ATOM   322 C CG1 . ILE A 1 50  ? -6.097  10.355  1.787   1.00 15.24 ? 42  ILE A CG1 1 
ATOM   323 C CG2 . ILE A 1 50  ? -4.726  8.771   3.123   1.00 14.99 ? 42  ILE A CG2 1 
ATOM   324 C CD1 . ILE A 1 50  ? -6.810  9.263   0.997   1.00 15.00 ? 42  ILE A CD1 1 
ATOM   325 N N   . VAL A 1 51  ? -1.629  10.705  2.233   1.00 15.37 ? 43  VAL A N   1 
ATOM   326 C CA  . VAL A 1 51  ? -0.216  10.483  2.559   1.00 15.95 ? 43  VAL A CA  1 
ATOM   327 C C   . VAL A 1 51  ? 0.276   11.548  3.507   1.00 16.45 ? 43  VAL A C   1 
ATOM   328 O O   . VAL A 1 51  ? 1.007   11.254  4.427   1.00 15.39 ? 43  VAL A O   1 
ATOM   329 C CB  . VAL A 1 51  ? 0.645   10.472  1.309   1.00 16.35 ? 43  VAL A CB  1 
ATOM   330 C CG1 . VAL A 1 51  ? 2.122   10.497  1.685   1.00 18.84 ? 43  VAL A CG1 1 
ATOM   331 C CG2 . VAL A 1 51  ? 0.297   9.263   0.455   1.00 16.61 ? 43  VAL A CG2 1 
ATOM   332 N N   . GLU A 1 52  ? -0.126  12.799  3.294   1.00 18.14 ? 44  GLU A N   1 
ATOM   333 C CA  . GLU A 1 52  ? 0.381   13.908  4.133   1.00 18.39 ? 44  GLU A CA  1 
ATOM   334 C C   . GLU A 1 52  ? -0.175  13.814  5.578   1.00 18.59 ? 44  GLU A C   1 
ATOM   335 O O   . GLU A 1 52  ? 0.577   13.917  6.561   1.00 18.68 ? 44  GLU A O   1 
ATOM   336 C CB  . GLU A 1 52  ? 0.081   15.256  3.464   1.00 21.71 ? 44  GLU A CB  1 
ATOM   337 C CG  . GLU A 1 52  ? 0.550   16.499  4.225   1.00 24.58 ? 44  GLU A CG  1 
ATOM   338 C CD  . GLU A 1 52  ? 0.127   17.778  3.491   1.00 27.87 ? 44  GLU A CD  1 
ATOM   339 O OE1 . GLU A 1 52  ? -0.315  18.722  4.170   1.00 28.88 ? 44  GLU A OE1 1 
ATOM   340 O OE2 . GLU A 1 52  ? 0.202   17.808  2.243   1.00 29.57 ? 44  GLU A OE2 1 
ATOM   341 N N   . GLN A 1 53  ? -1.469  13.566  5.712   1.00 17.00 ? 45  GLN A N   1 
ATOM   342 C CA  . GLN A 1 53  ? -2.026  13.345  7.007   1.00 17.03 ? 45  GLN A CA  1 
ATOM   343 C C   . GLN A 1 53  ? -1.315  12.172  7.726   1.00 15.94 ? 45  GLN A C   1 
ATOM   344 O O   . GLN A 1 53  ? -1.065  12.220  8.910   1.00 14.92 ? 45  GLN A O   1 
ATOM   345 C CB  . GLN A 1 53  ? -3.516  13.045  6.893   1.00 16.46 ? 45  GLN A CB  1 
ATOM   346 C CG  . GLN A 1 53  ? -4.059  12.449  8.165   1.00 17.69 ? 45  GLN A CG  1 
ATOM   347 C CD  . GLN A 1 53  ? -5.544  12.299  8.179   1.00 19.67 ? 45  GLN A CD  1 
ATOM   348 O OE1 . GLN A 1 53  ? -6.167  12.159  9.247   1.00 22.84 ? 45  GLN A OE1 1 
ATOM   349 N NE2 . GLN A 1 53  ? -6.134  12.313  7.010   1.00 20.57 ? 45  GLN A NE2 1 
ATOM   350 N N   . TYR A 1 54  ? -0.985  11.131  6.979   1.00 15.03 ? 46  TYR A N   1 
ATOM   351 C CA  . TYR A 1 54  ? -0.297  9.947   7.495   1.00 16.65 ? 46  TYR A CA  1 
ATOM   352 C C   . TYR A 1 54  ? 1.210   9.955   7.273   1.00 18.20 ? 46  TYR A C   1 
ATOM   353 O O   . TYR A 1 54  ? 1.835   8.923   7.127   1.00 20.17 ? 46  TYR A O   1 
ATOM   354 C CB  . TYR A 1 54  ? -0.952  8.712   6.881   1.00 16.40 ? 46  TYR A CB  1 
ATOM   355 C CG  . TYR A 1 54  ? -2.270  8.495   7.480   1.00 15.70 ? 46  TYR A CG  1 
ATOM   356 C CD1 . TYR A 1 54  ? -2.399  7.740   8.645   1.00 17.64 ? 46  TYR A CD1 1 
ATOM   357 C CD2 . TYR A 1 54  ? -3.410  9.085   6.948   1.00 16.44 ? 46  TYR A CD2 1 
ATOM   358 C CE1 . TYR A 1 54  ? -3.621  7.553   9.237   1.00 17.55 ? 46  TYR A CE1 1 
ATOM   359 C CE2 . TYR A 1 54  ? -4.634  8.904   7.541   1.00 16.76 ? 46  TYR A CE2 1 
ATOM   360 C CZ  . TYR A 1 54  ? -4.737  8.131   8.676   1.00 17.27 ? 46  TYR A CZ  1 
ATOM   361 O OH  . TYR A 1 54  ? -5.987  7.918   9.264   1.00 19.98 ? 46  TYR A OH  1 
ATOM   362 N N   . ASN A 1 55  ? 1.762   11.154  7.362   1.00 19.34 ? 47  ASN A N   1 
ATOM   363 C CA  . ASN A 1 55  ? 3.173   11.475  7.201   1.00 21.77 ? 47  ASN A CA  1 
ATOM   364 C C   . ASN A 1 55  ? 4.176   10.803  8.042   1.00 20.72 ? 47  ASN A C   1 
ATOM   365 O O   . ASN A 1 55  ? 5.356   10.717  7.696   1.00 19.90 ? 47  ASN A O   1 
ATOM   366 C CB  . ASN A 1 55  ? 3.351   12.972  7.565   1.00 25.67 ? 47  ASN A CB  1 
ATOM   367 C CG  . ASN A 1 55  ? 3.421   13.775  6.363   1.00 32.20 ? 47  ASN A CG  1 
ATOM   368 O OD1 . ASN A 1 55  ? 3.350   13.207  5.271   1.00 44.36 ? 47  ASN A OD1 1 
ATOM   369 N ND2 . ASN A 1 55  ? 3.554   15.071  6.500   1.00 38.59 ? 47  ASN A ND2 1 
ATOM   370 N N   . ASP A 1 56  ? 3.731   10.444  9.216   1.00 21.31 ? 48  ASP A N   1 
ATOM   371 C CA  . ASP A 1 56  ? 4.583   9.807   10.170  1.00 22.05 ? 48  ASP A CA  1 
ATOM   372 C C   . ASP A 1 56  ? 4.938   8.388   9.754   1.00 21.33 ? 48  ASP A C   1 
ATOM   373 O O   . ASP A 1 56  ? 5.902   7.817   10.292  1.00 24.22 ? 48  ASP A O   1 
ATOM   374 C CB  . ASP A 1 56  ? 3.912   9.836   11.528  1.00 22.12 ? 48  ASP A CB  1 
ATOM   375 C CG  . ASP A 1 56  ? 3.888   11.255  12.151  1.00 23.54 ? 48  ASP A CG  1 
ATOM   376 O OD1 . ASP A 1 56  ? 4.656   12.197  11.773  1.00 24.42 ? 48  ASP A OD1 1 
ATOM   377 O OD2 . ASP A 1 56  ? 3.072   11.404  13.044  1.00 25.92 ? 48  ASP A OD2 1 
ATOM   378 N N   . TYR A 1 57  ? 4.185   7.830   8.824   1.00 17.64 ? 49  TYR A N   1 
ATOM   379 C CA  . TYR A 1 57  ? 4.401   6.501   8.304   1.00 18.17 ? 49  TYR A CA  1 
ATOM   380 C C   . TYR A 1 57  ? 5.077   6.550   6.936   1.00 16.85 ? 49  TYR A C   1 
ATOM   381 O O   . TYR A 1 57  ? 4.863   7.460   6.137   1.00 15.55 ? 49  TYR A O   1 
ATOM   382 C CB  . TYR A 1 57  ? 3.079   5.701   8.253   1.00 18.43 ? 49  TYR A CB  1 
ATOM   383 C CG  . TYR A 1 57  ? 2.376   5.806   9.597   1.00 19.95 ? 49  TYR A CG  1 
ATOM   384 C CD1 . TYR A 1 57  ? 2.933   5.249   10.741  1.00 19.32 ? 49  TYR A CD1 1 
ATOM   385 C CD2 . TYR A 1 57  ? 1.188   6.496   9.717   1.00 24.14 ? 49  TYR A CD2 1 
ATOM   386 C CE1 . TYR A 1 57  ? 2.329   5.406   11.995  1.00 23.23 ? 49  TYR A CE1 1 
ATOM   387 C CE2 . TYR A 1 57  ? 0.541   6.645   10.948  1.00 26.49 ? 49  TYR A CE2 1 
ATOM   388 C CZ  . TYR A 1 57  ? 1.112   6.109   12.090  1.00 26.65 ? 49  TYR A CZ  1 
ATOM   389 O OH  . TYR A 1 57  ? 0.431   6.270   13.286  1.00 33.29 ? 49  TYR A OH  1 
ATOM   390 N N   . GLN A 1 58  ? 5.892   5.551   6.695   1.00 15.34 ? 50  GLN A N   1 
ATOM   391 C CA  . GLN A 1 58  ? 6.544   5.375   5.423   1.00 15.44 ? 50  GLN A CA  1 
ATOM   392 C C   . GLN A 1 58  ? 5.591   4.785   4.361   1.00 14.17 ? 50  GLN A C   1 
ATOM   393 O O   . GLN A 1 58  ? 5.006   3.719   4.565   1.00 14.21 ? 50  GLN A O   1 
ATOM   394 C CB  . GLN A 1 58  ? 7.712   4.414   5.652   1.00 17.85 ? 50  GLN A CB  1 
ATOM   395 C CG  . GLN A 1 58  ? 8.936   5.017   6.373   1.00 18.56 ? 50  GLN A CG  1 
ATOM   396 N N   . TRP A 1 59  ? 5.534   5.407   3.196   1.00 13.10 ? 51  TRP A N   1 
ATOM   397 C CA  . TRP A 1 59  ? 4.716   4.914   2.108   1.00 12.61 ? 51  TRP A CA  1 
ATOM   398 C C   . TRP A 1 59  ? 5.577   4.477   0.958   1.00 12.98 ? 51  TRP A C   1 
ATOM   399 O O   . TRP A 1 59  ? 6.546   5.179   0.548   1.00 11.18 ? 51  TRP A O   1 
ATOM   400 C CB  . TRP A 1 59  ? 3.758   5.974   1.618   1.00 12.59 ? 51  TRP A CB  1 
ATOM   401 C CG  . TRP A 1 59  ? 2.628   6.385   2.545   1.00 13.23 ? 51  TRP A CG  1 
ATOM   402 C CD1 . TRP A 1 59  ? 2.740   7.037   3.711   1.00 12.62 ? 51  TRP A CD1 1 
ATOM   403 C CD2 . TRP A 1 59  ? 1.216   6.232   2.298   1.00 12.46 ? 51  TRP A CD2 1 
ATOM   404 N NE1 . TRP A 1 59  ? 1.505   7.291   4.238   1.00 12.48 ? 51  TRP A NE1 1 
ATOM   405 C CE2 . TRP A 1 59  ? 0.548   6.810   3.372   1.00 12.87 ? 51  TRP A CE2 1 
ATOM   406 C CE3 . TRP A 1 59  ? 0.468   5.691   1.251   1.00 12.87 ? 51  TRP A CE3 1 
ATOM   407 C CZ2 . TRP A 1 59  ? -0.837  6.866   3.438   1.00 11.94 ? 51  TRP A CZ2 1 
ATOM   408 C CZ3 . TRP A 1 59  ? -0.877  5.735   1.320   1.00 12.69 ? 51  TRP A CZ3 1 
ATOM   409 C CH2 . TRP A 1 59  ? -1.532  6.321   2.407   1.00 12.12 ? 51  TRP A CH2 1 
ATOM   410 N N   . TYR A 1 60  ? 5.197   3.332   0.418   1.00 12.84 ? 52  TYR A N   1 
ATOM   411 C CA  . TYR A 1 60  ? 5.899   2.736   -0.729  1.00 12.68 ? 52  TYR A CA  1 
ATOM   412 C C   . TYR A 1 60  ? 4.958   2.273   -1.768  1.00 11.86 ? 52  TYR A C   1 
ATOM   413 O O   . TYR A 1 60  ? 3.772   2.104   -1.507  1.00 11.35 ? 52  TYR A O   1 
ATOM   414 C CB  . TYR A 1 60  ? 6.742   1.514   -0.266  1.00 14.13 ? 52  TYR A CB  1 
ATOM   415 C CG  . TYR A 1 60  ? 7.807   1.882   0.710   1.00 15.15 ? 52  TYR A CG  1 
ATOM   416 C CD1 . TYR A 1 60  ? 7.581   1.750   2.073   1.00 16.39 ? 52  TYR A CD1 1 
ATOM   417 C CD2 . TYR A 1 60  ? 8.983   2.475   0.292   1.00 17.49 ? 52  TYR A CD2 1 
ATOM   418 C CE1 . TYR A 1 60  ? 8.533   2.112   2.980   1.00 16.18 ? 52  TYR A CE1 1 
ATOM   419 C CE2 . TYR A 1 60  ? 9.948   2.858   1.208   1.00 16.81 ? 52  TYR A CE2 1 
ATOM   420 C CZ  . TYR A 1 60  ? 9.691   2.660   2.554   1.00 17.34 ? 52  TYR A CZ  1 
ATOM   421 O OH  . TYR A 1 60  ? 10.601  3.015   3.503   1.00 18.51 ? 52  TYR A OH  1 
ATOM   422 N N   . THR A 1 61  ? 5.471   1.996   -2.967  1.00 12.19 ? 53  THR A N   1 
ATOM   423 C CA  . THR A 1 61  ? 4.678   1.302   -3.992  1.00 14.58 ? 53  THR A CA  1 
ATOM   424 C C   . THR A 1 61  ? 5.378   0.014   -4.394  1.00 14.54 ? 53  THR A C   1 
ATOM   425 O O   . THR A 1 61  ? 6.647   -0.069  -4.418  1.00 13.48 ? 53  THR A O   1 
ATOM   426 C CB  . THR A 1 61  ? 4.510   2.144   -5.278  1.00 17.01 ? 53  THR A CB  1 
ATOM   427 O OG1 . THR A 1 61  ? 5.809   2.541   -5.745  1.00 19.09 ? 53  THR A OG1 1 
ATOM   428 C CG2 . THR A 1 61  ? 3.748   3.335   -4.995  1.00 18.57 ? 53  THR A CG2 1 
ATOM   429 N N   . VAL A 1 62  ? 4.565   -0.978  -4.755  1.00 15.09 ? 54  VAL A N   1 
ATOM   430 C CA  . VAL A 1 62  ? 5.079   -2.195  -5.382  1.00 14.56 ? 54  VAL A CA  1 
ATOM   431 C C   . VAL A 1 62  ? 4.368   -2.404  -6.729  1.00 15.73 ? 54  VAL A C   1 
ATOM   432 O O   . VAL A 1 62  ? 3.155   -2.386  -6.807  1.00 15.69 ? 54  VAL A O   1 
ATOM   433 C CB  . VAL A 1 62  ? 4.937   -3.396  -4.431  1.00 15.15 ? 54  VAL A CB  1 
ATOM   434 C CG1 . VAL A 1 62  ? 5.067   -4.739  -5.133  1.00 14.74 ? 54  VAL A CG1 1 
ATOM   435 C CG2 . VAL A 1 62  ? 5.907   -3.321  -3.252  1.00 14.86 ? 54  VAL A CG2 1 
ATOM   436 N N   . ASN A 1 63  ? 5.131   -2.599  -7.795  1.00 14.50 ? 55  ASN A N   1 
ATOM   437 C CA  . ASN A 1 63  ? 4.538   -3.005  -9.046  1.00 15.84 ? 55  ASN A CA  1 
ATOM   438 C C   . ASN A 1 63  ? 4.210   -4.481  -9.010  1.00 15.64 ? 55  ASN A C   1 
ATOM   439 O O   . ASN A 1 63  ? 5.093   -5.362  -8.804  1.00 15.62 ? 55  ASN A O   1 
ATOM   440 C CB  . ASN A 1 63  ? 5.424   -2.623  -10.224 1.00 17.13 ? 55  ASN A CB  1 
ATOM   441 C CG  . ASN A 1 63  ? 4.745   -2.871  -11.522 1.00 18.83 ? 55  ASN A CG  1 
ATOM   442 O OD1 . ASN A 1 63  ? 4.256   -1.955  -12.196 1.00 21.93 ? 55  ASN A OD1 1 
ATOM   443 N ND2 . ASN A 1 63  ? 4.616   -4.111  -11.843 1.00 18.54 ? 55  ASN A ND2 1 
ATOM   444 N N   . ARG A 1 64  ? 2.927   -4.747  -9.170  1.00 16.07 ? 56  ARG A N   1 
ATOM   445 C CA  . ARG A 1 64  ? 2.363   -6.078  -9.026  1.00 19.14 ? 56  ARG A CA  1 
ATOM   446 C C   . ARG A 1 64  ? 2.970   -7.109  -9.975  1.00 19.04 ? 56  ARG A C   1 
ATOM   447 O O   . ARG A 1 64  ? 3.130   -8.288  -9.607  1.00 18.76 ? 56  ARG A O   1 
ATOM   448 C CB  . ARG A 1 64  ? 0.867   -5.996  -9.294  1.00 19.38 ? 56  ARG A CB  1 
ATOM   449 C CG  . ARG A 1 64  ? 0.046   -7.204  -8.891  1.00 22.64 ? 56  ARG A CG  1 
ATOM   450 C CD  . ARG A 1 64  ? -0.173  -8.263  -9.982  1.00 25.55 ? 56  ARG A CD  1 
ATOM   451 N NE  . ARG A 1 64  ? -0.175  -7.741  -11.347 1.00 26.41 ? 56  ARG A NE  1 
ATOM   452 C CZ  . ARG A 1 64  ? -1.256  -7.247  -11.980 1.00 32.96 ? 56  ARG A CZ  1 
ATOM   453 N NH1 . ARG A 1 64  ? -2.452  -7.218  -11.360 1.00 34.81 ? 56  ARG A NH1 1 
ATOM   454 N NH2 . ARG A 1 64  ? -1.156  -6.739  -13.240 1.00 29.76 ? 56  ARG A NH2 1 
ATOM   455 N N   . ASP A 1 65  ? 3.306   -6.676  -11.195 1.00 18.49 ? 57  ASP A N   1 
ATOM   456 C CA  . ASP A 1 65  ? 3.953   -7.591  -12.183 1.00 19.82 ? 57  ASP A CA  1 
ATOM   457 C C   . ASP A 1 65  ? 5.471   -7.810  -12.019 1.00 20.56 ? 57  ASP A C   1 
ATOM   458 O O   . ASP A 1 65  ? 6.000   -8.836  -12.368 1.00 21.78 ? 57  ASP A O   1 
ATOM   459 C CB  . ASP A 1 65  ? 3.574   -7.146  -13.593 1.00 20.90 ? 57  ASP A CB  1 
ATOM   460 C CG  . ASP A 1 65  ? 2.081   -7.249  -13.832 1.00 19.47 ? 57  ASP A CG  1 
ATOM   461 O OD1 . ASP A 1 65  ? 1.499   -8.265  -13.492 1.00 21.03 ? 57  ASP A OD1 1 
ATOM   462 O OD2 . ASP A 1 65  ? 1.458   -6.310  -14.321 1.00 21.07 ? 57  ASP A OD2 1 
ATOM   463 N N   . GLU A 1 66  ? 6.105   -6.869  -11.344 1.00 21.15 ? 58  GLU A N   1 
ATOM   464 C CA  . GLU A 1 66  ? 7.515   -6.834  -11.062 1.00 21.55 ? 58  GLU A CA  1 
ATOM   465 C C   . GLU A 1 66  ? 7.907   -7.702  -9.851  1.00 21.57 ? 58  GLU A C   1 
ATOM   466 O O   . GLU A 1 66  ? 8.918   -8.377  -9.882  1.00 19.48 ? 58  GLU A O   1 
ATOM   467 C CB  . GLU A 1 66  ? 7.817   -5.392  -10.777 1.00 24.60 ? 58  GLU A CB  1 
ATOM   468 C CG  . GLU A 1 66  ? 9.230   -4.966  -10.687 1.00 25.80 ? 58  GLU A CG  1 
ATOM   469 C CD  . GLU A 1 66  ? 9.261   -3.478  -10.862 1.00 32.14 ? 58  GLU A CD  1 
ATOM   470 O OE1 . GLU A 1 66  ? 8.915   -3.039  -11.994 1.00 41.06 ? 58  GLU A OE1 1 
ATOM   471 O OE2 . GLU A 1 66  ? 9.535   -2.765  -9.868  1.00 30.08 ? 58  GLU A OE2 1 
ATOM   472 N N   . LEU A 1 67  ? 7.099   -7.711  -8.790  1.00 17.79 ? 59  LEU A N   1 
ATOM   473 C CA  . LEU A 1 67  ? 7.376   -8.569  -7.636  1.00 18.55 ? 59  LEU A CA  1 
ATOM   474 C C   . LEU A 1 67  ? 6.252   -9.547  -7.380  1.00 18.55 ? 59  LEU A C   1 
ATOM   475 O O   . LEU A 1 67  ? 5.588   -9.478  -6.357  1.00 14.54 ? 59  LEU A O   1 
ATOM   476 C CB  . LEU A 1 67  ? 7.611   -7.706  -6.415  1.00 17.62 ? 59  LEU A CB  1 
ATOM   477 C CG  . LEU A 1 67  ? 8.771   -6.703  -6.527  1.00 17.79 ? 59  LEU A CG  1 
ATOM   478 C CD1 . LEU A 1 67  ? 8.809   -5.762  -5.344  1.00 16.97 ? 59  LEU A CD1 1 
ATOM   479 C CD2 . LEU A 1 67  ? 10.075  -7.488  -6.656  1.00 19.63 ? 59  LEU A CD2 1 
ATOM   480 N N   . GLU A 1 68  ? 6.042   -10.487 -8.301  1.00 20.63 ? 60  GLU A N   1 
ATOM   481 C CA  . GLU A 1 68  ? 4.951   -11.441 -8.118  1.00 22.12 ? 60  GLU A CA  1 
ATOM   482 C C   . GLU A 1 68  ? 5.018   -12.249 -6.838  1.00 22.59 ? 60  GLU A C   1 
ATOM   483 O O   . GLU A 1 68  ? 3.960   -12.573 -6.277  1.00 20.18 ? 60  GLU A O   1 
ATOM   484 C CB  . GLU A 1 68  ? 4.910   -12.471 -9.240  1.00 28.62 ? 60  GLU A CB  1 
ATOM   485 C CG  . GLU A 1 68  ? 3.798   -13.536 -9.077  1.00 29.93 ? 60  GLU A CG  1 
ATOM   486 C CD  . GLU A 1 68  ? 3.688   -14.428 -10.315 1.00 33.93 ? 60  GLU A CD  1 
ATOM   487 O OE1 . GLU A 1 68  ? 4.721   -15.043 -10.682 1.00 32.73 ? 60  GLU A OE1 1 
ATOM   488 O OE2 . GLU A 1 68  ? 2.595   -14.476 -10.933 1.00 37.18 ? 60  GLU A OE2 1 
ATOM   489 N N   . ASP A 1 69  ? 6.229   -12.657 -6.444  1.00 22.97 ? 61  ASP A N   1 
ATOM   490 C CA  . ASP A 1 69  ? 6.444   -13.456 -5.241  1.00 24.81 ? 61  ASP A CA  1 
ATOM   491 C C   . ASP A 1 69  ? 5.853   -12.736 -4.040  1.00 21.10 ? 61  ASP A C   1 
ATOM   492 O O   . ASP A 1 69  ? 5.172   -13.323 -3.256  1.00 22.18 ? 61  ASP A O   1 
ATOM   493 C CB  . ASP A 1 69  ? 7.927   -13.635 -4.908  1.00 26.90 ? 61  ASP A CB  1 
ATOM   494 C CG  . ASP A 1 69  ? 8.654   -14.596 -5.821  1.00 31.20 ? 61  ASP A CG  1 
ATOM   495 O OD1 . ASP A 1 69  ? 8.035   -15.155 -6.755  1.00 32.21 ? 61  ASP A OD1 1 
ATOM   496 O OD2 . ASP A 1 69  ? 9.884   -14.769 -5.589  1.00 30.85 ? 61  ASP A OD2 1 
ATOM   497 N N   . VAL A 1 70  ? 6.191   -11.469 -3.888  1.00 19.01 ? 62  VAL A N   1 
ATOM   498 C CA  . VAL A 1 70  ? 5.623   -10.612 -2.834  1.00 18.13 ? 62  VAL A CA  1 
ATOM   499 C C   . VAL A 1 70  ? 4.073   -10.559 -2.915  1.00 18.14 ? 62  VAL A C   1 
ATOM   500 O O   . VAL A 1 70  ? 3.360   -10.581 -1.888  1.00 16.81 ? 62  VAL A O   1 
ATOM   501 C CB  . VAL A 1 70  ? 6.218   -9.189  -2.931  1.00 17.21 ? 62  VAL A CB  1 
ATOM   502 C CG1 . VAL A 1 70  ? 5.558   -8.237  -1.985  1.00 17.07 ? 62  VAL A CG1 1 
ATOM   503 C CG2 . VAL A 1 70  ? 7.685   -9.208  -2.568  1.00 18.56 ? 62  VAL A CG2 1 
ATOM   504 N N   . VAL A 1 71  ? 3.578   -10.381 -4.136  1.00 18.24 ? 63  VAL A N   1 
ATOM   505 C CA  . VAL A 1 71  ? 2.154   -10.178 -4.404  1.00 17.68 ? 63  VAL A CA  1 
ATOM   506 C C   . VAL A 1 71  ? 1.459   -11.434 -3.922  1.00 18.54 ? 63  VAL A C   1 
ATOM   507 O O   . VAL A 1 71  ? 0.492   -11.355 -3.165  1.00 17.31 ? 63  VAL A O   1 
ATOM   508 C CB  . VAL A 1 71  ? 1.868   -9.933  -5.914  1.00 16.30 ? 63  VAL A CB  1 
ATOM   509 C CG1 . VAL A 1 71  ? 0.384   -10.111 -6.247  1.00 16.89 ? 63  VAL A CG1 1 
ATOM   510 C CG2 . VAL A 1 71  ? 2.278   -8.529  -6.292  1.00 16.36 ? 63  VAL A CG2 1 
ATOM   511 N N   . VAL A 1 72  ? 1.962   -12.607 -4.314  1.00 17.33 ? 64  VAL A N   1 
ATOM   512 C CA  . VAL A 1 72  ? 1.162   -13.791 -4.085  1.00 18.42 ? 64  VAL A CA  1 
ATOM   513 C C   . VAL A 1 72  ? 1.226   -14.181 -2.606  1.00 16.87 ? 64  VAL A C   1 
ATOM   514 O O   . VAL A 1 72  ? 0.221   -14.547 -2.001  1.00 14.40 ? 64  VAL A O   1 
ATOM   515 C CB  . VAL A 1 72  ? 1.434   -15.002 -5.009  1.00 20.48 ? 64  VAL A CB  1 
ATOM   516 C CG1 . VAL A 1 72  ? 1.624   -14.618 -6.484  1.00 19.93 ? 64  VAL A CG1 1 
ATOM   517 C CG2 . VAL A 1 72  ? 2.553   -15.847 -4.476  1.00 22.71 ? 64  VAL A CG2 1 
ATOM   518 N N   . GLU A 1 73  ? 2.398   -14.009 -2.020  1.00 18.08 ? 65  GLU A N   1 
ATOM   519 C CA  . GLU A 1 73  ? 2.587   -14.368 -0.660  1.00 19.76 ? 65  GLU A CA  1 
ATOM   520 C C   . GLU A 1 73  ? 1.919   -13.402 0.336   1.00 18.82 ? 65  GLU A C   1 
ATOM   521 O O   . GLU A 1 73  ? 1.589   -13.774 1.474   1.00 18.57 ? 65  GLU A O   1 
ATOM   522 C CB  . GLU A 1 73  ? 4.088   -14.513 -0.395  1.00 22.10 ? 65  GLU A CB  1 
ATOM   523 C CG  . GLU A 1 73  ? 4.344   -15.364 0.812   1.00 25.56 ? 65  GLU A CG  1 
ATOM   524 C CD  . GLU A 1 73  ? 3.777   -16.766 0.682   1.00 25.94 ? 65  GLU A CD  1 
ATOM   525 O OE1 . GLU A 1 73  ? 3.690   -17.316 -0.475  1.00 26.08 ? 65  GLU A OE1 1 
ATOM   526 O OE2 . GLU A 1 73  ? 3.424   -17.274 1.757   1.00 26.75 ? 65  GLU A OE2 1 
ATOM   527 N N   . ASN A 1 74  ? 1.741   -12.159 -0.069  1.00 17.88 ? 66  ASN A N   1 
ATOM   528 C CA  . ASN A 1 74  ? 0.965   -11.243 0.735   1.00 17.23 ? 66  ASN A CA  1 
ATOM   529 C C   . ASN A 1 74  ? -0.506  -11.266 0.373   1.00 15.02 ? 66  ASN A C   1 
ATOM   530 O O   . ASN A 1 74  ? -1.240  -10.465 0.913   1.00 13.60 ? 66  ASN A O   1 
ATOM   531 C CB  . ASN A 1 74  ? 1.545   -9.833  0.684   1.00 18.08 ? 66  ASN A CB  1 
ATOM   532 C CG  . ASN A 1 74  ? 2.829   -9.736  1.466   1.00 20.07 ? 66  ASN A CG  1 
ATOM   533 O OD1 . ASN A 1 74  ? 2.807   -9.599  2.698   1.00 21.07 ? 66  ASN A OD1 1 
ATOM   534 N ND2 . ASN A 1 74  ? 3.952   -9.877  0.783   1.00 19.21 ? 66  ASN A ND2 1 
ATOM   535 N N   . GLU A 1 75  ? -0.924  -12.189 -0.508  1.00 14.19 ? 67  GLU A N   1 
ATOM   536 C CA  . GLU A 1 75  ? -2.366  -12.420 -0.795  1.00 14.66 ? 67  GLU A CA  1 
ATOM   537 C C   . GLU A 1 75  ? -3.053  -11.173 -1.363  1.00 13.90 ? 67  GLU A C   1 
ATOM   538 O O   . GLU A 1 75  ? -4.181  -10.852 -1.009  1.00 13.79 ? 67  GLU A O   1 
ATOM   539 C CB  . GLU A 1 75  ? -3.062  -12.934 0.452   1.00 14.49 ? 67  GLU A CB  1 
ATOM   540 C CG  . GLU A 1 75  ? -2.396  -14.226 0.906   1.00 15.42 ? 67  GLU A CG  1 
ATOM   541 C CD  . GLU A 1 75  ? -2.898  -14.825 2.201   1.00 16.31 ? 67  GLU A CD  1 
ATOM   542 O OE1 . GLU A 1 75  ? -3.693  -14.261 2.922   1.00 17.25 ? 67  GLU A OE1 1 
ATOM   543 O OE2 . GLU A 1 75  ? -2.453  -15.920 2.493   1.00 18.96 ? 67  GLU A OE2 1 
ATOM   544 N N   . VAL A 1 76  ? -2.291  -10.482 -2.218  1.00 13.86 ? 68  VAL A N   1 
ATOM   545 C CA  . VAL A 1 76  ? -2.753  -9.302  -2.952  1.00 13.45 ? 68  VAL A CA  1 
ATOM   546 C C   . VAL A 1 76  ? -3.615  -9.770  -4.117  1.00 15.01 ? 68  VAL A C   1 
ATOM   547 O O   . VAL A 1 76  ? -3.106  -10.393 -5.100  1.00 15.32 ? 68  VAL A O   1 
ATOM   548 C CB  . VAL A 1 76  ? -1.546  -8.450  -3.413  1.00 13.27 ? 68  VAL A CB  1 
ATOM   549 C CG1 . VAL A 1 76  ? -1.994  -7.359  -4.394  1.00 13.05 ? 68  VAL A CG1 1 
ATOM   550 C CG2 . VAL A 1 76  ? -0.950  -7.820  -2.160  1.00 13.24 ? 68  VAL A CG2 1 
ATOM   551 N N   . MET A 1 77  ? -4.910  -9.484  -4.025  1.00 15.15 ? 69  MET A N   1 
ATOM   552 C CA  . MET A 1 77  ? -5.853  -10.136 -4.936  1.00 17.16 ? 69  MET A CA  1 
ATOM   553 C C   . MET A 1 77  ? -6.398  -9.263  -6.069  1.00 16.05 ? 69  MET A C   1 
ATOM   554 O O   . MET A 1 77  ? -7.146  -9.743  -6.940  1.00 18.18 ? 69  MET A O   1 
ATOM   555 C CB  . MET A 1 77  ? -7.019  -10.781 -4.127  1.00 17.17 ? 69  MET A CB  1 
ATOM   556 C CG  . MET A 1 77  ? -6.590  -11.734 -3.003  1.00 17.69 ? 69  MET A CG  1 
ATOM   557 S SD  . MET A 1 77  ? -5.601  -13.107 -3.604  1.00 22.16 ? 69  MET A SD  1 
ATOM   558 C CE  . MET A 1 77  ? -5.510  -14.353 -2.307  1.00 26.78 ? 69  MET A CE  1 
ATOM   559 N N   . GLY A 1 78  ? -6.009  -8.014  -6.072  1.00 14.49 ? 70  GLY A N   1 
ATOM   560 C CA  . GLY A 1 78  ? -6.447  -7.058  -7.084  1.00 13.59 ? 70  GLY A CA  1 
ATOM   561 C C   . GLY A 1 78  ? -5.657  -5.796  -6.794  1.00 13.51 ? 70  GLY A C   1 
ATOM   562 O O   . GLY A 1 78  ? -4.921  -5.759  -5.832  1.00 12.83 ? 70  GLY A O   1 
ATOM   563 N N   . ILE A 1 79  ? -5.745  -4.812  -7.681  1.00 14.23 ? 71  ILE A N   1 
ATOM   564 C CA  . ILE A 1 79  ? -5.038  -3.562  -7.591  1.00 13.61 ? 71  ILE A CA  1 
ATOM   565 C C   . ILE A 1 79  ? -6.002  -2.399  -7.902  1.00 13.31 ? 71  ILE A C   1 
ATOM   566 O O   . ILE A 1 79  ? -6.917  -2.556  -8.700  1.00 13.49 ? 71  ILE A O   1 
ATOM   567 C CB  . ILE A 1 79  ? -3.831  -3.495  -8.569  1.00 15.46 ? 71  ILE A CB  1 
ATOM   568 C CG1 . ILE A 1 79  ? -4.276  -3.782  -10.031 1.00 17.04 ? 71  ILE A CG1 1 
ATOM   569 C CG2 . ILE A 1 79  ? -2.737  -4.434  -8.078  1.00 16.01 ? 71  ILE A CG2 1 
ATOM   570 C CD1 . ILE A 1 79  ? -3.159  -3.780  -11.061 1.00 18.84 ? 71  ILE A CD1 1 
ATOM   571 N N   . PRO A 1 80  ? -5.801  -1.236  -7.276  1.00 12.48 ? 72  PRO A N   1 
ATOM   572 C CA  . PRO A 1 80  ? -4.772  -0.985  -6.229  1.00 11.86 ? 72  PRO A CA  1 
ATOM   573 C C   . PRO A 1 80  ? -5.194  -1.606  -4.900  1.00 11.79 ? 72  PRO A C   1 
ATOM   574 O O   . PRO A 1 80  ? -6.336  -1.510  -4.534  1.00 11.57 ? 72  PRO A O   1 
ATOM   575 C CB  . PRO A 1 80  ? -4.781  0.554   -6.100  1.00 12.26 ? 72  PRO A CB  1 
ATOM   576 C CG  . PRO A 1 80  ? -6.220  0.912   -6.376  1.00 11.81 ? 72  PRO A CG  1 
ATOM   577 C CD  . PRO A 1 80  ? -6.654  -0.041  -7.490  1.00 11.94 ? 72  PRO A CD  1 
ATOM   578 N N   . SER A 1 81  ? -4.287  -2.277  -4.204  1.00 12.61 ? 73  SER A N   1 
ATOM   579 C CA  . SER A 1 81  ? -4.504  -2.665  -2.817  1.00 12.49 ? 73  SER A CA  1 
ATOM   580 C C   . SER A 1 81  ? -3.545  -1.869  -1.892  1.00 13.23 ? 73  SER A C   1 
ATOM   581 O O   . SER A 1 81  ? -2.440  -1.552  -2.307  1.00 13.68 ? 73  SER A O   1 
ATOM   582 C CB  . SER A 1 81  ? -4.263  -4.184  -2.688  1.00 12.24 ? 73  SER A CB  1 
ATOM   583 O OG  . SER A 1 81  ? -5.198  -4.942  -3.467  1.00 11.79 ? 73  SER A OG  1 
ATOM   584 N N   . LEU A 1 82  ? -3.949  -1.586  -0.651  1.00 12.55 ? 74  LEU A N   1 
ATOM   585 C CA  . LEU A 1 82  ? -3.127  -0.887  0.338   1.00 13.00 ? 74  LEU A CA  1 
ATOM   586 C C   . LEU A 1 82  ? -2.940  -1.799  1.564   1.00 12.31 ? 74  LEU A C   1 
ATOM   587 O O   . LEU A 1 82  ? -3.921  -2.174  2.201   1.00 12.65 ? 74  LEU A O   1 
ATOM   588 C CB  . LEU A 1 82  ? -3.834  0.383   0.770   1.00 14.65 ? 74  LEU A CB  1 
ATOM   589 C CG  . LEU A 1 82  ? -3.071  1.663   1.147   1.00 17.97 ? 74  LEU A CG  1 
ATOM   590 C CD1 . LEU A 1 82  ? -2.111  2.040   0.034   1.00 17.73 ? 74  LEU A CD1 1 
ATOM   591 C CD2 . LEU A 1 82  ? -4.085  2.784   1.361   1.00 18.60 ? 74  LEU A CD2 1 
ATOM   592 N N   . LEU A 1 83  ? -1.695  -2.209  1.840   1.00 11.56 ? 75  LEU A N   1 
ATOM   593 C CA  . LEU A 1 83  ? -1.381  -3.102  2.950   1.00 12.44 ? 75  LEU A CA  1 
ATOM   594 C C   . LEU A 1 83  ? -0.443  -2.370  3.897   1.00 13.12 ? 75  LEU A C   1 
ATOM   595 O O   . LEU A 1 83  ? 0.359   -1.488  3.477   1.00 14.35 ? 75  LEU A O   1 
ATOM   596 C CB  . LEU A 1 83  ? -0.759  -4.432  2.560   1.00 12.95 ? 75  LEU A CB  1 
ATOM   597 C CG  . LEU A 1 83  ? -1.187  -5.324  1.394   1.00 13.19 ? 75  LEU A CG  1 
ATOM   598 C CD1 . LEU A 1 83  ? -0.694  -6.736  1.543   1.00 14.45 ? 75  LEU A CD1 1 
ATOM   599 C CD2 . LEU A 1 83  ? -2.545  -5.143  0.678   1.00 12.90 ? 75  LEU A CD2 1 
ATOM   600 N N   . VAL A 1 84  ? -0.645  -2.644  5.174   1.00 12.40 ? 76  VAL A N   1 
ATOM   601 C CA  . VAL A 1 84  ? 0.082   -1.948  6.230   1.00 11.49 ? 76  VAL A CA  1 
ATOM   602 C C   . VAL A 1 84  ? 0.877   -3.003  6.969   1.00 11.94 ? 76  VAL A C   1 
ATOM   603 O O   . VAL A 1 84  ? 0.355   -4.076  7.218   1.00 12.83 ? 76  VAL A O   1 
ATOM   604 C CB  . VAL A 1 84  ? -0.917  -1.276  7.143   1.00 11.20 ? 76  VAL A CB  1 
ATOM   605 C CG1 . VAL A 1 84  ? -0.198  -0.526  8.248   1.00 11.78 ? 76  VAL A CG1 1 
ATOM   606 C CG2 . VAL A 1 84  ? -1.767  -0.328  6.326   1.00 11.81 ? 76  VAL A CG2 1 
ATOM   607 N N   . PHE A 1 85  ? 2.137   -2.698  7.313   1.00 11.67 ? 77  PHE A N   1 
ATOM   608 C CA  . PHE A 1 85  ? 3.043   -3.658  7.960   1.00 11.99 ? 77  PHE A CA  1 
ATOM   609 C C   . PHE A 1 85  ? 3.691   -3.001  9.182   1.00 14.07 ? 77  PHE A C   1 
ATOM   610 O O   . PHE A 1 85  ? 3.883   -1.796  9.201   1.00 12.01 ? 77  PHE A O   1 
ATOM   611 C CB  . PHE A 1 85  ? 4.126   -4.075  6.990   1.00 11.45 ? 77  PHE A CB  1 
ATOM   612 C CG  . PHE A 1 85  ? 3.627   -4.830  5.767   1.00 11.26 ? 77  PHE A CG  1 
ATOM   613 C CD1 . PHE A 1 85  ? 3.577   -6.204  5.765   1.00 11.14 ? 77  PHE A CD1 1 
ATOM   614 C CD2 . PHE A 1 85  ? 3.166   -4.122  4.643   1.00 11.87 ? 77  PHE A CD2 1 
ATOM   615 C CE1 . PHE A 1 85  ? 3.114   -6.875  4.626   1.00 12.54 ? 77  PHE A CE1 1 
ATOM   616 C CE2 . PHE A 1 85  ? 2.721   -4.759  3.523   1.00 11.58 ? 77  PHE A CE2 1 
ATOM   617 C CZ  . PHE A 1 85  ? 2.678   -6.140  3.515   1.00 11.11 ? 77  PHE A CZ  1 
ATOM   618 N N   . LYS A 1 86  ? 4.101   -3.811  10.145  1.00 15.08 ? 78  LYS A N   1 
ATOM   619 C CA  . LYS A 1 86  ? 4.832   -3.318  11.341  1.00 16.84 ? 78  LYS A CA  1 
ATOM   620 C C   . LYS A 1 86  ? 5.591   -4.497  11.822  1.00 16.69 ? 78  LYS A C   1 
ATOM   621 O O   . LYS A 1 86  ? 4.981   -5.549  12.031  1.00 14.27 ? 78  LYS A O   1 
ATOM   622 C CB  . LYS A 1 86  ? 3.840   -2.865  12.442  1.00 19.00 ? 78  LYS A CB  1 
ATOM   623 C CG  . LYS A 1 86  ? 4.463   -2.133  13.627  1.00 23.86 ? 78  LYS A CG  1 
ATOM   624 C CD  . LYS A 1 86  ? 3.446   -1.938  14.763  1.00 25.84 ? 78  LYS A CD  1 
ATOM   625 C CE  . LYS A 1 86  ? 4.019   -1.298  16.037  1.00 30.11 ? 78  LYS A CE  1 
ATOM   626 N NZ  . LYS A 1 86  ? 4.413   0.152   15.990  1.00 29.18 ? 78  LYS A NZ  1 
ATOM   627 N N   . ASN A 1 87  ? 6.903   -4.347  11.991  1.00 17.44 ? 79  ASN A N   1 
ATOM   628 C CA  . ASN A 1 87  ? 7.773   -5.451  12.434  1.00 19.16 ? 79  ASN A CA  1 
ATOM   629 C C   . ASN A 1 87  ? 7.609   -6.739  11.688  1.00 18.73 ? 79  ASN A C   1 
ATOM   630 O O   . ASN A 1 87  ? 7.648   -7.823  12.266  1.00 18.19 ? 79  ASN A O   1 
ATOM   631 C CB  . ASN A 1 87  ? 7.573   -5.712  13.903  1.00 21.91 ? 79  ASN A CB  1 
ATOM   632 C CG  . ASN A 1 87  ? 7.878   -4.492  14.726  1.00 25.29 ? 79  ASN A CG  1 
ATOM   633 O OD1 . ASN A 1 87  ? 9.007   -3.997  14.709  1.00 28.15 ? 79  ASN A OD1 1 
ATOM   634 N ND2 . ASN A 1 87  ? 6.856   -3.933  15.351  1.00 25.93 ? 79  ASN A ND2 1 
ATOM   635 N N   . GLY A 1 88  ? 7.360   -6.594  10.394  1.00 19.36 ? 80  GLY A N   1 
ATOM   636 C CA  . GLY A 1 88  ? 7.327   -7.713  9.498   1.00 17.52 ? 80  GLY A CA  1 
ATOM   637 C C   . GLY A 1 88  ? 5.970   -8.294  9.330   1.00 17.16 ? 80  GLY A C   1 
ATOM   638 O O   . GLY A 1 88  ? 5.796   -9.053  8.429   1.00 19.64 ? 80  GLY A O   1 
ATOM   639 N N   . ASP A 1 89  ? 5.026   -7.953  10.207  1.00 16.61 ? 81  ASP A N   1 
ATOM   640 C CA  . ASP A 1 89  ? 3.652   -8.526  10.212  1.00 17.16 ? 81  ASP A CA  1 
ATOM   641 C C   . ASP A 1 89  ? 2.763   -7.631  9.359   1.00 16.04 ? 81  ASP A C   1 
ATOM   642 O O   . ASP A 1 89  ? 2.831   -6.403  9.474   1.00 16.33 ? 81  ASP A O   1 
ATOM   643 C CB  . ASP A 1 89  ? 3.124   -8.490  11.642  1.00 19.12 ? 81  ASP A CB  1 
ATOM   644 C CG  . ASP A 1 89  ? 4.018   -9.310  12.665  1.00 23.04 ? 81  ASP A CG  1 
ATOM   645 O OD1 . ASP A 1 89  ? 4.450   -10.416 12.312  1.00 27.55 ? 81  ASP A OD1 1 
ATOM   646 O OD2 . ASP A 1 89  ? 4.294   -8.830  13.801  1.00 27.55 ? 81  ASP A OD2 1 
ATOM   647 N N   . LYS A 1 90  ? 1.914   -8.230  8.540   1.00 16.07 ? 82  LYS A N   1 
ATOM   648 C CA  . LYS A 1 90  ? 0.850   -7.537  7.868   1.00 15.45 ? 82  LYS A CA  1 
ATOM   649 C C   . LYS A 1 90  ? -0.217  -7.233  8.896   1.00 16.29 ? 82  LYS A C   1 
ATOM   650 O O   . LYS A 1 90  ? -0.808  -8.146  9.466   1.00 17.77 ? 82  LYS A O   1 
ATOM   651 C CB  . LYS A 1 90  ? 0.220   -8.325  6.714   1.00 15.49 ? 82  LYS A CB  1 
ATOM   652 C CG  . LYS A 1 90  ? -0.629  -7.382  5.807   1.00 15.65 ? 82  LYS A CG  1 
ATOM   653 C CD  . LYS A 1 90  ? -1.213  -7.987  4.538   1.00 15.79 ? 82  LYS A CD  1 
ATOM   654 C CE  . LYS A 1 90  ? -1.982  -9.302  4.745   1.00 15.59 ? 82  LYS A CE  1 
ATOM   655 N NZ  . LYS A 1 90  ? -2.474  -9.989  3.529   1.00 14.26 ? 82  LYS A NZ  1 
ATOM   656 N N   . ILE A 1 91  ? -0.482  -5.971  9.123   1.00 14.64 ? 83  ILE A N   1 
ATOM   657 C CA  . ILE A 1 91  ? -1.465  -5.589  10.112  1.00 15.78 ? 83  ILE A CA  1 
ATOM   658 C C   . ILE A 1 91  ? -2.800  -5.120  9.567   1.00 15.19 ? 83  ILE A C   1 
ATOM   659 O O   . ILE A 1 91  ? -3.767  -5.119  10.312  1.00 14.55 ? 83  ILE A O   1 
ATOM   660 C CB  . ILE A 1 91  ? -0.912  -4.588  11.159  1.00 17.66 ? 83  ILE A CB  1 
ATOM   661 C CG1 . ILE A 1 91  ? -0.519  -3.246  10.559  1.00 19.00 ? 83  ILE A CG1 1 
ATOM   662 C CG2 . ILE A 1 91  ? 0.317   -5.185  11.840  1.00 18.89 ? 83  ILE A CG2 1 
ATOM   663 C CD1 . ILE A 1 91  ? -0.308  -2.174  11.639  1.00 20.05 ? 83  ILE A CD1 1 
ATOM   664 N N   . ALA A 1 92  ? -2.901  -4.803  8.275   1.00 14.07 ? 84  ALA A N   1 
ATOM   665 C CA  . ALA A 1 92  ? -4.170  -4.405  7.663   1.00 13.09 ? 84  ALA A CA  1 
ATOM   666 C C   . ALA A 1 92  ? -3.971  -4.568  6.166   1.00 13.80 ? 84  ALA A C   1 
ATOM   667 O O   . ALA A 1 92  ? -2.826  -4.537  5.660   1.00 13.42 ? 84  ALA A O   1 
ATOM   668 C CB  . ALA A 1 92  ? -4.488  -2.960  7.992   1.00 13.12 ? 84  ALA A CB  1 
ATOM   669 N N   . HIS A 1 93  ? -5.082  -4.778  5.483   1.00 13.58 ? 85  HIS A N   1 
ATOM   670 C CA  . HIS A 1 93  ? -5.144  -5.089  4.045   1.00 12.05 ? 85  HIS A CA  1 
ATOM   671 C C   . HIS A 1 93  ? -6.408  -4.477  3.490   1.00 11.66 ? 85  HIS A C   1 
ATOM   672 O O   . HIS A 1 93  ? -7.523  -4.896  3.887   1.00 10.60 ? 85  HIS A O   1 
ATOM   673 C CB  . HIS A 1 93  ? -5.172  -6.601  3.883   1.00 12.83 ? 85  HIS A CB  1 
ATOM   674 C CG  . HIS A 1 93  ? -5.086  -7.077  2.465   1.00 13.80 ? 85  HIS A CG  1 
ATOM   675 N ND1 . HIS A 1 93  ? -4.162  -8.010  2.068   1.00 14.55 ? 85  HIS A ND1 1 
ATOM   676 C CD2 . HIS A 1 93  ? -5.821  -6.776  1.365   1.00 14.63 ? 85  HIS A CD2 1 
ATOM   677 C CE1 . HIS A 1 93  ? -4.331  -8.275  0.785   1.00 15.47 ? 85  HIS A CE1 1 
ATOM   678 N NE2 . HIS A 1 93  ? -5.331  -7.540  0.335   1.00 15.70 ? 85  HIS A NE2 1 
ATOM   679 N N   . LEU A 1 94  ? -6.246  -3.435  2.659   1.00 10.90 ? 86  LEU A N   1 
ATOM   680 C CA  . LEU A 1 94  ? -7.372  -2.821  1.966   1.00 12.01 ? 86  LEU A CA  1 
ATOM   681 C C   . LEU A 1 94  ? -7.414  -3.432  0.568   1.00 12.58 ? 86  LEU A C   1 
ATOM   682 O O   . LEU A 1 94  ? -6.503  -3.296  -0.237  1.00 11.45 ? 86  LEU A O   1 
ATOM   683 C CB  . LEU A 1 94  ? -7.295  -1.279  1.907   1.00 11.33 ? 86  LEU A CB  1 
ATOM   684 C CG  . LEU A 1 94  ? -8.526  -0.653  1.237   1.00 12.44 ? 86  LEU A CG  1 
ATOM   685 C CD1 . LEU A 1 94  ? -9.835  -1.095  1.931   1.00 13.36 ? 86  LEU A CD1 1 
ATOM   686 C CD2 . LEU A 1 94  ? -8.356  0.866   1.154   1.00 12.16 ? 86  LEU A CD2 1 
ATOM   687 N N   . HIS A 1 95  ? -8.436  -4.215  0.325   1.00 13.33 ? 87  HIS A N   1 
ATOM   688 C CA  . HIS A 1 95  ? -8.567  -4.898  -0.972  1.00 14.00 ? 87  HIS A CA  1 
ATOM   689 C C   . HIS A 1 95  ? -9.052  -3.902  -1.992  1.00 12.79 ? 87  HIS A C   1 
ATOM   690 O O   . HIS A 1 95  ? -9.779  -3.003  -1.657  1.00 12.30 ? 87  HIS A O   1 
ATOM   691 C CB  . HIS A 1 95  ? -9.555  -6.062  -0.801  1.00 14.93 ? 87  HIS A CB  1 
ATOM   692 C CG  . HIS A 1 95  ? -9.856  -6.808  -2.052  1.00 16.16 ? 87  HIS A CG  1 
ATOM   693 N ND1 . HIS A 1 95  ? -8.880  -7.231  -2.923  1.00 16.52 ? 87  HIS A ND1 1 
ATOM   694 C CD2 . HIS A 1 95  ? -11.032 -7.254  -2.550  1.00 16.64 ? 87  HIS A CD2 1 
ATOM   695 C CE1 . HIS A 1 95  ? -9.456  -7.872  -3.930  1.00 17.64 ? 87  HIS A CE1 1 
ATOM   696 N NE2 . HIS A 1 95  ? -10.763 -7.878  -3.733  1.00 15.39 ? 87  HIS A NE2 1 
ATOM   697 N N   . SER A 1 96  ? -8.659  -4.070  -3.258  1.00 13.23 ? 88  SER A N   1 
ATOM   698 C CA  . SER A 1 96  ? -8.931  -3.090  -4.303  1.00 13.76 ? 88  SER A CA  1 
ATOM   699 C C   . SER A 1 96  ? -10.398 -2.772  -4.554  1.00 15.19 ? 88  SER A C   1 
ATOM   700 O O   . SER A 1 96  ? -10.737 -1.647  -4.970  1.00 15.19 ? 88  SER A O   1 
ATOM   701 C CB  . SER A 1 96  ? -8.320  -3.589  -5.631  1.00 14.05 ? 88  SER A CB  1 
ATOM   702 O OG  . SER A 1 96  ? -8.765  -4.902  -5.896  1.00 15.69 ? 88  SER A OG  1 
ATOM   703 N N   . ALA A 1 97  ? -11.261 -3.769  -4.347  1.00 15.47 ? 89  ALA A N   1 
ATOM   704 C CA  . ALA A 1 97  ? -12.677 -3.571  -4.499  1.00 15.17 ? 89  ALA A CA  1 
ATOM   705 C C   . ALA A 1 97  ? -13.224 -2.473  -3.575  1.00 15.46 ? 89  ALA A C   1 
ATOM   706 O O   . ALA A 1 97  ? -14.264 -1.873  -3.894  1.00 15.30 ? 89  ALA A O   1 
ATOM   707 C CB  . ALA A 1 97  ? -13.396 -4.882  -4.233  1.00 15.79 ? 89  ALA A CB  1 
ATOM   708 N N   . ASN A 1 98  ? -12.570 -2.258  -2.430  1.00 15.79 ? 90  ASN A N   1 
ATOM   709 C CA  . ASN A 1 98  ? -12.941 -1.221  -1.454  1.00 16.93 ? 90  ASN A CA  1 
ATOM   710 C C   . ASN A 1 98  ? -11.983 -0.049  -1.368  1.00 17.08 ? 90  ASN A C   1 
ATOM   711 O O   . ASN A 1 98  ? -12.013 0.678   -0.376  1.00 18.18 ? 90  ASN A O   1 
ATOM   712 C CB  . ASN A 1 98  ? -13.088 -1.797  -0.054  1.00 18.86 ? 90  ASN A CB  1 
ATOM   713 C CG  . ASN A 1 98  ? -14.049 -2.922  -0.030  1.00 21.56 ? 90  ASN A CG  1 
ATOM   714 O OD1 . ASN A 1 98  ? -14.995 -2.927  -0.803  1.00 24.85 ? 90  ASN A OD1 1 
ATOM   715 N ND2 . ASN A 1 98  ? -13.773 -3.920  0.759   1.00 25.98 ? 90  ASN A ND2 1 
ATOM   716 N N   . ALA A 1 99  ? -11.206 0.153   -2.424  1.00 16.24 ? 91  ALA A N   1 
ATOM   717 C CA  . ALA A 1 99  ? -10.132 1.180   -2.493  1.00 17.09 ? 91  ALA A CA  1 
ATOM   718 C C   . ALA A 1 99  ? -10.419 2.186   -3.615  1.00 17.94 ? 91  ALA A C   1 
ATOM   719 O O   . ALA A 1 99  ? -9.525  2.570   -4.420  1.00 20.99 ? 91  ALA A O   1 
ATOM   720 C CB  . ALA A 1 99  ? -8.819  0.500   -2.732  1.00 17.33 ? 91  ALA A CB  1 
ATOM   721 N N   . LYS A 1 100 ? -11.672 2.577   -3.706  1.00 19.83 ? 92  LYS A N   1 
ATOM   722 C CA  . LYS A 1 100 ? -12.167 3.336   -4.853  1.00 20.13 ? 92  LYS A CA  1 
ATOM   723 C C   . LYS A 1 100 ? -12.307 4.835   -4.641  1.00 17.92 ? 92  LYS A C   1 
ATOM   724 O O   . LYS A 1 100 ? -12.480 5.563   -5.581  1.00 16.96 ? 92  LYS A O   1 
ATOM   725 C CB  . LYS A 1 100 ? -13.492 2.750   -5.312  1.00 24.26 ? 92  LYS A CB  1 
ATOM   726 C CG  . LYS A 1 100 ? -13.414 1.386   -5.991  1.00 28.83 ? 92  LYS A CG  1 
ATOM   727 C CD  . LYS A 1 100 ? -12.618 1.476   -7.270  1.00 32.52 ? 92  LYS A CD  1 
ATOM   728 C CE  . LYS A 1 100 ? -13.153 0.525   -8.351  1.00 36.26 ? 92  LYS A CE  1 
ATOM   729 N NZ  . LYS A 1 100 ? -13.094 -0.928  -8.024  1.00 33.66 ? 92  LYS A NZ  1 
ATOM   730 N N   . SER A 1 101 ? -12.164 5.313   -3.419  1.00 16.60 ? 93  SER A N   1 
ATOM   731 C CA  . SER A 1 101 ? -12.406 6.689   -3.170  1.00 15.63 ? 93  SER A CA  1 
ATOM   732 C C   . SER A 1 101 ? -11.544 7.096   -2.007  1.00 15.22 ? 93  SER A C   1 
ATOM   733 O O   . SER A 1 101 ? -11.100 6.205   -1.208  1.00 15.28 ? 93  SER A O   1 
ATOM   734 C CB  . SER A 1 101 ? -13.890 6.889   -2.875  1.00 15.84 ? 93  SER A CB  1 
ATOM   735 O OG  . SER A 1 101 ? -14.239 6.244   -1.659  1.00 14.34 ? 93  SER A OG  1 
ATOM   736 N N   . PRO A 1 102 ? -11.288 8.401   -1.886  1.00 16.00 ? 94  PRO A N   1 
ATOM   737 C CA  . PRO A 1 102 ? -10.522 8.873   -0.714  1.00 16.57 ? 94  PRO A CA  1 
ATOM   738 C C   . PRO A 1 102 ? -11.213 8.602   0.645   1.00 16.08 ? 94  PRO A C   1 
ATOM   739 O O   . PRO A 1 102 ? -10.553 8.277   1.644   1.00 16.14 ? 94  PRO A O   1 
ATOM   740 C CB  . PRO A 1 102 ? -10.303 10.384  -0.984  1.00 16.52 ? 94  PRO A CB  1 
ATOM   741 C CG  . PRO A 1 102 ? -11.079 10.732  -2.210  1.00 18.14 ? 94  PRO A CG  1 
ATOM   742 C CD  . PRO A 1 102 ? -11.486 9.457   -2.909  1.00 17.19 ? 94  PRO A CD  1 
ATOM   743 N N   . GLU A 1 103 ? -12.540 8.700   0.667   1.00 16.98 ? 95  GLU A N   1 
ATOM   744 C CA  . GLU A 1 103 ? -13.326 8.364   1.843   1.00 17.67 ? 95  GLU A CA  1 
ATOM   745 C C   . GLU A 1 103 ? -13.063 6.949   2.351   1.00 15.16 ? 95  GLU A C   1 
ATOM   746 O O   . GLU A 1 103 ? -12.942 6.708   3.522   1.00 14.26 ? 95  GLU A O   1 
ATOM   747 C CB  . GLU A 1 103 ? -14.820 8.499   1.519   1.00 18.88 ? 95  GLU A CB  1 
ATOM   748 N N   . GLN A 1 104 ? -13.035 6.003   1.435   1.00 15.44 ? 96  GLN A N   1 
ATOM   749 C CA  . GLN A 1 104 ? -12.744 4.623   1.757   1.00 15.06 ? 96  GLN A CA  1 
ATOM   750 C C   . GLN A 1 104 ? -11.347 4.399   2.263   1.00 13.74 ? 96  GLN A C   1 
ATOM   751 O O   . GLN A 1 104 ? -11.141 3.645   3.206   1.00 12.11 ? 96  GLN A O   1 
ATOM   752 C CB  . GLN A 1 104 ? -12.952 3.728   0.540   1.00 17.66 ? 96  GLN A CB  1 
ATOM   753 C CG  . GLN A 1 104 ? -14.383 3.311   0.360   1.00 20.24 ? 96  GLN A CG  1 
ATOM   754 C CD  . GLN A 1 104 ? -14.623 2.617   -0.969  1.00 20.67 ? 96  GLN A CD  1 
ATOM   755 O OE1 . GLN A 1 104 ? -14.209 3.075   -2.021  1.00 21.60 ? 96  GLN A OE1 1 
ATOM   756 N NE2 . GLN A 1 104 ? -15.326 1.514   -0.907  1.00 21.73 ? 96  GLN A NE2 1 
ATOM   757 N N   . VAL A 1 105 ? -10.359 4.977   1.608   1.00 13.02 ? 97  VAL A N   1 
ATOM   758 C CA  . VAL A 1 105 ? -8.969  4.816   2.093   1.00 13.21 ? 97  VAL A CA  1 
ATOM   759 C C   . VAL A 1 105 ? -8.779  5.473   3.459   1.00 14.27 ? 97  VAL A C   1 
ATOM   760 O O   . VAL A 1 105 ? -8.080  4.941   4.306   1.00 12.92 ? 97  VAL A O   1 
ATOM   761 C CB  . VAL A 1 105 ? -7.962  5.411   1.098   1.00 13.67 ? 97  VAL A CB  1 
ATOM   762 C CG1 . VAL A 1 105 ? -6.552  5.389   1.661   1.00 13.21 ? 97  VAL A CG1 1 
ATOM   763 C CG2 . VAL A 1 105 ? -8.078  4.670   -0.234  1.00 13.40 ? 97  VAL A CG2 1 
ATOM   764 N N   . GLU A 1 106 ? -9.370  6.649   3.650   1.00 15.81 ? 98  GLU A N   1 
ATOM   765 C CA  . GLU A 1 106 ? -9.226  7.405   4.909   1.00 17.60 ? 98  GLU A CA  1 
ATOM   766 C C   . GLU A 1 106 ? -9.831  6.621   6.042   1.00 16.37 ? 98  GLU A C   1 
ATOM   767 O O   . GLU A 1 106 ? -9.232  6.390   7.082   1.00 18.93 ? 98  GLU A O   1 
ATOM   768 C CB  . GLU A 1 106 ? -9.918  8.764   4.800   1.00 21.00 ? 98  GLU A CB  1 
ATOM   769 C CG  . GLU A 1 106 ? -9.147  9.813   4.048   1.00 26.27 ? 98  GLU A CG  1 
ATOM   770 C CD  . GLU A 1 106 ? -9.850  11.203  3.941   1.00 33.57 ? 98  GLU A CD  1 
ATOM   771 O OE1 . GLU A 1 106 ? -11.016 11.386  4.387   1.00 40.29 ? 98  GLU A OE1 1 
ATOM   772 O OE2 . GLU A 1 106 ? -9.222  12.137  3.386   1.00 40.23 ? 98  GLU A OE2 1 
ATOM   773 N N   . SER A 1 107 ? -11.007 6.093   5.789   1.00 17.74 ? 99  SER A N   1 
ATOM   774 C CA  . SER A 1 107 ? -11.672 5.323   6.781   1.00 18.70 ? 99  SER A CA  1 
ATOM   775 C C   . SER A 1 107 ? -10.862 4.060   7.173   1.00 17.20 ? 99  SER A C   1 
ATOM   776 O O   . SER A 1 107 ? -10.688 3.780   8.342   1.00 16.56 ? 99  SER A O   1 
ATOM   777 C CB  . SER A 1 107 ? -13.083 5.009   6.307   1.00 20.13 ? 99  SER A CB  1 
ATOM   778 O OG  . SER A 1 107 ? -13.580 4.018   7.133   1.00 23.49 ? 99  SER A OG  1 
ATOM   779 N N   . PHE A 1 108 ? -10.295 3.360   6.190   1.00 16.71 ? 100 PHE A N   1 
ATOM   780 C CA  . PHE A 1 108 ? -9.442  2.160   6.425   1.00 14.10 ? 100 PHE A CA  1 
ATOM   781 C C   . PHE A 1 108 ? -8.233  2.467   7.287   1.00 14.83 ? 100 PHE A C   1 
ATOM   782 O O   . PHE A 1 108 ? -7.849  1.708   8.172   1.00 12.99 ? 100 PHE A O   1 
ATOM   783 C CB  . PHE A 1 108 ? -9.012  1.623   5.048   1.00 13.74 ? 100 PHE A CB  1 
ATOM   784 C CG  . PHE A 1 108 ? -7.881  0.636   5.123   1.00 12.96 ? 100 PHE A CG  1 
ATOM   785 C CD1 . PHE A 1 108 ? -8.109  -0.608  5.597   1.00 12.35 ? 100 PHE A CD1 1 
ATOM   786 C CD2 . PHE A 1 108 ? -6.606  1.000   4.752   1.00 11.92 ? 100 PHE A CD2 1 
ATOM   787 C CE1 . PHE A 1 108 ? -7.104  -1.507  5.708   1.00 12.63 ? 100 PHE A CE1 1 
ATOM   788 C CE2 . PHE A 1 108 ? -5.584  0.120   4.880   1.00 12.14 ? 100 PHE A CE2 1 
ATOM   789 C CZ  . PHE A 1 108 ? -5.831  -1.138  5.323   1.00 11.99 ? 100 PHE A CZ  1 
ATOM   790 N N   . LEU A 1 109 ? -7.584  3.606   7.017   1.00 14.97 ? 101 LEU A N   1 
ATOM   791 C CA  . LEU A 1 109 ? -6.393  3.966   7.739   1.00 14.12 ? 101 LEU A CA  1 
ATOM   792 C C   . LEU A 1 109 ? -6.752  4.407   9.151   1.00 14.09 ? 101 LEU A C   1 
ATOM   793 O O   . LEU A 1 109 ? -6.089  4.071   10.086  1.00 13.49 ? 101 LEU A O   1 
ATOM   794 C CB  . LEU A 1 109 ? -5.666  5.061   7.007   1.00 14.08 ? 101 LEU A CB  1 
ATOM   795 C CG  . LEU A 1 109 ? -5.103  4.716   5.648   1.00 14.27 ? 101 LEU A CG  1 
ATOM   796 C CD1 . LEU A 1 109 ? -4.430  5.945   5.117   1.00 14.17 ? 101 LEU A CD1 1 
ATOM   797 C CD2 . LEU A 1 109 ? -4.097  3.582   5.756   1.00 14.18 ? 101 LEU A CD2 1 
ATOM   798 N N   . ALA A 1 110 ? -7.801  5.176   9.302   1.00 15.78 ? 102 ALA A N   1 
ATOM   799 C CA  . ALA A 1 110 ? -8.306  5.525   10.645  1.00 16.16 ? 102 ALA A CA  1 
ATOM   800 C C   . ALA A 1 110 ? -8.625  4.280   11.501  1.00 17.02 ? 102 ALA A C   1 
ATOM   801 O O   . ALA A 1 110 ? -8.207  4.222   12.694  1.00 15.58 ? 102 ALA A O   1 
ATOM   802 C CB  . ALA A 1 110 ? -9.530  6.432   10.513  1.00 17.67 ? 102 ALA A CB  1 
ATOM   803 N N   . GLU A 1 111 ? -9.313  3.285   10.907  1.00 16.52 ? 103 GLU A N   1 
ATOM   804 C CA  . GLU A 1 111 ? -9.637  2.029   11.584  1.00 16.48 ? 103 GLU A CA  1 
ATOM   805 C C   . GLU A 1 111 ? -8.396  1.218   11.940  1.00 17.65 ? 103 GLU A C   1 
ATOM   806 O O   . GLU A 1 111 ? -8.347  0.648   13.020  1.00 15.28 ? 103 GLU A O   1 
ATOM   807 C CB  . GLU A 1 111 ? -10.595 1.158   10.767  1.00 17.50 ? 103 GLU A CB  1 
ATOM   808 N N   . THR A 1 112 ? -7.363  1.255   11.087  1.00 17.43 ? 104 THR A N   1 
ATOM   809 C CA  . THR A 1 112 ? -6.140  0.515   11.342  1.00 17.32 ? 104 THR A CA  1 
ATOM   810 C C   . THR A 1 112 ? -5.212  1.179   12.351  1.00 17.54 ? 104 THR A C   1 
ATOM   811 O O   . THR A 1 112 ? -4.511  0.463   13.076  1.00 17.20 ? 104 THR A O   1 
ATOM   812 C CB  . THR A 1 112 ? -5.373  -0.005  10.097  1.00 18.06 ? 104 THR A CB  1 
ATOM   813 O OG1 . THR A 1 112 ? -3.998  0.417   10.051  1.00 22.23 ? 104 THR A OG1 1 
ATOM   814 C CG2 . THR A 1 112 ? -6.034  0.173   8.895   1.00 15.75 ? 104 THR A CG2 1 
ATOM   815 N N   . PHE A 1 113 ? -5.242  2.506   12.425  1.00 17.14 ? 105 PHE A N   1 
ATOM   816 C CA  . PHE A 1 113 ? -4.298  3.250   13.272  1.00 17.83 ? 105 PHE A CA  1 
ATOM   817 C C   . PHE A 1 113 ? -4.926  3.704   14.568  1.00 17.82 ? 105 PHE A C   1 
ATOM   818 O O   . PHE A 1 113 ? -4.227  4.119   15.472  1.00 18.07 ? 105 PHE A O   1 
ATOM   819 C CB  . PHE A 1 113 ? -3.683  4.407   12.519  1.00 18.55 ? 105 PHE A CB  1 
ATOM   820 C CG  . PHE A 1 113 ? -2.646  3.971   11.558  1.00 18.59 ? 105 PHE A CG  1 
ATOM   821 C CD1 . PHE A 1 113 ? -1.464  3.477   12.010  1.00 22.60 ? 105 PHE A CD1 1 
ATOM   822 C CD2 . PHE A 1 113 ? -2.893  3.963   10.193  1.00 21.21 ? 105 PHE A CD2 1 
ATOM   823 C CE1 . PHE A 1 113 ? -0.501  3.008   11.127  1.00 21.39 ? 105 PHE A CE1 1 
ATOM   824 C CE2 . PHE A 1 113 ? -1.946  3.517   9.303   1.00 19.81 ? 105 PHE A CE2 1 
ATOM   825 C CZ  . PHE A 1 113 ? -0.748  3.028   9.781   1.00 21.63 ? 105 PHE A CZ  1 
ATOM   826 N N   . LYS A 1 114 ? -6.236  3.599   14.693  1.00 18.83 ? 106 LYS A N   1 
ATOM   827 C CA  . LYS A 1 114 ? -6.903  3.822   16.011  1.00 20.55 ? 106 LYS A CA  1 
ATOM   828 C C   . LYS A 1 114 ? -6.343  3.018   17.211  1.00 20.56 ? 106 LYS A C   1 
ATOM   829 O O   . LYS A 1 114 ? -6.552  3.502   18.362  1.00 20.56 ? 106 LYS A O   1 
ATOM   830 C CB  . LYS A 1 114 ? -8.324  3.366   15.901  1.00 24.62 ? 106 LYS A CB  1 
ATOM   831 C CG  . LYS A 1 114 ? -9.355  4.379   15.511  1.00 28.44 ? 106 LYS A CG  1 
ATOM   832 C CD  . LYS A 1 114 ? -10.630 3.607   15.176  1.00 31.81 ? 106 LYS A CD  1 
ATOM   833 C CE  . LYS A 1 114 ? -10.807 2.360   16.048  1.00 34.50 ? 106 LYS A CE  1 
ATOM   834 N NZ  . LYS A 1 114 ? -12.172 1.784   15.863  1.00 38.81 ? 106 LYS A NZ  1 
HETATM 835 O O   . HOH B 2 .   ? 15.880  -1.807  0.738   1.00 12.59 ? 201 HOH A O   1 
HETATM 836 O O   . HOH B 2 .   ? -6.069  -7.403  -2.331  1.00 11.88 ? 202 HOH A O   1 
HETATM 837 O O   . HOH B 2 .   ? 7.136   4.016   9.192   1.00 17.00 ? 203 HOH A O   1 
HETATM 838 O O   . HOH B 2 .   ? -7.323  -5.857  -9.991  1.00 12.74 ? 204 HOH A O   1 
HETATM 839 O O   . HOH B 2 .   ? -10.699 -4.567  1.937   1.00 17.09 ? 205 HOH A O   1 
HETATM 840 O O   . HOH B 2 .   ? 3.891   -11.982 4.504   1.00 26.14 ? 206 HOH A O   1 
HETATM 841 O O   . HOH B 2 .   ? 5.908   -11.272 3.320   1.00 21.32 ? 207 HOH A O   1 
HETATM 842 O O   . HOH B 2 .   ? -2.102  -13.209 -5.080  1.00 17.19 ? 208 HOH A O   1 
HETATM 843 O O   . HOH B 2 .   ? 1.022   11.132  10.564  1.00 20.70 ? 209 HOH A O   1 
HETATM 844 O O   . HOH B 2 .   ? 17.326  -5.154  5.582   1.00 22.27 ? 210 HOH A O   1 
HETATM 845 O O   . HOH B 2 .   ? 7.929   -2.297  -7.691  1.00 15.71 ? 211 HOH A O   1 
HETATM 846 O O   . HOH B 2 .   ? -1.619  -16.572 4.922   1.00 15.97 ? 212 HOH A O   1 
HETATM 847 O O   . HOH B 2 .   ? 8.820   -11.156 -6.520  1.00 22.92 ? 213 HOH A O   1 
HETATM 848 O O   . HOH B 2 .   ? -5.019  15.231  -4.566  1.00 18.40 ? 214 HOH A O   1 
HETATM 849 O O   . HOH B 2 .   ? -9.425  -2.156  -9.317  1.00 18.65 ? 215 HOH A O   1 
HETATM 850 O O   . HOH B 2 .   ? 15.892  -9.565  -3.970  1.00 21.95 ? 216 HOH A O   1 
HETATM 851 O O   . HOH B 2 .   ? 15.666  -1.127  3.058   1.00 21.76 ? 217 HOH A O   1 
HETATM 852 O O   . HOH B 2 .   ? -7.429  -4.971  7.214   1.00 21.24 ? 218 HOH A O   1 
HETATM 853 O O   . HOH B 2 .   ? -7.277  -3.420  -11.974 1.00 22.52 ? 219 HOH A O   1 
HETATM 854 O O   . HOH B 2 .   ? -12.708 1.651   4.104   1.00 23.63 ? 220 HOH A O   1 
HETATM 855 O O   . HOH B 2 .   ? -11.001 3.952   -8.693  1.00 26.76 ? 221 HOH A O   1 
HETATM 856 O O   . HOH B 2 .   ? -3.501  -10.723 -7.693  1.00 20.89 ? 222 HOH A O   1 
HETATM 857 O O   . HOH B 2 .   ? 15.288  -14.790 4.121   1.00 27.49 ? 223 HOH A O   1 
HETATM 858 O O   . HOH B 2 .   ? 7.489   -10.806 -10.806 1.00 25.91 ? 224 HOH A O   1 
HETATM 859 O O   . HOH B 2 .   ? 10.579  5.885   -6.553  1.00 26.72 ? 225 HOH A O   1 
HETATM 860 O O   . HOH B 2 .   ? 11.146  3.765   13.060  1.00 34.36 ? 226 HOH A O   1 
HETATM 861 O O   . HOH B 2 .   ? -7.697  13.285  -0.716  1.00 20.71 ? 227 HOH A O   1 
HETATM 862 O O   . HOH B 2 .   ? -9.309  3.302   -7.282  1.00 36.23 ? 228 HOH A O   1 
HETATM 863 O O   . HOH B 2 .   ? 16.398  -8.020  2.934   1.00 21.75 ? 229 HOH A O   1 
HETATM 864 O O   . HOH B 2 .   ? -3.684  -8.160  -9.450  1.00 24.82 ? 230 HOH A O   1 
HETATM 865 O O   . HOH B 2 .   ? -10.461 -0.620  -7.480  1.00 37.14 ? 231 HOH A O   1 
HETATM 866 O O   . HOH B 2 .   ? -14.480 9.872   -0.993  1.00 21.20 ? 232 HOH A O   1 
HETATM 867 O O   . HOH B 2 .   ? -9.998  8.901   -13.681 1.00 29.70 ? 233 HOH A O   1 
HETATM 868 O O   . HOH B 2 .   ? -1.877  3.098   -13.332 1.00 26.34 ? 234 HOH A O   1 
HETATM 869 O O   . HOH B 2 .   ? 1.864   14.103  10.686  1.00 34.20 ? 235 HOH A O   1 
HETATM 870 O O   . HOH B 2 .   ? 6.798   0.425   -7.828  1.00 21.40 ? 236 HOH A O   1 
HETATM 871 O O   . HOH B 2 .   ? -8.119  8.721   8.045   1.00 33.64 ? 237 HOH A O   1 
HETATM 872 O O   . HOH B 2 .   ? 1.650   14.060  0.255   1.00 21.88 ? 238 HOH A O   1 
HETATM 873 O O   . HOH B 2 .   ? 5.534   9.217   -0.239  1.00 30.83 ? 239 HOH A O   1 
HETATM 874 O O   . HOH B 2 .   ? 13.414  -9.456  -6.231  1.00 26.73 ? 240 HOH A O   1 
HETATM 875 O O   . HOH B 2 .   ? 2.544   -13.903 4.244   1.00 28.57 ? 241 HOH A O   1 
HETATM 876 O O   . HOH B 2 .   ? -0.448  3.734   -10.881 1.00 31.04 ? 242 HOH A O   1 
HETATM 877 O O   . HOH B 2 .   ? -12.039 -6.505  2.680   1.00 24.69 ? 243 HOH A O   1 
HETATM 878 O O   . HOH B 2 .   ? 2.081   -11.256 8.731   1.00 28.11 ? 244 HOH A O   1 
HETATM 879 O O   . HOH B 2 .   ? -3.416  -14.362 -7.562  1.00 30.63 ? 245 HOH A O   1 
HETATM 880 O O   . HOH B 2 .   ? -7.745  -2.420  9.419   1.00 24.24 ? 246 HOH A O   1 
HETATM 881 O O   . HOH B 2 .   ? 13.370  2.611   -5.842  1.00 22.56 ? 247 HOH A O   1 
HETATM 882 O O   . HOH B 2 .   ? -3.203  9.843   -11.618 1.00 28.98 ? 248 HOH A O   1 
HETATM 883 O O   . HOH B 2 .   ? 15.551  1.559   -4.746  1.00 21.17 ? 249 HOH A O   1 
HETATM 884 O O   . HOH B 2 .   ? 5.926   11.062  -4.355  1.00 36.88 ? 250 HOH A O   1 
HETATM 885 O O   . HOH B 2 .   ? 4.553   -10.962 7.130   1.00 30.59 ? 251 HOH A O   1 
HETATM 886 O O   . HOH B 2 .   ? 18.479  -4.991  -1.075  1.00 20.03 ? 252 HOH A O   1 
HETATM 887 O O   . HOH B 2 .   ? -7.560  8.275   -13.635 1.00 36.41 ? 253 HOH A O   1 
HETATM 888 O O   . HOH B 2 .   ? -12.765 0.574   6.635   1.00 31.90 ? 254 HOH A O   1 
HETATM 889 O O   . HOH B 2 .   ? 17.257  -4.223  0.852   1.00 27.08 ? 255 HOH A O   1 
HETATM 890 O O   . HOH B 2 .   ? 14.370  -8.410  6.227   1.00 30.66 ? 256 HOH A O   1 
HETATM 891 O O   . HOH B 2 .   ? 16.719  -10.059 0.652   1.00 35.01 ? 257 HOH A O   1 
HETATM 892 O O   . HOH B 2 .   ? 16.733  -4.632  -9.835  1.00 38.73 ? 258 HOH A O   1 
HETATM 893 O O   . HOH B 2 .   ? 4.625   0.926   -9.404  1.00 36.94 ? 259 HOH A O   1 
HETATM 894 O O   . HOH B 2 .   ? -12.946 -9.063  -5.315  1.00 31.36 ? 260 HOH A O   1 
HETATM 895 O O   . HOH B 2 .   ? 2.261   10.422  -3.209  1.00 34.02 ? 261 HOH A O   1 
HETATM 896 O O   . HOH B 2 .   ? -0.796  -9.197  12.623  1.00 41.07 ? 262 HOH A O   1 
# 
loop_
_pdbx_poly_seq_scheme.asym_id 
_pdbx_poly_seq_scheme.entity_id 
_pdbx_poly_seq_scheme.seq_id 
_pdbx_poly_seq_scheme.mon_id 
_pdbx_poly_seq_scheme.ndb_seq_num 
_pdbx_poly_seq_scheme.pdb_seq_num 
_pdbx_poly_seq_scheme.auth_seq_num 
_pdbx_poly_seq_scheme.pdb_mon_id 
_pdbx_poly_seq_scheme.auth_mon_id 
_pdbx_poly_seq_scheme.pdb_strand_id 
_pdbx_poly_seq_scheme.pdb_ins_code 
_pdbx_poly_seq_scheme.hetero 
A 1 1   HIS 1   -7  ?   ?   ?   A . n 
A 1 2   HIS 2   -6  ?   ?   ?   A . n 
A 1 3   HIS 3   -5  ?   ?   ?   A . n 
A 1 4   HIS 4   -4  ?   ?   ?   A . n 
A 1 5   HIS 5   -3  ?   ?   ?   A . n 
A 1 6   HIS 6   -2  ?   ?   ?   A . n 
A 1 7   GLY 7   -1  ?   ?   ?   A . n 
A 1 8   SER 8   0   ?   ?   ?   A . n 
A 1 9   MET 9   1   1   MET MET A . n 
A 1 10  GLN 10  2   2   GLN GLN A . n 
A 1 11  SER 11  3   3   SER SER A . n 
A 1 12  ILE 12  4   4   ILE ILE A . n 
A 1 13  LYS 13  5   5   LYS LYS A . n 
A 1 14  SER 14  6   6   SER SER A . n 
A 1 15  ASN 15  7   7   ASN ASN A . n 
A 1 16  GLU 16  8   8   GLU GLU A . n 
A 1 17  SER 17  9   9   SER SER A . n 
A 1 18  PHE 18  10  10  PHE PHE A . n 
A 1 19  LYS 19  11  11  LYS LYS A . n 
A 1 20  SER 20  12  12  SER SER A . n 
A 1 21  VAL 21  13  13  VAL VAL A . n 
A 1 22  ILE 22  14  14  ILE ILE A . n 
A 1 23  ASN 23  15  15  ASN ASN A . n 
A 1 24  SER 24  16  16  SER SER A . n 
A 1 25  ASP 25  17  17  ASP ASP A . n 
A 1 26  THR 26  18  18  THR THR A . n 
A 1 27  PRO 27  19  19  PRO PRO A . n 
A 1 28  VAL 28  20  20  VAL VAL A . n 
A 1 29  ILE 29  21  21  ILE ILE A . n 
A 1 30  VAL 30  22  22  VAL VAL A . n 
A 1 31  LYS 31  23  23  LYS LYS A . n 
A 1 32  PHE 32  24  24  PHE PHE A . n 
A 1 33  GLU 33  25  25  GLU GLU A . n 
A 1 34  ALA 34  26  26  ALA ALA A . n 
A 1 35  GLY 35  27  27  GLY GLY A . n 
A 1 36  TRP 36  28  28  TRP TRP A . n 
A 1 37  CYS 37  29  29  CYS CYS A . n 
A 1 38  PRO 38  30  30  PRO PRO A . n 
A 1 39  ASP 39  31  31  ASP ASP A . n 
A 1 40  CYS 40  32  32  CYS CYS A . n 
A 1 41  ARG 41  33  33  ARG ARG A . n 
A 1 42  ALA 42  34  34  ALA ALA A . n 
A 1 43  MET 43  35  35  MET MET A . n 
A 1 44  ASP 44  36  36  ASP ASP A . n 
A 1 45  LEU 45  37  37  LEU LEU A . n 
A 1 46  TRP 46  38  38  TRP TRP A . n 
A 1 47  ILE 47  39  39  ILE ILE A . n 
A 1 48  ASP 48  40  40  ASP ASP A . n 
A 1 49  PRO 49  41  41  PRO PRO A . n 
A 1 50  ILE 50  42  42  ILE ILE A . n 
A 1 51  VAL 51  43  43  VAL VAL A . n 
A 1 52  GLU 52  44  44  GLU GLU A . n 
A 1 53  GLN 53  45  45  GLN GLN A . n 
A 1 54  TYR 54  46  46  TYR TYR A . n 
A 1 55  ASN 55  47  47  ASN ASN A . n 
A 1 56  ASP 56  48  48  ASP ASP A . n 
A 1 57  TYR 57  49  49  TYR TYR A . n 
A 1 58  GLN 58  50  50  GLN GLN A . n 
A 1 59  TRP 59  51  51  TRP TRP A . n 
A 1 60  TYR 60  52  52  TYR TYR A . n 
A 1 61  THR 61  53  53  THR THR A . n 
A 1 62  VAL 62  54  54  VAL VAL A . n 
A 1 63  ASN 63  55  55  ASN ASN A . n 
A 1 64  ARG 64  56  56  ARG ARG A . n 
A 1 65  ASP 65  57  57  ASP ASP A . n 
A 1 66  GLU 66  58  58  GLU GLU A . n 
A 1 67  LEU 67  59  59  LEU LEU A . n 
A 1 68  GLU 68  60  60  GLU GLU A . n 
A 1 69  ASP 69  61  61  ASP ASP A . n 
A 1 70  VAL 70  62  62  VAL VAL A . n 
A 1 71  VAL 71  63  63  VAL VAL A . n 
A 1 72  VAL 72  64  64  VAL VAL A . n 
A 1 73  GLU 73  65  65  GLU GLU A . n 
A 1 74  ASN 74  66  66  ASN ASN A . n 
A 1 75  GLU 75  67  67  GLU GLU A . n 
A 1 76  VAL 76  68  68  VAL VAL A . n 
A 1 77  MET 77  69  69  MET MET A . n 
A 1 78  GLY 78  70  70  GLY GLY A . n 
A 1 79  ILE 79  71  71  ILE ILE A . n 
A 1 80  PRO 80  72  72  PRO PRO A . n 
A 1 81  SER 81  73  73  SER SER A . n 
A 1 82  LEU 82  74  74  LEU LEU A . n 
A 1 83  LEU 83  75  75  LEU LEU A . n 
A 1 84  VAL 84  76  76  VAL VAL A . n 
A 1 85  PHE 85  77  77  PHE PHE A . n 
A 1 86  LYS 86  78  78  LYS LYS A . n 
A 1 87  ASN 87  79  79  ASN ASN A . n 
A 1 88  GLY 88  80  80  GLY GLY A . n 
A 1 89  ASP 89  81  81  ASP ASP A . n 
A 1 90  LYS 90  82  82  LYS LYS A . n 
A 1 91  ILE 91  83  83  ILE ILE A . n 
A 1 92  ALA 92  84  84  ALA ALA A . n 
A 1 93  HIS 93  85  85  HIS HIS A . n 
A 1 94  LEU 94  86  86  LEU LEU A . n 
A 1 95  HIS 95  87  87  HIS HIS A . n 
A 1 96  SER 96  88  88  SER SER A . n 
A 1 97  ALA 97  89  89  ALA ALA A . n 
A 1 98  ASN 98  90  90  ASN ASN A . n 
A 1 99  ALA 99  91  91  ALA ALA A . n 
A 1 100 LYS 100 92  92  LYS LYS A . n 
A 1 101 SER 101 93  93  SER SER A . n 
A 1 102 PRO 102 94  94  PRO PRO A . n 
A 1 103 GLU 103 95  95  GLU GLU A . n 
A 1 104 GLN 104 96  96  GLN GLN A . n 
A 1 105 VAL 105 97  97  VAL VAL A . n 
A 1 106 GLU 106 98  98  GLU GLU A . n 
A 1 107 SER 107 99  99  SER SER A . n 
A 1 108 PHE 108 100 100 PHE PHE A . n 
A 1 109 LEU 109 101 101 LEU LEU A . n 
A 1 110 ALA 110 102 102 ALA ALA A . n 
A 1 111 GLU 111 103 103 GLU GLU A . n 
A 1 112 THR 112 104 104 THR THR A . n 
A 1 113 PHE 113 105 105 PHE PHE A . n 
A 1 114 LYS 114 106 106 LYS LYS A . n 
# 
loop_
_pdbx_nonpoly_scheme.asym_id 
_pdbx_nonpoly_scheme.entity_id 
_pdbx_nonpoly_scheme.mon_id 
_pdbx_nonpoly_scheme.ndb_seq_num 
_pdbx_nonpoly_scheme.pdb_seq_num 
_pdbx_nonpoly_scheme.auth_seq_num 
_pdbx_nonpoly_scheme.pdb_mon_id 
_pdbx_nonpoly_scheme.auth_mon_id 
_pdbx_nonpoly_scheme.pdb_strand_id 
_pdbx_nonpoly_scheme.pdb_ins_code 
B 2 HOH 1  201 202 HOH HOH A . 
B 2 HOH 2  202 203 HOH HOH A . 
B 2 HOH 3  203 204 HOH HOH A . 
B 2 HOH 4  204 205 HOH HOH A . 
B 2 HOH 5  205 206 HOH HOH A . 
B 2 HOH 6  206 207 HOH HOH A . 
B 2 HOH 7  207 208 HOH HOH A . 
B 2 HOH 8  208 209 HOH HOH A . 
B 2 HOH 9  209 210 HOH HOH A . 
B 2 HOH 10 210 211 HOH HOH A . 
B 2 HOH 11 211 212 HOH HOH A . 
B 2 HOH 12 212 213 HOH HOH A . 
B 2 HOH 13 213 214 HOH HOH A . 
B 2 HOH 14 214 215 HOH HOH A . 
B 2 HOH 15 215 216 HOH HOH A . 
B 2 HOH 16 216 217 HOH HOH A . 
B 2 HOH 17 217 218 HOH HOH A . 
B 2 HOH 18 218 220 HOH HOH A . 
B 2 HOH 19 219 221 HOH HOH A . 
B 2 HOH 20 220 222 HOH HOH A . 
B 2 HOH 21 221 223 HOH HOH A . 
B 2 HOH 22 222 224 HOH HOH A . 
B 2 HOH 23 223 225 HOH HOH A . 
B 2 HOH 24 224 226 HOH HOH A . 
B 2 HOH 25 225 228 HOH HOH A . 
B 2 HOH 26 226 229 HOH HOH A . 
B 2 HOH 27 227 230 HOH HOH A . 
B 2 HOH 28 228 231 HOH HOH A . 
B 2 HOH 29 229 233 HOH HOH A . 
B 2 HOH 30 230 234 HOH HOH A . 
B 2 HOH 31 231 235 HOH HOH A . 
B 2 HOH 32 232 237 HOH HOH A . 
B 2 HOH 33 233 238 HOH HOH A . 
B 2 HOH 34 234 240 HOH HOH A . 
B 2 HOH 35 235 241 HOH HOH A . 
B 2 HOH 36 236 242 HOH HOH A . 
B 2 HOH 37 237 243 HOH HOH A . 
B 2 HOH 38 238 244 HOH HOH A . 
B 2 HOH 39 239 245 HOH HOH A . 
B 2 HOH 40 240 246 HOH HOH A . 
B 2 HOH 41 241 247 HOH HOH A . 
B 2 HOH 42 242 248 HOH HOH A . 
B 2 HOH 43 243 249 HOH HOH A . 
B 2 HOH 44 244 250 HOH HOH A . 
B 2 HOH 45 245 251 HOH HOH A . 
B 2 HOH 46 246 252 HOH HOH A . 
B 2 HOH 47 247 253 HOH HOH A . 
B 2 HOH 48 248 254 HOH HOH A . 
B 2 HOH 49 249 255 HOH HOH A . 
B 2 HOH 50 250 257 HOH HOH A . 
B 2 HOH 51 251 258 HOH HOH A . 
B 2 HOH 52 252 262 HOH HOH A . 
B 2 HOH 53 253 263 HOH HOH A . 
B 2 HOH 54 254 264 HOH HOH A . 
B 2 HOH 55 255 265 HOH HOH A . 
B 2 HOH 56 256 266 HOH HOH A . 
B 2 HOH 57 257 267 HOH HOH A . 
B 2 HOH 58 258 268 HOH HOH A . 
B 2 HOH 59 259 269 HOH HOH A . 
B 2 HOH 60 260 272 HOH HOH A . 
B 2 HOH 61 261 274 HOH HOH A . 
B 2 HOH 62 262 275 HOH HOH A . 
# 
_pdbx_struct_assembly.id                   1 
_pdbx_struct_assembly.details              author_and_software_defined_assembly 
_pdbx_struct_assembly.method_details       PISA 
_pdbx_struct_assembly.oligomeric_details   monomeric 
_pdbx_struct_assembly.oligomeric_count     1 
# 
_pdbx_struct_assembly_gen.assembly_id       1 
_pdbx_struct_assembly_gen.oper_expression   1 
_pdbx_struct_assembly_gen.asym_id_list      A,B 
# 
_pdbx_struct_oper_list.id                   1 
_pdbx_struct_oper_list.type                 'identity operation' 
_pdbx_struct_oper_list.name                 1_555 
_pdbx_struct_oper_list.symmetry_operation   x,y,z 
_pdbx_struct_oper_list.matrix[1][1]         1.0000000000 
_pdbx_struct_oper_list.matrix[1][2]         0.0000000000 
_pdbx_struct_oper_list.matrix[1][3]         0.0000000000 
_pdbx_struct_oper_list.vector[1]            0.0000000000 
_pdbx_struct_oper_list.matrix[2][1]         0.0000000000 
_pdbx_struct_oper_list.matrix[2][2]         1.0000000000 
_pdbx_struct_oper_list.matrix[2][3]         0.0000000000 
_pdbx_struct_oper_list.vector[2]            0.0000000000 
_pdbx_struct_oper_list.matrix[3][1]         0.0000000000 
_pdbx_struct_oper_list.matrix[3][2]         0.0000000000 
_pdbx_struct_oper_list.matrix[3][3]         1.0000000000 
_pdbx_struct_oper_list.vector[3]            0.0000000000 
# 
loop_
_pdbx_audit_revision_history.ordinal 
_pdbx_audit_revision_history.data_content_type 
_pdbx_audit_revision_history.major_revision 
_pdbx_audit_revision_history.minor_revision 
_pdbx_audit_revision_history.revision_date 
1 'Structure model' 1 0 2015-12-09 
2 'Structure model' 1 1 2019-02-13 
3 'Structure model' 1 2 2022-08-24 
4 'Structure model' 1 3 2023-09-20 
# 
_pdbx_audit_revision_details.ordinal             1 
_pdbx_audit_revision_details.revision_ordinal    1 
_pdbx_audit_revision_details.data_content_type   'Structure model' 
_pdbx_audit_revision_details.provider            repository 
_pdbx_audit_revision_details.type                'Initial release' 
_pdbx_audit_revision_details.description         ? 
_pdbx_audit_revision_details.details             ? 
# 
loop_
_pdbx_audit_revision_group.ordinal 
_pdbx_audit_revision_group.revision_ordinal 
_pdbx_audit_revision_group.data_content_type 
_pdbx_audit_revision_group.group 
1 2 'Structure model' 'Data collection'        
2 2 'Structure model' 'Database references'    
3 3 'Structure model' 'Database references'    
4 4 'Structure model' 'Data collection'        
5 4 'Structure model' 'Refinement description' 
# 
loop_
_pdbx_audit_revision_category.ordinal 
_pdbx_audit_revision_category.revision_ordinal 
_pdbx_audit_revision_category.data_content_type 
_pdbx_audit_revision_category.category 
1 2 'Structure model' citation                      
2 2 'Structure model' citation_author               
3 3 'Structure model' citation                      
4 3 'Structure model' database_2                    
5 3 'Structure model' struct_ref_seq_dif            
6 4 'Structure model' chem_comp_atom                
7 4 'Structure model' chem_comp_bond                
8 4 'Structure model' pdbx_initial_refinement_model 
# 
loop_
_pdbx_audit_revision_item.ordinal 
_pdbx_audit_revision_item.revision_ordinal 
_pdbx_audit_revision_item.data_content_type 
_pdbx_audit_revision_item.item 
1  2 'Structure model' '_citation.country'                   
2  2 'Structure model' '_citation.journal_abbrev'            
3  2 'Structure model' '_citation.journal_id_ASTM'           
4  2 'Structure model' '_citation.journal_id_CSD'            
5  2 'Structure model' '_citation.journal_id_ISSN'           
6  2 'Structure model' '_citation.pdbx_database_id_DOI'      
7  2 'Structure model' '_citation.pdbx_database_id_PubMed'   
8  2 'Structure model' '_citation.title'                     
9  2 'Structure model' '_citation.year'                      
10 3 'Structure model' '_citation.journal_id_ISSN'           
11 3 'Structure model' '_citation.journal_volume'            
12 3 'Structure model' '_citation.page_first'                
13 3 'Structure model' '_citation.page_last'                 
14 3 'Structure model' '_citation.title'                     
15 3 'Structure model' '_database_2.pdbx_DOI'                
16 3 'Structure model' '_database_2.pdbx_database_accession' 
17 3 'Structure model' '_struct_ref_seq_dif.details'         
# 
_pdbx_phasing_MR.entry_id                     4RUV 
_pdbx_phasing_MR.method_rotation              ? 
_pdbx_phasing_MR.method_translation           ? 
_pdbx_phasing_MR.model_details                ? 
_pdbx_phasing_MR.R_factor                     ? 
_pdbx_phasing_MR.R_rigid_body                 ? 
_pdbx_phasing_MR.correlation_coeff_Fo_to_Fc   ? 
_pdbx_phasing_MR.correlation_coeff_Io_to_Ic   ? 
_pdbx_phasing_MR.d_res_high_rotation          4.270 
_pdbx_phasing_MR.d_res_low_rotation           18.910 
_pdbx_phasing_MR.d_res_high_translation       4.270 
_pdbx_phasing_MR.d_res_low_translation        18.910 
_pdbx_phasing_MR.packing                      ? 
_pdbx_phasing_MR.reflns_percent_rotation      ? 
_pdbx_phasing_MR.reflns_percent_translation   ? 
_pdbx_phasing_MR.sigma_F_rotation             ? 
_pdbx_phasing_MR.sigma_F_translation          ? 
_pdbx_phasing_MR.sigma_I_rotation             ? 
_pdbx_phasing_MR.sigma_I_translation          ? 
# 
_phasing.method   MR 
# 
loop_
_software.pdbx_ordinal 
_software.name 
_software.version 
_software.date 
_software.type 
_software.contact_author 
_software.contact_author_email 
_software.classification 
_software.location 
_software.language 
_software.citation_id 
1 SCALA           3.3.20   2011/05/18                       other   'Phil R. Evans'      pre@mrc-lmb.cam.ac.uk       
'data scaling'    http://www.ccp4.ac.uk/dist/html/scala.html   Fortran_77 ? 
2 PHASER          2.5.0    'Sat Jun 2 07:33:28 2012 (svn )' program 'Randy J. Read'      cimr-phaser@lists.cam.ac.uk phasing 
http://www-structmed.cimr.cam.ac.uk/phaser/  ?          ? 
3 REFMAC          5.7.0029 ?                                program 'Garib N. Murshudov' garib@ysbl.york.ac.uk       refinement 
http://www.ccp4.ac.uk/dist/html/refmac5.html Fortran_77 ? 
4 PDB_EXTRACT     3.15     'July. 29, 2014'                 package PDB                  deposit@deposit.rcsb.org    
'data extraction' http://sw-tools.pdb.org/apps/PDB_EXTRACT/    C++        ? 
5 StructureStudio .        ?                                ?       ?                    ?                           
'data collection' ?                                            ?          ? 
6 XDS             .        ?                                ?       ?                    ?                           
'data reduction'  ?                                            ?          ? 
# 
_pdbx_validate_symm_contact.id                1 
_pdbx_validate_symm_contact.PDB_model_num     1 
_pdbx_validate_symm_contact.auth_atom_id_1    OH 
_pdbx_validate_symm_contact.auth_asym_id_1    A 
_pdbx_validate_symm_contact.auth_comp_id_1    TYR 
_pdbx_validate_symm_contact.auth_seq_id_1     49 
_pdbx_validate_symm_contact.PDB_ins_code_1    ? 
_pdbx_validate_symm_contact.label_alt_id_1    ? 
_pdbx_validate_symm_contact.site_symmetry_1   1_555 
_pdbx_validate_symm_contact.auth_atom_id_2    OD2 
_pdbx_validate_symm_contact.auth_asym_id_2    A 
_pdbx_validate_symm_contact.auth_comp_id_2    ASP 
_pdbx_validate_symm_contact.auth_seq_id_2     57 
_pdbx_validate_symm_contact.PDB_ins_code_2    ? 
_pdbx_validate_symm_contact.label_alt_id_2    ? 
_pdbx_validate_symm_contact.site_symmetry_2   1_545 
_pdbx_validate_symm_contact.dist              2.04 
# 
_pdbx_validate_rmsd_angle.id                         1 
_pdbx_validate_rmsd_angle.PDB_model_num              1 
_pdbx_validate_rmsd_angle.auth_atom_id_1             CB 
_pdbx_validate_rmsd_angle.auth_asym_id_1             A 
_pdbx_validate_rmsd_angle.auth_comp_id_1             LEU 
_pdbx_validate_rmsd_angle.auth_seq_id_1              75 
_pdbx_validate_rmsd_angle.PDB_ins_code_1             ? 
_pdbx_validate_rmsd_angle.label_alt_id_1             ? 
_pdbx_validate_rmsd_angle.auth_atom_id_2             CG 
_pdbx_validate_rmsd_angle.auth_asym_id_2             A 
_pdbx_validate_rmsd_angle.auth_comp_id_2             LEU 
_pdbx_validate_rmsd_angle.auth_seq_id_2              75 
_pdbx_validate_rmsd_angle.PDB_ins_code_2             ? 
_pdbx_validate_rmsd_angle.label_alt_id_2             ? 
_pdbx_validate_rmsd_angle.auth_atom_id_3             CD2 
_pdbx_validate_rmsd_angle.auth_asym_id_3             A 
_pdbx_validate_rmsd_angle.auth_comp_id_3             LEU 
_pdbx_validate_rmsd_angle.auth_seq_id_3              75 
_pdbx_validate_rmsd_angle.PDB_ins_code_3             ? 
_pdbx_validate_rmsd_angle.label_alt_id_3             ? 
_pdbx_validate_rmsd_angle.angle_value                122.06 
_pdbx_validate_rmsd_angle.angle_target_value         111.00 
_pdbx_validate_rmsd_angle.angle_deviation            11.06 
_pdbx_validate_rmsd_angle.angle_standard_deviation   1.70 
_pdbx_validate_rmsd_angle.linker_flag                N 
# 
loop_
_pdbx_validate_torsion.id 
_pdbx_validate_torsion.PDB_model_num 
_pdbx_validate_torsion.auth_comp_id 
_pdbx_validate_torsion.auth_asym_id 
_pdbx_validate_torsion.auth_seq_id 
_pdbx_validate_torsion.PDB_ins_code 
_pdbx_validate_torsion.label_alt_id 
_pdbx_validate_torsion.phi 
_pdbx_validate_torsion.psi 
1 1 ASN A 15 ? ? -85.18  47.11 
2 1 TYR A 46 ? ? -97.33  35.23 
3 1 LEU A 59 ? ? -119.99 66.46 
# 
loop_
_pdbx_unobs_or_zero_occ_atoms.id 
_pdbx_unobs_or_zero_occ_atoms.PDB_model_num 
_pdbx_unobs_or_zero_occ_atoms.polymer_flag 
_pdbx_unobs_or_zero_occ_atoms.occupancy_flag 
_pdbx_unobs_or_zero_occ_atoms.auth_asym_id 
_pdbx_unobs_or_zero_occ_atoms.auth_comp_id 
_pdbx_unobs_or_zero_occ_atoms.auth_seq_id 
_pdbx_unobs_or_zero_occ_atoms.PDB_ins_code 
_pdbx_unobs_or_zero_occ_atoms.auth_atom_id 
_pdbx_unobs_or_zero_occ_atoms.label_alt_id 
_pdbx_unobs_or_zero_occ_atoms.label_asym_id 
_pdbx_unobs_or_zero_occ_atoms.label_comp_id 
_pdbx_unobs_or_zero_occ_atoms.label_seq_id 
_pdbx_unobs_or_zero_occ_atoms.label_atom_id 
1  1 Y 1 A GLN 2   ? CG  ? A GLN 10  CG  
2  1 Y 1 A GLN 2   ? CD  ? A GLN 10  CD  
3  1 Y 1 A GLN 2   ? OE1 ? A GLN 10  OE1 
4  1 Y 1 A GLN 2   ? NE2 ? A GLN 10  NE2 
5  1 Y 1 A GLU 8   ? CG  ? A GLU 16  CG  
6  1 Y 1 A GLU 8   ? CD  ? A GLU 16  CD  
7  1 Y 1 A GLU 8   ? OE1 ? A GLU 16  OE1 
8  1 Y 1 A GLU 8   ? OE2 ? A GLU 16  OE2 
9  1 Y 1 A ARG 33  ? CD  ? A ARG 41  CD  
10 1 Y 1 A ARG 33  ? NE  ? A ARG 41  NE  
11 1 Y 1 A ARG 33  ? CZ  ? A ARG 41  CZ  
12 1 Y 1 A ARG 33  ? NH1 ? A ARG 41  NH1 
13 1 Y 1 A ARG 33  ? NH2 ? A ARG 41  NH2 
14 1 Y 1 A GLN 50  ? CD  ? A GLN 58  CD  
15 1 Y 1 A GLN 50  ? OE1 ? A GLN 58  OE1 
16 1 Y 1 A GLN 50  ? NE2 ? A GLN 58  NE2 
17 1 Y 1 A GLU 95  ? CG  ? A GLU 103 CG  
18 1 Y 1 A GLU 95  ? CD  ? A GLU 103 CD  
19 1 Y 1 A GLU 95  ? OE1 ? A GLU 103 OE1 
20 1 Y 1 A GLU 95  ? OE2 ? A GLU 103 OE2 
21 1 Y 1 A GLU 103 ? CG  ? A GLU 111 CG  
22 1 Y 1 A GLU 103 ? CD  ? A GLU 111 CD  
23 1 Y 1 A GLU 103 ? OE1 ? A GLU 111 OE1 
24 1 Y 1 A GLU 103 ? OE2 ? A GLU 111 OE2 
# 
loop_
_pdbx_unobs_or_zero_occ_residues.id 
_pdbx_unobs_or_zero_occ_residues.PDB_model_num 
_pdbx_unobs_or_zero_occ_residues.polymer_flag 
_pdbx_unobs_or_zero_occ_residues.occupancy_flag 
_pdbx_unobs_or_zero_occ_residues.auth_asym_id 
_pdbx_unobs_or_zero_occ_residues.auth_comp_id 
_pdbx_unobs_or_zero_occ_residues.auth_seq_id 
_pdbx_unobs_or_zero_occ_residues.PDB_ins_code 
_pdbx_unobs_or_zero_occ_residues.label_asym_id 
_pdbx_unobs_or_zero_occ_residues.label_comp_id 
_pdbx_unobs_or_zero_occ_residues.label_seq_id 
1 1 Y 1 A HIS -7 ? A HIS 1 
2 1 Y 1 A HIS -6 ? A HIS 2 
3 1 Y 1 A HIS -5 ? A HIS 3 
4 1 Y 1 A HIS -4 ? A HIS 4 
5 1 Y 1 A HIS -3 ? A HIS 5 
6 1 Y 1 A HIS -2 ? A HIS 6 
7 1 Y 1 A GLY -1 ? A GLY 7 
8 1 Y 1 A SER 0  ? A SER 8 
# 
loop_
_chem_comp_atom.comp_id 
_chem_comp_atom.atom_id 
_chem_comp_atom.type_symbol 
_chem_comp_atom.pdbx_aromatic_flag 
_chem_comp_atom.pdbx_stereo_config 
_chem_comp_atom.pdbx_ordinal 
ALA N    N N N 1   
ALA CA   C N S 2   
ALA C    C N N 3   
ALA O    O N N 4   
ALA CB   C N N 5   
ALA OXT  O N N 6   
ALA H    H N N 7   
ALA H2   H N N 8   
ALA HA   H N N 9   
ALA HB1  H N N 10  
ALA HB2  H N N 11  
ALA HB3  H N N 12  
ALA HXT  H N N 13  
ARG N    N N N 14  
ARG CA   C N S 15  
ARG C    C N N 16  
ARG O    O N N 17  
ARG CB   C N N 18  
ARG CG   C N N 19  
ARG CD   C N N 20  
ARG NE   N N N 21  
ARG CZ   C N N 22  
ARG NH1  N N N 23  
ARG NH2  N N N 24  
ARG OXT  O N N 25  
ARG H    H N N 26  
ARG H2   H N N 27  
ARG HA   H N N 28  
ARG HB2  H N N 29  
ARG HB3  H N N 30  
ARG HG2  H N N 31  
ARG HG3  H N N 32  
ARG HD2  H N N 33  
ARG HD3  H N N 34  
ARG HE   H N N 35  
ARG HH11 H N N 36  
ARG HH12 H N N 37  
ARG HH21 H N N 38  
ARG HH22 H N N 39  
ARG HXT  H N N 40  
ASN N    N N N 41  
ASN CA   C N S 42  
ASN C    C N N 43  
ASN O    O N N 44  
ASN CB   C N N 45  
ASN CG   C N N 46  
ASN OD1  O N N 47  
ASN ND2  N N N 48  
ASN OXT  O N N 49  
ASN H    H N N 50  
ASN H2   H N N 51  
ASN HA   H N N 52  
ASN HB2  H N N 53  
ASN HB3  H N N 54  
ASN HD21 H N N 55  
ASN HD22 H N N 56  
ASN HXT  H N N 57  
ASP N    N N N 58  
ASP CA   C N S 59  
ASP C    C N N 60  
ASP O    O N N 61  
ASP CB   C N N 62  
ASP CG   C N N 63  
ASP OD1  O N N 64  
ASP OD2  O N N 65  
ASP OXT  O N N 66  
ASP H    H N N 67  
ASP H2   H N N 68  
ASP HA   H N N 69  
ASP HB2  H N N 70  
ASP HB3  H N N 71  
ASP HD2  H N N 72  
ASP HXT  H N N 73  
CYS N    N N N 74  
CYS CA   C N R 75  
CYS C    C N N 76  
CYS O    O N N 77  
CYS CB   C N N 78  
CYS SG   S N N 79  
CYS OXT  O N N 80  
CYS H    H N N 81  
CYS H2   H N N 82  
CYS HA   H N N 83  
CYS HB2  H N N 84  
CYS HB3  H N N 85  
CYS HG   H N N 86  
CYS HXT  H N N 87  
GLN N    N N N 88  
GLN CA   C N S 89  
GLN C    C N N 90  
GLN O    O N N 91  
GLN CB   C N N 92  
GLN CG   C N N 93  
GLN CD   C N N 94  
GLN OE1  O N N 95  
GLN NE2  N N N 96  
GLN OXT  O N N 97  
GLN H    H N N 98  
GLN H2   H N N 99  
GLN HA   H N N 100 
GLN HB2  H N N 101 
GLN HB3  H N N 102 
GLN HG2  H N N 103 
GLN HG3  H N N 104 
GLN HE21 H N N 105 
GLN HE22 H N N 106 
GLN HXT  H N N 107 
GLU N    N N N 108 
GLU CA   C N S 109 
GLU C    C N N 110 
GLU O    O N N 111 
GLU CB   C N N 112 
GLU CG   C N N 113 
GLU CD   C N N 114 
GLU OE1  O N N 115 
GLU OE2  O N N 116 
GLU OXT  O N N 117 
GLU H    H N N 118 
GLU H2   H N N 119 
GLU HA   H N N 120 
GLU HB2  H N N 121 
GLU HB3  H N N 122 
GLU HG2  H N N 123 
GLU HG3  H N N 124 
GLU HE2  H N N 125 
GLU HXT  H N N 126 
GLY N    N N N 127 
GLY CA   C N N 128 
GLY C    C N N 129 
GLY O    O N N 130 
GLY OXT  O N N 131 
GLY H    H N N 132 
GLY H2   H N N 133 
GLY HA2  H N N 134 
GLY HA3  H N N 135 
GLY HXT  H N N 136 
HIS N    N N N 137 
HIS CA   C N S 138 
HIS C    C N N 139 
HIS O    O N N 140 
HIS CB   C N N 141 
HIS CG   C Y N 142 
HIS ND1  N Y N 143 
HIS CD2  C Y N 144 
HIS CE1  C Y N 145 
HIS NE2  N Y N 146 
HIS OXT  O N N 147 
HIS H    H N N 148 
HIS H2   H N N 149 
HIS HA   H N N 150 
HIS HB2  H N N 151 
HIS HB3  H N N 152 
HIS HD1  H N N 153 
HIS HD2  H N N 154 
HIS HE1  H N N 155 
HIS HE2  H N N 156 
HIS HXT  H N N 157 
HOH O    O N N 158 
HOH H1   H N N 159 
HOH H2   H N N 160 
ILE N    N N N 161 
ILE CA   C N S 162 
ILE C    C N N 163 
ILE O    O N N 164 
ILE CB   C N S 165 
ILE CG1  C N N 166 
ILE CG2  C N N 167 
ILE CD1  C N N 168 
ILE OXT  O N N 169 
ILE H    H N N 170 
ILE H2   H N N 171 
ILE HA   H N N 172 
ILE HB   H N N 173 
ILE HG12 H N N 174 
ILE HG13 H N N 175 
ILE HG21 H N N 176 
ILE HG22 H N N 177 
ILE HG23 H N N 178 
ILE HD11 H N N 179 
ILE HD12 H N N 180 
ILE HD13 H N N 181 
ILE HXT  H N N 182 
LEU N    N N N 183 
LEU CA   C N S 184 
LEU C    C N N 185 
LEU O    O N N 186 
LEU CB   C N N 187 
LEU CG   C N N 188 
LEU CD1  C N N 189 
LEU CD2  C N N 190 
LEU OXT  O N N 191 
LEU H    H N N 192 
LEU H2   H N N 193 
LEU HA   H N N 194 
LEU HB2  H N N 195 
LEU HB3  H N N 196 
LEU HG   H N N 197 
LEU HD11 H N N 198 
LEU HD12 H N N 199 
LEU HD13 H N N 200 
LEU HD21 H N N 201 
LEU HD22 H N N 202 
LEU HD23 H N N 203 
LEU HXT  H N N 204 
LYS N    N N N 205 
LYS CA   C N S 206 
LYS C    C N N 207 
LYS O    O N N 208 
LYS CB   C N N 209 
LYS CG   C N N 210 
LYS CD   C N N 211 
LYS CE   C N N 212 
LYS NZ   N N N 213 
LYS OXT  O N N 214 
LYS H    H N N 215 
LYS H2   H N N 216 
LYS HA   H N N 217 
LYS HB2  H N N 218 
LYS HB3  H N N 219 
LYS HG2  H N N 220 
LYS HG3  H N N 221 
LYS HD2  H N N 222 
LYS HD3  H N N 223 
LYS HE2  H N N 224 
LYS HE3  H N N 225 
LYS HZ1  H N N 226 
LYS HZ2  H N N 227 
LYS HZ3  H N N 228 
LYS HXT  H N N 229 
MET N    N N N 230 
MET CA   C N S 231 
MET C    C N N 232 
MET O    O N N 233 
MET CB   C N N 234 
MET CG   C N N 235 
MET SD   S N N 236 
MET CE   C N N 237 
MET OXT  O N N 238 
MET H    H N N 239 
MET H2   H N N 240 
MET HA   H N N 241 
MET HB2  H N N 242 
MET HB3  H N N 243 
MET HG2  H N N 244 
MET HG3  H N N 245 
MET HE1  H N N 246 
MET HE2  H N N 247 
MET HE3  H N N 248 
MET HXT  H N N 249 
PHE N    N N N 250 
PHE CA   C N S 251 
PHE C    C N N 252 
PHE O    O N N 253 
PHE CB   C N N 254 
PHE CG   C Y N 255 
PHE CD1  C Y N 256 
PHE CD2  C Y N 257 
PHE CE1  C Y N 258 
PHE CE2  C Y N 259 
PHE CZ   C Y N 260 
PHE OXT  O N N 261 
PHE H    H N N 262 
PHE H2   H N N 263 
PHE HA   H N N 264 
PHE HB2  H N N 265 
PHE HB3  H N N 266 
PHE HD1  H N N 267 
PHE HD2  H N N 268 
PHE HE1  H N N 269 
PHE HE2  H N N 270 
PHE HZ   H N N 271 
PHE HXT  H N N 272 
PRO N    N N N 273 
PRO CA   C N S 274 
PRO C    C N N 275 
PRO O    O N N 276 
PRO CB   C N N 277 
PRO CG   C N N 278 
PRO CD   C N N 279 
PRO OXT  O N N 280 
PRO H    H N N 281 
PRO HA   H N N 282 
PRO HB2  H N N 283 
PRO HB3  H N N 284 
PRO HG2  H N N 285 
PRO HG3  H N N 286 
PRO HD2  H N N 287 
PRO HD3  H N N 288 
PRO HXT  H N N 289 
SER N    N N N 290 
SER CA   C N S 291 
SER C    C N N 292 
SER O    O N N 293 
SER CB   C N N 294 
SER OG   O N N 295 
SER OXT  O N N 296 
SER H    H N N 297 
SER H2   H N N 298 
SER HA   H N N 299 
SER HB2  H N N 300 
SER HB3  H N N 301 
SER HG   H N N 302 
SER HXT  H N N 303 
THR N    N N N 304 
THR CA   C N S 305 
THR C    C N N 306 
THR O    O N N 307 
THR CB   C N R 308 
THR OG1  O N N 309 
THR CG2  C N N 310 
THR OXT  O N N 311 
THR H    H N N 312 
THR H2   H N N 313 
THR HA   H N N 314 
THR HB   H N N 315 
THR HG1  H N N 316 
THR HG21 H N N 317 
THR HG22 H N N 318 
THR HG23 H N N 319 
THR HXT  H N N 320 
TRP N    N N N 321 
TRP CA   C N S 322 
TRP C    C N N 323 
TRP O    O N N 324 
TRP CB   C N N 325 
TRP CG   C Y N 326 
TRP CD1  C Y N 327 
TRP CD2  C Y N 328 
TRP NE1  N Y N 329 
TRP CE2  C Y N 330 
TRP CE3  C Y N 331 
TRP CZ2  C Y N 332 
TRP CZ3  C Y N 333 
TRP CH2  C Y N 334 
TRP OXT  O N N 335 
TRP H    H N N 336 
TRP H2   H N N 337 
TRP HA   H N N 338 
TRP HB2  H N N 339 
TRP HB3  H N N 340 
TRP HD1  H N N 341 
TRP HE1  H N N 342 
TRP HE3  H N N 343 
TRP HZ2  H N N 344 
TRP HZ3  H N N 345 
TRP HH2  H N N 346 
TRP HXT  H N N 347 
TYR N    N N N 348 
TYR CA   C N S 349 
TYR C    C N N 350 
TYR O    O N N 351 
TYR CB   C N N 352 
TYR CG   C Y N 353 
TYR CD1  C Y N 354 
TYR CD2  C Y N 355 
TYR CE1  C Y N 356 
TYR CE2  C Y N 357 
TYR CZ   C Y N 358 
TYR OH   O N N 359 
TYR OXT  O N N 360 
TYR H    H N N 361 
TYR H2   H N N 362 
TYR HA   H N N 363 
TYR HB2  H N N 364 
TYR HB3  H N N 365 
TYR HD1  H N N 366 
TYR HD2  H N N 367 
TYR HE1  H N N 368 
TYR HE2  H N N 369 
TYR HH   H N N 370 
TYR HXT  H N N 371 
VAL N    N N N 372 
VAL CA   C N S 373 
VAL C    C N N 374 
VAL O    O N N 375 
VAL CB   C N N 376 
VAL CG1  C N N 377 
VAL CG2  C N N 378 
VAL OXT  O N N 379 
VAL H    H N N 380 
VAL H2   H N N 381 
VAL HA   H N N 382 
VAL HB   H N N 383 
VAL HG11 H N N 384 
VAL HG12 H N N 385 
VAL HG13 H N N 386 
VAL HG21 H N N 387 
VAL HG22 H N N 388 
VAL HG23 H N N 389 
VAL HXT  H N N 390 
# 
loop_
_chem_comp_bond.comp_id 
_chem_comp_bond.atom_id_1 
_chem_comp_bond.atom_id_2 
_chem_comp_bond.value_order 
_chem_comp_bond.pdbx_aromatic_flag 
_chem_comp_bond.pdbx_stereo_config 
_chem_comp_bond.pdbx_ordinal 
ALA N   CA   sing N N 1   
ALA N   H    sing N N 2   
ALA N   H2   sing N N 3   
ALA CA  C    sing N N 4   
ALA CA  CB   sing N N 5   
ALA CA  HA   sing N N 6   
ALA C   O    doub N N 7   
ALA C   OXT  sing N N 8   
ALA CB  HB1  sing N N 9   
ALA CB  HB2  sing N N 10  
ALA CB  HB3  sing N N 11  
ALA OXT HXT  sing N N 12  
ARG N   CA   sing N N 13  
ARG N   H    sing N N 14  
ARG N   H2   sing N N 15  
ARG CA  C    sing N N 16  
ARG CA  CB   sing N N 17  
ARG CA  HA   sing N N 18  
ARG C   O    doub N N 19  
ARG C   OXT  sing N N 20  
ARG CB  CG   sing N N 21  
ARG CB  HB2  sing N N 22  
ARG CB  HB3  sing N N 23  
ARG CG  CD   sing N N 24  
ARG CG  HG2  sing N N 25  
ARG CG  HG3  sing N N 26  
ARG CD  NE   sing N N 27  
ARG CD  HD2  sing N N 28  
ARG CD  HD3  sing N N 29  
ARG NE  CZ   sing N N 30  
ARG NE  HE   sing N N 31  
ARG CZ  NH1  sing N N 32  
ARG CZ  NH2  doub N N 33  
ARG NH1 HH11 sing N N 34  
ARG NH1 HH12 sing N N 35  
ARG NH2 HH21 sing N N 36  
ARG NH2 HH22 sing N N 37  
ARG OXT HXT  sing N N 38  
ASN N   CA   sing N N 39  
ASN N   H    sing N N 40  
ASN N   H2   sing N N 41  
ASN CA  C    sing N N 42  
ASN CA  CB   sing N N 43  
ASN CA  HA   sing N N 44  
ASN C   O    doub N N 45  
ASN C   OXT  sing N N 46  
ASN CB  CG   sing N N 47  
ASN CB  HB2  sing N N 48  
ASN CB  HB3  sing N N 49  
ASN CG  OD1  doub N N 50  
ASN CG  ND2  sing N N 51  
ASN ND2 HD21 sing N N 52  
ASN ND2 HD22 sing N N 53  
ASN OXT HXT  sing N N 54  
ASP N   CA   sing N N 55  
ASP N   H    sing N N 56  
ASP N   H2   sing N N 57  
ASP CA  C    sing N N 58  
ASP CA  CB   sing N N 59  
ASP CA  HA   sing N N 60  
ASP C   O    doub N N 61  
ASP C   OXT  sing N N 62  
ASP CB  CG   sing N N 63  
ASP CB  HB2  sing N N 64  
ASP CB  HB3  sing N N 65  
ASP CG  OD1  doub N N 66  
ASP CG  OD2  sing N N 67  
ASP OD2 HD2  sing N N 68  
ASP OXT HXT  sing N N 69  
CYS N   CA   sing N N 70  
CYS N   H    sing N N 71  
CYS N   H2   sing N N 72  
CYS CA  C    sing N N 73  
CYS CA  CB   sing N N 74  
CYS CA  HA   sing N N 75  
CYS C   O    doub N N 76  
CYS C   OXT  sing N N 77  
CYS CB  SG   sing N N 78  
CYS CB  HB2  sing N N 79  
CYS CB  HB3  sing N N 80  
CYS SG  HG   sing N N 81  
CYS OXT HXT  sing N N 82  
GLN N   CA   sing N N 83  
GLN N   H    sing N N 84  
GLN N   H2   sing N N 85  
GLN CA  C    sing N N 86  
GLN CA  CB   sing N N 87  
GLN CA  HA   sing N N 88  
GLN C   O    doub N N 89  
GLN C   OXT  sing N N 90  
GLN CB  CG   sing N N 91  
GLN CB  HB2  sing N N 92  
GLN CB  HB3  sing N N 93  
GLN CG  CD   sing N N 94  
GLN CG  HG2  sing N N 95  
GLN CG  HG3  sing N N 96  
GLN CD  OE1  doub N N 97  
GLN CD  NE2  sing N N 98  
GLN NE2 HE21 sing N N 99  
GLN NE2 HE22 sing N N 100 
GLN OXT HXT  sing N N 101 
GLU N   CA   sing N N 102 
GLU N   H    sing N N 103 
GLU N   H2   sing N N 104 
GLU CA  C    sing N N 105 
GLU CA  CB   sing N N 106 
GLU CA  HA   sing N N 107 
GLU C   O    doub N N 108 
GLU C   OXT  sing N N 109 
GLU CB  CG   sing N N 110 
GLU CB  HB2  sing N N 111 
GLU CB  HB3  sing N N 112 
GLU CG  CD   sing N N 113 
GLU CG  HG2  sing N N 114 
GLU CG  HG3  sing N N 115 
GLU CD  OE1  doub N N 116 
GLU CD  OE2  sing N N 117 
GLU OE2 HE2  sing N N 118 
GLU OXT HXT  sing N N 119 
GLY N   CA   sing N N 120 
GLY N   H    sing N N 121 
GLY N   H2   sing N N 122 
GLY CA  C    sing N N 123 
GLY CA  HA2  sing N N 124 
GLY CA  HA3  sing N N 125 
GLY C   O    doub N N 126 
GLY C   OXT  sing N N 127 
GLY OXT HXT  sing N N 128 
HIS N   CA   sing N N 129 
HIS N   H    sing N N 130 
HIS N   H2   sing N N 131 
HIS CA  C    sing N N 132 
HIS CA  CB   sing N N 133 
HIS CA  HA   sing N N 134 
HIS C   O    doub N N 135 
HIS C   OXT  sing N N 136 
HIS CB  CG   sing N N 137 
HIS CB  HB2  sing N N 138 
HIS CB  HB3  sing N N 139 
HIS CG  ND1  sing Y N 140 
HIS CG  CD2  doub Y N 141 
HIS ND1 CE1  doub Y N 142 
HIS ND1 HD1  sing N N 143 
HIS CD2 NE2  sing Y N 144 
HIS CD2 HD2  sing N N 145 
HIS CE1 NE2  sing Y N 146 
HIS CE1 HE1  sing N N 147 
HIS NE2 HE2  sing N N 148 
HIS OXT HXT  sing N N 149 
HOH O   H1   sing N N 150 
HOH O   H2   sing N N 151 
ILE N   CA   sing N N 152 
ILE N   H    sing N N 153 
ILE N   H2   sing N N 154 
ILE CA  C    sing N N 155 
ILE CA  CB   sing N N 156 
ILE CA  HA   sing N N 157 
ILE C   O    doub N N 158 
ILE C   OXT  sing N N 159 
ILE CB  CG1  sing N N 160 
ILE CB  CG2  sing N N 161 
ILE CB  HB   sing N N 162 
ILE CG1 CD1  sing N N 163 
ILE CG1 HG12 sing N N 164 
ILE CG1 HG13 sing N N 165 
ILE CG2 HG21 sing N N 166 
ILE CG2 HG22 sing N N 167 
ILE CG2 HG23 sing N N 168 
ILE CD1 HD11 sing N N 169 
ILE CD1 HD12 sing N N 170 
ILE CD1 HD13 sing N N 171 
ILE OXT HXT  sing N N 172 
LEU N   CA   sing N N 173 
LEU N   H    sing N N 174 
LEU N   H2   sing N N 175 
LEU CA  C    sing N N 176 
LEU CA  CB   sing N N 177 
LEU CA  HA   sing N N 178 
LEU C   O    doub N N 179 
LEU C   OXT  sing N N 180 
LEU CB  CG   sing N N 181 
LEU CB  HB2  sing N N 182 
LEU CB  HB3  sing N N 183 
LEU CG  CD1  sing N N 184 
LEU CG  CD2  sing N N 185 
LEU CG  HG   sing N N 186 
LEU CD1 HD11 sing N N 187 
LEU CD1 HD12 sing N N 188 
LEU CD1 HD13 sing N N 189 
LEU CD2 HD21 sing N N 190 
LEU CD2 HD22 sing N N 191 
LEU CD2 HD23 sing N N 192 
LEU OXT HXT  sing N N 193 
LYS N   CA   sing N N 194 
LYS N   H    sing N N 195 
LYS N   H2   sing N N 196 
LYS CA  C    sing N N 197 
LYS CA  CB   sing N N 198 
LYS CA  HA   sing N N 199 
LYS C   O    doub N N 200 
LYS C   OXT  sing N N 201 
LYS CB  CG   sing N N 202 
LYS CB  HB2  sing N N 203 
LYS CB  HB3  sing N N 204 
LYS CG  CD   sing N N 205 
LYS CG  HG2  sing N N 206 
LYS CG  HG3  sing N N 207 
LYS CD  CE   sing N N 208 
LYS CD  HD2  sing N N 209 
LYS CD  HD3  sing N N 210 
LYS CE  NZ   sing N N 211 
LYS CE  HE2  sing N N 212 
LYS CE  HE3  sing N N 213 
LYS NZ  HZ1  sing N N 214 
LYS NZ  HZ2  sing N N 215 
LYS NZ  HZ3  sing N N 216 
LYS OXT HXT  sing N N 217 
MET N   CA   sing N N 218 
MET N   H    sing N N 219 
MET N   H2   sing N N 220 
MET CA  C    sing N N 221 
MET CA  CB   sing N N 222 
MET CA  HA   sing N N 223 
MET C   O    doub N N 224 
MET C   OXT  sing N N 225 
MET CB  CG   sing N N 226 
MET CB  HB2  sing N N 227 
MET CB  HB3  sing N N 228 
MET CG  SD   sing N N 229 
MET CG  HG2  sing N N 230 
MET CG  HG3  sing N N 231 
MET SD  CE   sing N N 232 
MET CE  HE1  sing N N 233 
MET CE  HE2  sing N N 234 
MET CE  HE3  sing N N 235 
MET OXT HXT  sing N N 236 
PHE N   CA   sing N N 237 
PHE N   H    sing N N 238 
PHE N   H2   sing N N 239 
PHE CA  C    sing N N 240 
PHE CA  CB   sing N N 241 
PHE CA  HA   sing N N 242 
PHE C   O    doub N N 243 
PHE C   OXT  sing N N 244 
PHE CB  CG   sing N N 245 
PHE CB  HB2  sing N N 246 
PHE CB  HB3  sing N N 247 
PHE CG  CD1  doub Y N 248 
PHE CG  CD2  sing Y N 249 
PHE CD1 CE1  sing Y N 250 
PHE CD1 HD1  sing N N 251 
PHE CD2 CE2  doub Y N 252 
PHE CD2 HD2  sing N N 253 
PHE CE1 CZ   doub Y N 254 
PHE CE1 HE1  sing N N 255 
PHE CE2 CZ   sing Y N 256 
PHE CE2 HE2  sing N N 257 
PHE CZ  HZ   sing N N 258 
PHE OXT HXT  sing N N 259 
PRO N   CA   sing N N 260 
PRO N   CD   sing N N 261 
PRO N   H    sing N N 262 
PRO CA  C    sing N N 263 
PRO CA  CB   sing N N 264 
PRO CA  HA   sing N N 265 
PRO C   O    doub N N 266 
PRO C   OXT  sing N N 267 
PRO CB  CG   sing N N 268 
PRO CB  HB2  sing N N 269 
PRO CB  HB3  sing N N 270 
PRO CG  CD   sing N N 271 
PRO CG  HG2  sing N N 272 
PRO CG  HG3  sing N N 273 
PRO CD  HD2  sing N N 274 
PRO CD  HD3  sing N N 275 
PRO OXT HXT  sing N N 276 
SER N   CA   sing N N 277 
SER N   H    sing N N 278 
SER N   H2   sing N N 279 
SER CA  C    sing N N 280 
SER CA  CB   sing N N 281 
SER CA  HA   sing N N 282 
SER C   O    doub N N 283 
SER C   OXT  sing N N 284 
SER CB  OG   sing N N 285 
SER CB  HB2  sing N N 286 
SER CB  HB3  sing N N 287 
SER OG  HG   sing N N 288 
SER OXT HXT  sing N N 289 
THR N   CA   sing N N 290 
THR N   H    sing N N 291 
THR N   H2   sing N N 292 
THR CA  C    sing N N 293 
THR CA  CB   sing N N 294 
THR CA  HA   sing N N 295 
THR C   O    doub N N 296 
THR C   OXT  sing N N 297 
THR CB  OG1  sing N N 298 
THR CB  CG2  sing N N 299 
THR CB  HB   sing N N 300 
THR OG1 HG1  sing N N 301 
THR CG2 HG21 sing N N 302 
THR CG2 HG22 sing N N 303 
THR CG2 HG23 sing N N 304 
THR OXT HXT  sing N N 305 
TRP N   CA   sing N N 306 
TRP N   H    sing N N 307 
TRP N   H2   sing N N 308 
TRP CA  C    sing N N 309 
TRP CA  CB   sing N N 310 
TRP CA  HA   sing N N 311 
TRP C   O    doub N N 312 
TRP C   OXT  sing N N 313 
TRP CB  CG   sing N N 314 
TRP CB  HB2  sing N N 315 
TRP CB  HB3  sing N N 316 
TRP CG  CD1  doub Y N 317 
TRP CG  CD2  sing Y N 318 
TRP CD1 NE1  sing Y N 319 
TRP CD1 HD1  sing N N 320 
TRP CD2 CE2  doub Y N 321 
TRP CD2 CE3  sing Y N 322 
TRP NE1 CE2  sing Y N 323 
TRP NE1 HE1  sing N N 324 
TRP CE2 CZ2  sing Y N 325 
TRP CE3 CZ3  doub Y N 326 
TRP CE3 HE3  sing N N 327 
TRP CZ2 CH2  doub Y N 328 
TRP CZ2 HZ2  sing N N 329 
TRP CZ3 CH2  sing Y N 330 
TRP CZ3 HZ3  sing N N 331 
TRP CH2 HH2  sing N N 332 
TRP OXT HXT  sing N N 333 
TYR N   CA   sing N N 334 
TYR N   H    sing N N 335 
TYR N   H2   sing N N 336 
TYR CA  C    sing N N 337 
TYR CA  CB   sing N N 338 
TYR CA  HA   sing N N 339 
TYR C   O    doub N N 340 
TYR C   OXT  sing N N 341 
TYR CB  CG   sing N N 342 
TYR CB  HB2  sing N N 343 
TYR CB  HB3  sing N N 344 
TYR CG  CD1  doub Y N 345 
TYR CG  CD2  sing Y N 346 
TYR CD1 CE1  sing Y N 347 
TYR CD1 HD1  sing N N 348 
TYR CD2 CE2  doub Y N 349 
TYR CD2 HD2  sing N N 350 
TYR CE1 CZ   doub Y N 351 
TYR CE1 HE1  sing N N 352 
TYR CE2 CZ   sing Y N 353 
TYR CE2 HE2  sing N N 354 
TYR CZ  OH   sing N N 355 
TYR OH  HH   sing N N 356 
TYR OXT HXT  sing N N 357 
VAL N   CA   sing N N 358 
VAL N   H    sing N N 359 
VAL N   H2   sing N N 360 
VAL CA  C    sing N N 361 
VAL CA  CB   sing N N 362 
VAL CA  HA   sing N N 363 
VAL C   O    doub N N 364 
VAL C   OXT  sing N N 365 
VAL CB  CG1  sing N N 366 
VAL CB  CG2  sing N N 367 
VAL CB  HB   sing N N 368 
VAL CG1 HG11 sing N N 369 
VAL CG1 HG12 sing N N 370 
VAL CG1 HG13 sing N N 371 
VAL CG2 HG21 sing N N 372 
VAL CG2 HG22 sing N N 373 
VAL CG2 HG23 sing N N 374 
VAL OXT HXT  sing N N 375 
# 
_pdbx_entity_nonpoly.entity_id   2 
_pdbx_entity_nonpoly.name        water 
_pdbx_entity_nonpoly.comp_id     HOH 
# 
_pdbx_initial_refinement_model.id               1 
_pdbx_initial_refinement_model.entity_id_list   ? 
_pdbx_initial_refinement_model.type             'experimental model' 
_pdbx_initial_refinement_model.source_name      PDB 
_pdbx_initial_refinement_model.accession_code   2FA4 
_pdbx_initial_refinement_model.details          'PDB ENTRY 2FA4' 
# 
